data_2R8O
#
_entry.id   2R8O
#
_cell.length_a   90.138
_cell.length_b   101.951
_cell.length_c   133.258
_cell.angle_alpha   90.000
_cell.angle_beta   90.000
_cell.angle_gamma   90.000
#
_symmetry.space_group_name_H-M   'P 21 21 21'
#
loop_
_entity.id
_entity.type
_entity.pdbx_description
1 polymer 'Transketolase 1'
2 non-polymer 'CALCIUM ION'
3 non-polymer '2-C-{3-[(4-amino-2-methylpyrimidin-5-yl)methyl]-5-(2-{[(R)-hydroxy(phosphonooxy)phosphoryl]oxy}ethyl)-4-methyl-1,3-thia zol-3-ium-2-yl}-5-O-phosphono-D-xylitol'
4 non-polymer 1,2-ETHANEDIOL
5 water water
#
_entity_poly.entity_id   1
_entity_poly.type   'polypeptide(L)'
_entity_poly.pdbx_seq_one_letter_code
;MSSRKELANAIRALSMDAVQKAKSGHPGAPMGMADIAEVLWRDFLKHNPQNPSWADRDRFVLSNGHGSMLIYSLLHLTGY
DLPMEELKNFRQLHSKTPGHPEVGYTAGVETTTGPLGQGIANAVGMAIAEKTLAAQFNRPGHDIVDHYTYAFMGDGCMME
GISHEVCSLAGTLKLGKLIAFYDDNGISIDGHVEGWFTDDTAMRFEAYGWHVIRDIDGHDAASIKRAVEEARAVTDKPSL
LMCKTIIGFGSPNKAGTHDSHGAPLGDAEIALTREQLGWKYAPFEIPSEIYAQWDAKEAGQAKESAWNEKFAAYAKAYPQ
EAAEFTRRMKGEMPSDFDAKAKEFIAKLQANPAKIASRKASQNAIEAFGPLLPEFLGGSADLAPSNLTLWSGSKAINEDA
AGNYIHYGVREFGMTAIANGISLHGGFLPYTSTFLMFVEYARNAVRMAALMKQRQVMVYTHDSIGLGEDGPTHQPVEQVA
SLRVTPNMSTWRPCDQVESAVAWKYGVERQDGPTALILSRQNLAQQERTEEQLANIARGGYVLKDCAGQPELIFIATGSE
VELAVAAYEKLTAEGVKARVVSMPSTDAFDKQDAAYRESVLPKAVTARVAVEAGIADYWYKYVGLNGAIVGMTTFGESAP
AELLFEEFGFTVDNVVAKAKELLHHHHHH
;
_entity_poly.pdbx_strand_id   A,B
#
loop_
_chem_comp.id
_chem_comp.type
_chem_comp.name
_chem_comp.formula
CA non-polymer 'CALCIUM ION' 'Ca 2'
EDO non-polymer 1,2-ETHANEDIOL 'C2 H6 O2'
T5X non-polymer '2-C-{3-[(4-amino-2-methylpyrimidin-5-yl)methyl]-5-(2-{[(R)-hydroxy(phosphonooxy)phosphoryl]oxy}ethyl)-4-methyl-1,3-thia zol-3-ium-2-yl}-5-O-phosphono-D-xylitol' 'C17 H30 N4 O15 P3 S 1'
#
# COMPACT_ATOMS: atom_id res chain seq x y z
N SER A 2 12.20 -17.17 43.34
CA SER A 2 11.68 -18.14 42.33
C SER A 2 12.67 -18.33 41.19
N SER A 3 12.55 -19.44 40.47
CA SER A 3 13.40 -19.69 39.32
C SER A 3 13.01 -18.78 38.15
N ARG A 4 13.95 -18.56 37.24
CA ARG A 4 13.66 -17.76 36.05
C ARG A 4 12.53 -18.38 35.24
N LYS A 5 12.47 -19.71 35.15
CA LYS A 5 11.39 -20.38 34.43
C LYS A 5 10.03 -20.15 35.09
N GLU A 6 9.98 -20.19 36.42
CA GLU A 6 8.74 -19.87 37.15
C GLU A 6 8.30 -18.41 36.86
N LEU A 7 9.26 -17.49 36.85
CA LEU A 7 8.98 -16.08 36.56
C LEU A 7 8.41 -15.92 35.15
N ALA A 8 9.03 -16.59 34.17
CA ALA A 8 8.52 -16.60 32.79
C ALA A 8 7.14 -17.26 32.71
N ASN A 9 6.94 -18.31 33.51
CA ASN A 9 5.64 -18.99 33.49
C ASN A 9 4.48 -18.14 33.97
N ALA A 10 4.77 -17.10 34.75
CA ALA A 10 3.74 -16.13 35.14
C ALA A 10 3.13 -15.45 33.90
N ILE A 11 3.98 -15.12 32.93
CA ILE A 11 3.52 -14.58 31.64
C ILE A 11 2.65 -15.61 30.91
N ARG A 12 3.10 -16.87 30.91
CA ARG A 12 2.34 -17.92 30.23
C ARG A 12 0.95 -18.09 30.83
N ALA A 13 0.88 -18.11 32.17
CA ALA A 13 -0.41 -18.28 32.86
C ALA A 13 -1.34 -17.09 32.58
N LEU A 14 -0.87 -15.88 32.82
CA LEU A 14 -1.70 -14.70 32.58
C LEU A 14 -2.20 -14.66 31.15
N SER A 15 -1.33 -15.01 30.21
CA SER A 15 -1.66 -14.94 28.79
C SER A 15 -2.71 -15.96 28.38
N MET A 16 -2.50 -17.24 28.72
CA MET A 16 -3.48 -18.25 28.35
C MET A 16 -4.82 -18.02 29.07
N ASP A 17 -4.77 -17.60 30.34
CA ASP A 17 -5.97 -17.35 31.10
C ASP A 17 -6.75 -16.14 30.61
N ALA A 18 -6.06 -15.04 30.28
CA ALA A 18 -6.77 -13.84 29.79
C ALA A 18 -7.43 -14.11 28.43
N VAL A 19 -6.73 -14.84 27.56
CA VAL A 19 -7.27 -15.24 26.27
C VAL A 19 -8.51 -16.12 26.48
N GLN A 20 -8.41 -17.06 27.43
CA GLN A 20 -9.53 -17.96 27.70
C GLN A 20 -10.76 -17.21 28.19
N LYS A 21 -10.56 -16.27 29.11
CA LYS A 21 -11.67 -15.49 29.64
C LYS A 21 -12.36 -14.64 28.55
N ALA A 22 -11.55 -14.07 27.65
CA ALA A 22 -12.07 -13.28 26.53
C ALA A 22 -12.71 -14.14 25.44
N LYS A 23 -12.41 -15.44 25.45
CA LYS A 23 -12.79 -16.35 24.37
C LYS A 23 -12.29 -15.84 23.03
N SER A 24 -11.14 -15.16 23.05
CA SER A 24 -10.59 -14.48 21.88
C SER A 24 -9.14 -14.13 22.15
N GLY A 25 -8.30 -14.25 21.12
CA GLY A 25 -6.91 -13.83 21.22
C GLY A 25 -5.90 -14.90 20.93
N HIS A 26 -4.63 -14.55 21.19
CA HIS A 26 -3.50 -15.30 20.65
C HIS A 26 -2.54 -15.73 21.77
N PRO A 27 -2.67 -16.99 22.22
CA PRO A 27 -1.79 -17.41 23.33
C PRO A 27 -0.41 -17.91 22.88
N GLY A 28 -0.25 -18.28 21.61
CA GLY A 28 0.95 -18.96 21.13
C GLY A 28 2.24 -18.19 21.29
N ALA A 29 2.30 -16.98 20.74
CA ALA A 29 3.53 -16.20 20.79
C ALA A 29 3.89 -15.75 22.21
N PRO A 30 2.90 -15.30 23.02
CA PRO A 30 3.27 -15.00 24.42
C PRO A 30 3.88 -16.18 25.15
N MET A 31 3.34 -17.38 24.95
CA MET A 31 3.89 -18.58 25.57
C MET A 31 5.26 -18.95 24.99
N GLY A 32 5.42 -18.73 23.69
CA GLY A 32 6.69 -19.01 23.03
C GLY A 32 7.82 -18.06 23.40
N MET A 33 7.48 -16.80 23.67
CA MET A 33 8.49 -15.77 23.91
C MET A 33 8.70 -15.42 25.38
N ALA A 34 7.98 -16.08 26.29
CA ALA A 34 8.04 -15.67 27.71
C ALA A 34 9.45 -15.71 28.33
N ASP A 35 10.26 -16.71 27.98
CA ASP A 35 11.61 -16.80 28.55
C ASP A 35 12.53 -15.69 28.04
N ILE A 36 12.37 -15.36 26.77
CA ILE A 36 13.13 -14.23 26.19
C ILE A 36 12.73 -12.93 26.87
N ALA A 37 11.43 -12.75 27.06
CA ALA A 37 10.92 -11.53 27.69
C ALA A 37 11.41 -11.40 29.13
N GLU A 38 11.45 -12.52 29.85
CA GLU A 38 11.91 -12.51 31.24
C GLU A 38 13.36 -12.01 31.34
N VAL A 39 14.25 -12.53 30.47
CA VAL A 39 15.65 -12.09 30.48
C VAL A 39 15.76 -10.62 30.06
N LEU A 40 15.12 -10.25 28.95
CA LEU A 40 15.23 -8.87 28.47
C LEU A 40 14.72 -7.87 29.49
N TRP A 41 13.51 -8.08 29.98
CA TRP A 41 12.89 -7.11 30.88
C TRP A 41 13.53 -7.08 32.26
N ARG A 42 13.83 -8.24 32.82
CA ARG A 42 14.40 -8.28 34.18
C ARG A 42 15.87 -7.92 34.26
N ASP A 43 16.66 -8.26 33.24
CA ASP A 43 18.11 -8.06 33.30
C ASP A 43 18.65 -6.85 32.55
N PHE A 44 17.94 -6.38 31.52
CA PHE A 44 18.51 -5.36 30.64
C PHE A 44 17.70 -4.07 30.48
N LEU A 45 16.38 -4.19 30.36
CA LEU A 45 15.55 -3.04 30.00
C LEU A 45 15.65 -1.90 31.01
N LYS A 46 16.01 -0.72 30.53
CA LYS A 46 16.09 0.49 31.34
C LYS A 46 14.77 1.26 31.24
N HIS A 47 13.98 1.20 32.30
CA HIS A 47 12.65 1.79 32.27
C HIS A 47 12.14 2.12 33.67
N ASN A 48 11.19 3.05 33.74
CA ASN A 48 10.54 3.40 35.00
C ASN A 48 9.03 3.25 34.88
N PRO A 49 8.45 2.19 35.49
CA PRO A 49 7.00 2.02 35.46
C PRO A 49 6.21 3.21 35.99
N GLN A 50 6.82 3.99 36.90
CA GLN A 50 6.15 5.18 37.46
C GLN A 50 6.14 6.38 36.50
N ASN A 51 6.97 6.35 35.48
CA ASN A 51 6.93 7.39 34.43
C ASN A 51 7.24 6.78 33.06
N PRO A 52 6.22 6.26 32.39
CA PRO A 52 6.39 5.73 31.04
C PRO A 52 6.85 6.76 30.00
N SER A 53 6.83 8.05 30.35
CA SER A 53 7.26 9.10 29.42
C SER A 53 8.71 9.59 29.64
N TRP A 54 9.44 8.95 30.55
CA TRP A 54 10.84 9.31 30.80
C TRP A 54 11.61 9.40 29.49
N ALA A 55 12.21 10.56 29.23
CA ALA A 55 12.82 10.85 27.93
C ALA A 55 13.90 9.86 27.52
N ASP A 56 14.65 9.35 28.50
CA ASP A 56 15.81 8.52 28.20
C ASP A 56 15.61 7.03 28.42
N ARG A 57 14.36 6.60 28.59
CA ARG A 57 14.04 5.17 28.73
C ARG A 57 14.45 4.39 27.47
N ASP A 58 14.79 3.12 27.63
CA ASP A 58 14.83 2.21 26.48
C ASP A 58 13.41 2.11 25.89
N ARG A 59 13.35 1.87 24.58
CA ARG A 59 12.07 1.65 23.90
C ARG A 59 11.93 0.17 23.53
N PHE A 60 10.79 -0.43 23.88
CA PHE A 60 10.46 -1.81 23.50
C PHE A 60 9.30 -1.81 22.52
N VAL A 61 9.41 -2.63 21.48
CA VAL A 61 8.38 -2.75 20.46
C VAL A 61 8.03 -4.22 20.19
N LEU A 62 6.74 -4.53 20.31
CA LEU A 62 6.22 -5.87 19.99
C LEU A 62 5.71 -5.84 18.54
N SER A 63 6.57 -6.18 17.59
CA SER A 63 6.17 -6.16 16.17
C SER A 63 5.19 -7.27 15.82
N ASN A 64 5.33 -8.42 16.48
CA ASN A 64 4.34 -9.50 16.40
C ASN A 64 3.21 -9.22 17.40
N GLY A 65 2.45 -8.16 17.11
CA GLY A 65 1.52 -7.54 18.07
C GLY A 65 0.30 -8.36 18.44
N HIS A 66 -0.02 -9.37 17.65
CA HIS A 66 -1.08 -10.31 18.04
C HIS A 66 -0.79 -10.95 19.40
N GLY A 67 0.48 -11.08 19.74
CA GLY A 67 0.85 -11.59 21.07
C GLY A 67 0.72 -10.53 22.16
N SER A 68 -0.38 -9.78 22.12
CA SER A 68 -0.58 -8.62 23.01
C SER A 68 -0.56 -8.97 24.50
N MET A 69 -1.03 -10.16 24.87
CA MET A 69 -0.95 -10.55 26.28
C MET A 69 0.49 -10.62 26.82
N LEU A 70 1.47 -10.79 25.93
CA LEU A 70 2.86 -10.74 26.37
C LEU A 70 3.19 -9.38 26.94
N ILE A 71 2.89 -8.32 26.20
CA ILE A 71 3.19 -6.98 26.70
C ILE A 71 2.30 -6.58 27.88
N TYR A 72 1.02 -6.98 27.88
CA TYR A 72 0.18 -6.68 29.03
C TYR A 72 0.66 -7.39 30.29
N SER A 73 1.11 -8.65 30.16
CA SER A 73 1.69 -9.37 31.30
C SER A 73 2.92 -8.65 31.84
N LEU A 74 3.82 -8.24 30.93
CA LEU A 74 5.04 -7.56 31.32
C LEU A 74 4.75 -6.23 32.03
N LEU A 75 3.84 -5.43 31.45
CA LEU A 75 3.52 -4.15 32.06
C LEU A 75 2.87 -4.31 33.44
N HIS A 76 1.96 -5.27 33.57
CA HIS A 76 1.34 -5.53 34.85
C HIS A 76 2.36 -6.01 35.87
N LEU A 77 3.15 -7.02 35.50
CA LEU A 77 4.07 -7.65 36.45
C LEU A 77 5.17 -6.68 36.93
N THR A 78 5.65 -5.82 36.04
CA THR A 78 6.73 -4.90 36.42
C THR A 78 6.26 -3.65 37.15
N GLY A 79 4.95 -3.46 37.29
CA GLY A 79 4.41 -2.39 38.13
C GLY A 79 3.87 -1.14 37.44
N TYR A 80 3.63 -1.21 36.13
CA TYR A 80 2.95 -0.13 35.44
C TYR A 80 1.50 -0.03 35.91
N ASP A 81 0.86 1.09 35.58
CA ASP A 81 -0.55 1.30 35.93
C ASP A 81 -1.45 0.47 35.00
N LEU A 82 -1.44 -0.84 35.22
CA LEU A 82 -2.25 -1.77 34.45
C LEU A 82 -2.71 -2.89 35.38
N PRO A 83 -3.78 -2.64 36.16
CA PRO A 83 -4.22 -3.60 37.17
C PRO A 83 -4.72 -4.91 36.60
N MET A 84 -4.81 -5.91 37.47
CA MET A 84 -5.30 -7.24 37.09
C MET A 84 -6.70 -7.19 36.47
N GLU A 85 -7.54 -6.30 36.96
CA GLU A 85 -8.89 -6.16 36.39
C GLU A 85 -8.85 -5.82 34.90
N GLU A 86 -7.85 -5.05 34.49
CA GLU A 86 -7.70 -4.75 33.06
C GLU A 86 -7.33 -6.00 32.27
N LEU A 87 -6.46 -6.83 32.82
CA LEU A 87 -6.13 -8.11 32.17
C LEU A 87 -7.35 -9.03 32.07
N LYS A 88 -8.22 -8.97 33.07
CA LYS A 88 -9.47 -9.71 33.08
C LYS A 88 -10.50 -9.13 32.10
N ASN A 89 -10.19 -7.95 31.54
CA ASN A 89 -11.03 -7.29 30.54
C ASN A 89 -10.34 -7.19 29.18
N PHE A 90 -9.38 -8.09 28.95
CA PHE A 90 -8.71 -8.23 27.65
C PHE A 90 -9.76 -8.33 26.54
N ARG A 91 -9.58 -7.51 25.50
CA ARG A 91 -10.44 -7.52 24.31
C ARG A 91 -11.90 -7.05 24.56
N GLN A 92 -12.14 -6.41 25.70
CA GLN A 92 -13.48 -5.90 26.05
C GLN A 92 -13.60 -4.40 25.81
N LEU A 93 -14.82 -3.94 25.54
CA LEU A 93 -15.04 -2.55 25.17
C LEU A 93 -14.43 -1.57 26.17
N HIS A 94 -13.61 -0.66 25.64
CA HIS A 94 -12.98 0.43 26.39
C HIS A 94 -12.01 0.00 27.50
N SER A 95 -11.55 -1.25 27.46
CA SER A 95 -10.53 -1.70 28.40
C SER A 95 -9.17 -1.09 28.01
N LYS A 96 -8.22 -1.16 28.94
CA LYS A 96 -6.84 -0.75 28.66
C LYS A 96 -6.04 -1.88 28.01
N THR A 97 -6.73 -2.95 27.64
CA THR A 97 -6.10 -4.15 27.07
C THR A 97 -6.75 -4.57 25.73
N PRO A 98 -6.70 -3.69 24.72
CA PRO A 98 -7.26 -4.06 23.43
C PRO A 98 -6.53 -5.24 22.77
N GLY A 99 -7.16 -5.89 21.78
CA GLY A 99 -6.64 -7.13 21.20
C GLY A 99 -5.27 -7.03 20.56
N HIS A 100 -4.95 -5.84 20.04
CA HIS A 100 -3.59 -5.51 19.61
C HIS A 100 -3.18 -4.26 20.40
N PRO A 101 -1.90 -4.13 20.78
CA PRO A 101 -1.55 -3.03 21.66
C PRO A 101 -1.66 -1.67 20.95
N GLU A 102 -2.10 -0.65 21.69
CA GLU A 102 -2.35 0.68 21.16
C GLU A 102 -1.64 1.72 22.01
N VAL A 103 -0.83 2.56 21.37
CA VAL A 103 -0.18 3.67 22.08
C VAL A 103 -1.26 4.66 22.54
N GLY A 104 -1.12 5.15 23.77
CA GLY A 104 -2.12 6.04 24.37
C GLY A 104 -3.17 5.32 25.22
N TYR A 105 -3.47 4.06 24.88
CA TYR A 105 -4.52 3.30 25.58
C TYR A 105 -4.05 2.75 26.91
N THR A 106 -2.74 2.65 27.06
CA THR A 106 -2.16 1.73 28.00
C THR A 106 -0.78 2.23 28.38
N ALA A 107 -0.55 2.37 29.69
CA ALA A 107 0.73 2.85 30.20
C ALA A 107 1.86 1.92 29.76
N GLY A 108 2.85 2.50 29.08
CA GLY A 108 4.02 1.73 28.68
C GLY A 108 4.03 1.18 27.26
N VAL A 109 2.90 1.24 26.55
CA VAL A 109 2.85 0.76 25.17
C VAL A 109 3.43 1.85 24.25
N GLU A 110 4.46 1.52 23.48
CA GLU A 110 5.22 2.53 22.74
C GLU A 110 4.67 2.88 21.36
N THR A 111 3.94 1.92 20.79
CA THR A 111 3.41 2.04 19.44
C THR A 111 2.23 1.10 19.29
N THR A 112 1.44 1.31 18.23
CA THR A 112 0.30 0.45 17.94
C THR A 112 0.72 -0.55 16.88
N THR A 113 0.64 -1.84 17.21
CA THR A 113 0.96 -2.88 16.24
C THR A 113 -0.27 -3.75 15.94
N GLY A 114 -0.06 -4.85 15.22
CA GLY A 114 -1.17 -5.58 14.61
C GLY A 114 -0.96 -5.76 13.11
N PRO A 115 -0.69 -4.66 12.38
CA PRO A 115 -0.26 -4.79 11.00
C PRO A 115 1.20 -5.25 10.96
N LEU A 116 1.41 -6.49 10.53
CA LEU A 116 2.73 -7.11 10.58
C LEU A 116 3.78 -6.32 9.82
N GLY A 117 4.99 -6.28 10.36
CA GLY A 117 6.09 -5.57 9.75
C GLY A 117 6.27 -4.14 10.20
N GLN A 118 5.19 -3.48 10.60
CA GLN A 118 5.30 -2.06 10.95
C GLN A 118 5.97 -1.79 12.30
N GLY A 119 5.87 -2.73 13.22
CA GLY A 119 6.54 -2.59 14.52
C GLY A 119 8.05 -2.46 14.34
N ILE A 120 8.66 -3.38 13.59
CA ILE A 120 10.10 -3.30 13.37
C ILE A 120 10.48 -2.00 12.65
N ALA A 121 9.61 -1.54 11.74
CA ALA A 121 9.83 -0.25 11.08
C ALA A 121 9.81 0.89 12.10
N ASN A 122 8.83 0.87 12.99
CA ASN A 122 8.75 1.89 14.05
C ASN A 122 10.01 1.86 14.92
N ALA A 123 10.47 0.64 15.23
CA ALA A 123 11.67 0.49 16.05
C ALA A 123 12.90 1.07 15.36
N VAL A 124 13.03 0.86 14.06
CA VAL A 124 14.11 1.47 13.29
C VAL A 124 14.03 3.01 13.43
N GLY A 125 12.82 3.56 13.33
CA GLY A 125 12.63 4.99 13.52
C GLY A 125 13.02 5.47 14.91
N MET A 126 12.67 4.70 15.94
CA MET A 126 13.04 5.07 17.31
C MET A 126 14.55 5.03 17.51
N ALA A 127 15.23 4.08 16.87
CA ALA A 127 16.67 3.99 16.97
C ALA A 127 17.35 5.12 16.19
N ILE A 128 16.78 5.48 15.03
CA ILE A 128 17.29 6.65 14.29
C ILE A 128 17.13 7.90 15.14
N ALA A 129 15.97 8.04 15.80
CA ALA A 129 15.75 9.20 16.64
C ALA A 129 16.76 9.27 17.78
N GLU A 130 17.02 8.15 18.46
CA GLU A 130 17.96 8.16 19.58
C GLU A 130 19.36 8.55 19.09
N LYS A 131 19.80 7.97 17.98
CA LYS A 131 21.13 8.22 17.45
C LYS A 131 21.30 9.70 17.08
N THR A 132 20.29 10.24 16.42
CA THR A 132 20.32 11.62 15.95
C THR A 132 20.22 12.61 17.11
N LEU A 133 19.34 12.34 18.07
CA LEU A 133 19.18 13.20 19.24
C LEU A 133 20.45 13.22 20.09
N ALA A 134 21.08 12.04 20.25
CA ALA A 134 22.35 11.96 20.97
C ALA A 134 23.41 12.82 20.29
N ALA A 135 23.53 12.71 18.97
CA ALA A 135 24.53 13.49 18.24
C ALA A 135 24.25 14.98 18.35
N GLN A 136 22.97 15.38 18.32
CA GLN A 136 22.62 16.79 18.45
C GLN A 136 22.87 17.35 19.84
N PHE A 137 22.50 16.60 20.88
CA PHE A 137 22.44 17.14 22.25
C PHE A 137 23.59 16.76 23.19
N ASN A 138 24.18 15.59 23.02
CA ASN A 138 25.24 15.17 23.94
C ASN A 138 26.46 16.09 23.82
N ARG A 139 27.10 16.31 24.97
CA ARG A 139 28.28 17.16 25.03
C ARG A 139 29.33 16.43 25.88
N PRO A 140 30.61 16.79 25.73
CA PRO A 140 31.64 16.11 26.52
C PRO A 140 31.34 16.15 28.03
N GLY A 141 31.32 14.97 28.65
CA GLY A 141 30.95 14.83 30.06
C GLY A 141 29.47 14.85 30.35
N HIS A 142 28.65 14.95 29.30
CA HIS A 142 27.19 15.10 29.44
C HIS A 142 26.44 14.28 28.39
N ASP A 143 26.38 12.96 28.57
CA ASP A 143 25.67 12.08 27.63
C ASP A 143 24.21 11.86 28.06
N ILE A 144 23.38 12.89 27.87
CA ILE A 144 21.99 12.88 28.31
C ILE A 144 21.05 11.99 27.46
N VAL A 145 21.48 11.65 26.24
CA VAL A 145 20.73 10.69 25.43
C VAL A 145 21.56 9.42 25.28
N ASP A 146 21.06 8.33 25.84
CA ASP A 146 21.74 7.04 25.76
C ASP A 146 20.75 5.92 26.08
N HIS A 147 20.08 5.40 25.06
CA HIS A 147 19.16 4.30 25.29
C HIS A 147 19.04 3.36 24.11
N TYR A 148 18.62 2.13 24.42
CA TYR A 148 18.45 1.07 23.43
C TYR A 148 17.04 1.00 22.89
N THR A 149 16.92 0.42 21.70
CA THR A 149 15.64 0.08 21.09
C THR A 149 15.60 -1.43 20.89
N TYR A 150 14.67 -2.08 21.57
CA TYR A 150 14.49 -3.53 21.48
C TYR A 150 13.19 -3.88 20.77
N ALA A 151 13.26 -4.84 19.85
CA ALA A 151 12.05 -5.27 19.13
C ALA A 151 11.92 -6.79 19.14
N PHE A 152 10.68 -7.25 19.31
CA PHE A 152 10.33 -8.66 19.09
C PHE A 152 9.61 -8.74 17.73
N MET A 153 9.89 -9.78 16.96
CA MET A 153 9.26 -9.94 15.65
C MET A 153 9.23 -11.42 15.28
N GLY A 154 8.26 -11.81 14.45
CA GLY A 154 8.08 -13.19 14.04
C GLY A 154 8.22 -13.42 12.53
N ASP A 155 7.76 -14.59 12.09
CA ASP A 155 7.86 -14.95 10.67
C ASP A 155 7.05 -14.00 9.78
N GLY A 156 5.90 -13.53 10.27
CA GLY A 156 5.08 -12.63 9.48
C GLY A 156 5.77 -11.32 9.17
N CYS A 157 6.38 -10.73 10.19
CA CYS A 157 7.17 -9.51 10.01
C CYS A 157 8.35 -9.75 9.06
N MET A 158 8.99 -10.91 9.19
CA MET A 158 10.12 -11.27 8.32
C MET A 158 9.72 -11.43 6.86
N MET A 159 8.54 -11.98 6.60
CA MET A 159 8.06 -12.18 5.23
C MET A 159 7.66 -10.87 4.57
N GLU A 160 7.10 -9.96 5.35
CA GLU A 160 6.63 -8.68 4.81
C GLU A 160 7.75 -7.86 4.17
N GLY A 161 7.46 -7.27 3.01
CA GLY A 161 8.43 -6.45 2.31
C GLY A 161 8.99 -5.30 3.13
N ILE A 162 8.15 -4.74 4.00
CA ILE A 162 8.57 -3.58 4.80
C ILE A 162 9.79 -3.95 5.67
N SER A 163 9.91 -5.20 6.09
CA SER A 163 11.09 -5.60 6.87
C SER A 163 12.39 -5.44 6.06
N HIS A 164 12.33 -5.76 4.77
CA HIS A 164 13.46 -5.56 3.88
C HIS A 164 13.81 -4.06 3.78
N GLU A 165 12.80 -3.22 3.61
CA GLU A 165 13.07 -1.79 3.49
C GLU A 165 13.77 -1.22 4.71
N VAL A 166 13.20 -1.48 5.88
CA VAL A 166 13.69 -0.81 7.07
C VAL A 166 14.95 -1.44 7.63
N CYS A 167 15.09 -2.76 7.48
CA CYS A 167 16.30 -3.40 7.99
C CYS A 167 17.50 -3.17 7.08
N SER A 168 17.26 -3.06 5.77
CA SER A 168 18.31 -2.60 4.86
C SER A 168 18.85 -1.23 5.28
N LEU A 169 17.95 -0.28 5.49
CA LEU A 169 18.34 1.08 5.85
C LEU A 169 19.01 1.11 7.23
N ALA A 170 18.50 0.31 8.18
CA ALA A 170 19.10 0.24 9.52
C ALA A 170 20.57 -0.19 9.46
N GLY A 171 20.88 -1.10 8.53
CA GLY A 171 22.27 -1.53 8.30
C GLY A 171 23.13 -0.39 7.79
N THR A 172 22.63 0.32 6.77
CA THR A 172 23.35 1.47 6.23
C THR A 172 23.66 2.50 7.31
N LEU A 173 22.69 2.75 8.18
CA LEU A 173 22.82 3.77 9.22
C LEU A 173 23.55 3.29 10.49
N LYS A 174 23.98 2.02 10.50
CA LYS A 174 24.84 1.49 11.56
C LYS A 174 24.21 1.69 12.96
N LEU A 175 22.95 1.28 13.09
CA LEU A 175 22.18 1.50 14.31
C LEU A 175 22.54 0.48 15.40
N GLY A 176 23.69 0.71 16.02
CA GLY A 176 24.22 -0.19 17.03
C GLY A 176 23.43 -0.37 18.32
N LYS A 177 22.44 0.50 18.55
CA LYS A 177 21.61 0.35 19.74
C LYS A 177 20.25 -0.27 19.44
N LEU A 178 20.07 -0.73 18.19
CA LEU A 178 18.89 -1.51 17.82
C LEU A 178 19.20 -3.00 17.98
N ILE A 179 18.37 -3.69 18.77
CA ILE A 179 18.52 -5.13 18.99
C ILE A 179 17.15 -5.78 18.79
N ALA A 180 17.07 -6.66 17.79
CA ALA A 180 15.82 -7.35 17.46
C ALA A 180 15.92 -8.83 17.79
N PHE A 181 14.82 -9.37 18.31
CA PHE A 181 14.70 -10.78 18.63
C PHE A 181 13.71 -11.41 17.65
N TYR A 182 14.17 -12.38 16.89
CA TYR A 182 13.32 -13.10 15.95
C TYR A 182 12.79 -14.36 16.61
N ASP A 183 11.46 -14.42 16.74
CA ASP A 183 10.75 -15.58 17.27
C ASP A 183 10.71 -16.67 16.19
N ASP A 184 11.77 -17.47 16.13
CA ASP A 184 11.97 -18.45 15.08
C ASP A 184 11.29 -19.76 15.49
N ASN A 185 9.98 -19.84 15.26
CA ASN A 185 9.18 -20.97 15.74
C ASN A 185 8.62 -21.91 14.65
N GLY A 186 8.90 -21.60 13.39
CA GLY A 186 8.55 -22.51 12.29
C GLY A 186 7.08 -22.61 11.92
N ILE A 187 6.23 -21.78 12.53
CA ILE A 187 4.78 -21.88 12.37
C ILE A 187 4.19 -20.54 11.96
N SER A 188 3.28 -20.54 10.98
CA SER A 188 2.42 -19.39 10.72
C SER A 188 0.98 -19.89 10.59
N ILE A 189 0.05 -19.04 10.17
CA ILE A 189 -1.35 -19.44 10.19
C ILE A 189 -1.65 -20.63 9.28
N ASP A 190 -1.00 -20.67 8.11
CA ASP A 190 -1.23 -21.78 7.17
C ASP A 190 -0.58 -23.10 7.61
N GLY A 191 0.27 -23.05 8.64
CA GLY A 191 0.91 -24.26 9.17
C GLY A 191 2.42 -24.15 9.24
N HIS A 192 3.11 -25.22 8.88
CA HIS A 192 4.57 -25.25 8.91
C HIS A 192 5.14 -24.36 7.81
N VAL A 193 5.94 -23.37 8.19
CA VAL A 193 6.32 -22.31 7.25
C VAL A 193 7.14 -22.75 6.05
N GLU A 194 7.77 -23.94 6.10
CA GLU A 194 8.65 -24.38 4.99
C GLU A 194 7.94 -24.43 3.64
N GLY A 195 6.62 -24.53 3.63
CA GLY A 195 5.87 -24.53 2.37
C GLY A 195 5.85 -23.19 1.64
N TRP A 196 6.17 -22.10 2.35
CA TRP A 196 6.08 -20.75 1.78
C TRP A 196 7.19 -19.79 2.24
N PHE A 197 8.05 -20.24 3.15
CA PHE A 197 9.07 -19.34 3.72
C PHE A 197 10.31 -20.15 4.04
N THR A 198 11.35 -19.97 3.23
CA THR A 198 12.55 -20.81 3.31
C THR A 198 13.85 -19.99 3.35
N ASP A 199 13.74 -18.67 3.54
CA ASP A 199 14.93 -17.81 3.58
C ASP A 199 15.95 -18.29 4.60
N ASP A 200 17.22 -18.15 4.25
CA ASP A 200 18.27 -18.17 5.25
C ASP A 200 18.27 -16.75 5.85
N THR A 201 17.42 -16.57 6.86
CA THR A 201 17.18 -15.25 7.43
C THR A 201 18.46 -14.63 8.03
N ALA A 202 19.29 -15.46 8.66
CA ALA A 202 20.56 -14.95 9.18
C ALA A 202 21.47 -14.41 8.06
N MET A 203 21.57 -15.16 6.95
CA MET A 203 22.34 -14.70 5.80
C MET A 203 21.78 -13.41 5.22
N ARG A 204 20.45 -13.34 5.12
CA ARG A 204 19.78 -12.13 4.65
C ARG A 204 20.17 -10.90 5.48
N PHE A 205 20.12 -11.06 6.80
CA PHE A 205 20.44 -9.95 7.68
C PHE A 205 21.92 -9.59 7.70
N GLU A 206 22.80 -10.59 7.54
CA GLU A 206 24.21 -10.27 7.33
C GLU A 206 24.42 -9.48 6.04
N ALA A 207 23.60 -9.74 5.01
CA ALA A 207 23.67 -8.99 3.76
C ALA A 207 23.28 -7.52 3.96
N TYR A 208 22.48 -7.25 4.99
CA TYR A 208 22.12 -5.88 5.38
C TYR A 208 23.17 -5.21 6.25
N GLY A 209 24.22 -5.93 6.62
CA GLY A 209 25.22 -5.36 7.55
C GLY A 209 24.81 -5.43 9.01
N TRP A 210 23.89 -6.33 9.35
CA TRP A 210 23.56 -6.60 10.75
C TRP A 210 24.51 -7.61 11.37
N HIS A 211 24.66 -7.50 12.67
CA HIS A 211 25.30 -8.54 13.46
C HIS A 211 24.23 -9.59 13.78
N VAL A 212 24.47 -10.84 13.43
CA VAL A 212 23.46 -11.89 13.62
C VAL A 212 23.99 -12.96 14.56
N ILE A 213 23.17 -13.31 15.55
CA ILE A 213 23.49 -14.38 16.50
C ILE A 213 22.56 -15.56 16.23
N ARG A 214 23.15 -16.62 15.68
CA ARG A 214 22.41 -17.83 15.31
C ARG A 214 22.20 -18.80 16.48
N ASP A 215 21.17 -19.64 16.33
CA ASP A 215 20.99 -20.84 17.15
C ASP A 215 20.87 -20.58 18.66
N ILE A 216 20.13 -19.54 19.01
CA ILE A 216 19.86 -19.28 20.41
C ILE A 216 18.70 -20.18 20.86
N ASP A 217 18.89 -20.86 21.98
CA ASP A 217 17.82 -21.63 22.60
C ASP A 217 16.90 -20.64 23.32
N GLY A 218 15.76 -20.35 22.69
CA GLY A 218 14.83 -19.35 23.22
C GLY A 218 14.09 -19.73 24.49
N HIS A 219 14.37 -20.93 24.97
CA HIS A 219 13.79 -21.41 26.23
C HIS A 219 14.84 -21.63 27.31
N ASP A 220 16.02 -21.04 27.10
CA ASP A 220 17.12 -21.15 28.04
C ASP A 220 17.65 -19.79 28.41
N ALA A 221 17.41 -19.38 29.66
CA ALA A 221 17.81 -18.06 30.13
C ALA A 221 19.30 -17.80 29.89
N ALA A 222 20.15 -18.79 30.18
CA ALA A 222 21.59 -18.59 29.97
C ALA A 222 21.94 -18.25 28.52
N SER A 223 21.35 -19.00 27.58
CA SER A 223 21.58 -18.79 26.15
CA SER A 223 21.59 -18.78 26.16
C SER A 223 21.12 -17.40 25.72
N ILE A 224 19.92 -17.01 26.15
CA ILE A 224 19.37 -15.71 25.79
C ILE A 224 20.23 -14.59 26.36
N LYS A 225 20.56 -14.68 27.65
CA LYS A 225 21.34 -13.63 28.32
C LYS A 225 22.70 -13.40 27.65
N ARG A 226 23.39 -14.49 27.32
CA ARG A 226 24.68 -14.40 26.63
C ARG A 226 24.53 -13.69 25.28
N ALA A 227 23.45 -14.00 24.56
CA ALA A 227 23.23 -13.37 23.25
C ALA A 227 22.96 -11.86 23.37
N VAL A 228 22.19 -11.46 24.37
CA VAL A 228 21.90 -10.04 24.56
C VAL A 228 23.19 -9.29 24.91
N GLU A 229 24.03 -9.89 25.76
CA GLU A 229 25.32 -9.28 26.11
C GLU A 229 26.18 -9.10 24.87
N GLU A 230 26.21 -10.10 24.00
CA GLU A 230 27.00 -10.02 22.77
C GLU A 230 26.49 -8.90 21.85
N ALA A 231 25.17 -8.82 21.71
CA ALA A 231 24.54 -7.78 20.89
C ALA A 231 24.84 -6.38 21.43
N ARG A 232 24.83 -6.23 22.74
CA ARG A 232 25.13 -4.94 23.36
C ARG A 232 26.61 -4.56 23.20
N ALA A 233 27.47 -5.55 23.04
CA ALA A 233 28.91 -5.29 22.85
C ALA A 233 29.26 -4.85 21.43
N VAL A 234 28.37 -5.13 20.49
CA VAL A 234 28.54 -4.70 19.09
C VAL A 234 27.89 -3.33 18.89
N THR A 235 28.72 -2.29 18.83
CA THR A 235 28.19 -0.92 18.86
C THR A 235 27.99 -0.29 17.48
N ASP A 236 28.46 -0.96 16.44
CA ASP A 236 28.46 -0.37 15.09
C ASP A 236 27.49 -1.02 14.10
N LYS A 237 26.70 -1.97 14.58
CA LYS A 237 25.73 -2.69 13.75
C LYS A 237 24.47 -2.98 14.55
N PRO A 238 23.30 -2.90 13.91
CA PRO A 238 22.11 -3.41 14.57
C PRO A 238 22.26 -4.93 14.68
N SER A 239 21.63 -5.54 15.67
CA SER A 239 21.77 -6.97 15.94
C SER A 239 20.46 -7.73 15.82
N LEU A 240 20.53 -8.92 15.22
CA LEU A 240 19.39 -9.83 15.15
C LEU A 240 19.72 -11.10 15.92
N LEU A 241 18.85 -11.43 16.88
CA LEU A 241 18.99 -12.64 17.68
C LEU A 241 18.02 -13.71 17.16
N MET A 242 18.57 -14.78 16.62
CA MET A 242 17.76 -15.88 16.06
C MET A 242 17.32 -16.80 17.20
N CYS A 243 16.12 -16.57 17.74
CA CYS A 243 15.68 -17.29 18.93
C CYS A 243 14.79 -18.46 18.57
N LYS A 244 15.32 -19.67 18.71
CA LYS A 244 14.53 -20.86 18.43
C LYS A 244 13.54 -21.08 19.56
N THR A 245 12.25 -20.99 19.25
CA THR A 245 11.21 -21.18 20.26
C THR A 245 10.15 -22.16 19.77
N ILE A 246 9.34 -22.61 20.72
CA ILE A 246 8.21 -23.49 20.47
C ILE A 246 6.95 -22.67 20.73
N ILE A 247 6.16 -22.45 19.69
CA ILE A 247 4.91 -21.69 19.84
C ILE A 247 4.01 -22.43 20.83
N GLY A 248 3.39 -21.70 21.76
CA GLY A 248 2.50 -22.33 22.73
C GLY A 248 3.24 -23.21 23.75
N PHE A 249 4.54 -22.95 23.94
CA PHE A 249 5.37 -23.67 24.90
C PHE A 249 4.63 -23.90 26.22
N GLY A 250 4.57 -25.17 26.64
CA GLY A 250 3.89 -25.57 27.86
C GLY A 250 2.67 -26.43 27.63
N SER A 251 2.04 -26.26 26.47
CA SER A 251 0.84 -27.03 26.12
C SER A 251 1.22 -28.40 25.54
N PRO A 252 0.86 -29.50 26.25
CA PRO A 252 1.24 -30.81 25.73
C PRO A 252 0.73 -31.09 24.31
N ASN A 253 -0.49 -30.68 24.02
CA ASN A 253 -1.13 -31.02 22.75
C ASN A 253 -1.06 -29.95 21.67
N LYS A 254 -0.86 -28.70 22.07
CA LYS A 254 -0.90 -27.60 21.10
C LYS A 254 0.44 -26.88 20.87
N ALA A 255 1.44 -27.14 21.72
CA ALA A 255 2.76 -26.55 21.50
C ALA A 255 3.31 -26.99 20.16
N GLY A 256 3.91 -26.06 19.43
CA GLY A 256 4.51 -26.39 18.13
C GLY A 256 3.50 -26.57 17.01
N THR A 257 2.25 -26.17 17.24
CA THR A 257 1.17 -26.28 16.24
C THR A 257 0.56 -24.93 15.93
N HIS A 258 0.01 -24.81 14.71
CA HIS A 258 -0.71 -23.61 14.31
C HIS A 258 -1.98 -23.39 15.15
N ASP A 259 -2.47 -24.46 15.77
CA ASP A 259 -3.67 -24.38 16.62
C ASP A 259 -3.47 -23.38 17.77
N SER A 260 -2.23 -23.26 18.24
CA SER A 260 -1.92 -22.40 19.39
C SER A 260 -1.72 -20.93 19.02
N HIS A 261 -1.68 -20.64 17.72
CA HIS A 261 -1.40 -19.27 17.27
C HIS A 261 -2.45 -18.27 17.69
N GLY A 262 -3.73 -18.59 17.45
CA GLY A 262 -4.73 -17.54 17.37
C GLY A 262 -6.09 -17.82 17.96
N ALA A 263 -6.17 -18.77 18.86
CA ALA A 263 -7.45 -19.09 19.50
C ALA A 263 -7.20 -19.57 20.93
N PRO A 264 -8.21 -19.43 21.80
CA PRO A 264 -8.13 -19.98 23.15
C PRO A 264 -7.69 -21.45 23.14
N LEU A 265 -6.85 -21.83 24.11
CA LEU A 265 -6.40 -23.22 24.24
C LEU A 265 -7.53 -24.16 24.65
N GLY A 266 -8.51 -23.63 25.38
CA GLY A 266 -9.57 -24.44 25.97
C GLY A 266 -9.24 -24.83 27.40
N ASP A 267 -10.27 -25.00 28.22
CA ASP A 267 -10.10 -25.29 29.65
C ASP A 267 -9.29 -26.56 29.92
N ALA A 268 -9.59 -27.63 29.19
CA ALA A 268 -8.89 -28.90 29.41
C ALA A 268 -7.40 -28.77 29.10
N GLU A 269 -7.07 -28.10 28.00
CA GLU A 269 -5.68 -27.95 27.58
C GLU A 269 -4.94 -27.01 28.54
N ILE A 270 -5.61 -25.99 29.04
CA ILE A 270 -5.03 -25.12 30.05
C ILE A 270 -4.68 -25.89 31.33
N ALA A 271 -5.58 -26.78 31.77
CA ALA A 271 -5.27 -27.62 32.93
C ALA A 271 -4.03 -28.49 32.69
N LEU A 272 -3.91 -29.07 31.51
CA LEU A 272 -2.74 -29.88 31.16
C LEU A 272 -1.46 -29.04 31.08
N THR A 273 -1.61 -27.78 30.66
CA THR A 273 -0.49 -26.84 30.56
C THR A 273 0.01 -26.44 31.95
N ARG A 274 -0.91 -26.16 32.87
CA ARG A 274 -0.54 -25.92 34.27
C ARG A 274 0.25 -27.09 34.83
N GLU A 275 -0.18 -28.31 34.51
CA GLU A 275 0.51 -29.50 34.97
C GLU A 275 1.93 -29.60 34.38
N GLN A 276 2.04 -29.42 33.07
CA GLN A 276 3.35 -29.49 32.41
C GLN A 276 4.32 -28.41 32.92
N LEU A 277 3.81 -27.20 33.13
CA LEU A 277 4.65 -26.09 33.61
C LEU A 277 4.91 -26.13 35.11
N GLY A 278 4.14 -26.95 35.82
CA GLY A 278 4.17 -26.96 37.29
C GLY A 278 3.68 -25.65 37.88
N TRP A 279 2.71 -25.03 37.21
CA TRP A 279 2.14 -23.75 37.66
C TRP A 279 0.92 -24.02 38.53
N LYS A 280 1.02 -23.69 39.81
CA LYS A 280 0.00 -24.09 40.79
C LYS A 280 -1.03 -23.02 41.15
N TYR A 281 -1.02 -21.90 40.44
CA TYR A 281 -1.87 -20.77 40.80
C TYR A 281 -3.11 -20.67 39.90
N ALA A 282 -4.22 -20.26 40.50
CA ALA A 282 -5.49 -20.09 39.79
C ALA A 282 -5.43 -18.95 38.77
N PRO A 283 -6.39 -18.91 37.82
CA PRO A 283 -6.40 -17.79 36.89
C PRO A 283 -6.38 -16.45 37.62
N PHE A 284 -5.46 -15.59 37.21
CA PHE A 284 -5.35 -14.22 37.74
C PHE A 284 -4.84 -14.14 39.17
N GLU A 285 -4.23 -15.24 39.63
CA GLU A 285 -3.51 -15.29 40.89
C GLU A 285 -2.00 -15.26 40.66
N ILE A 286 -1.34 -14.26 41.25
CA ILE A 286 0.11 -14.16 41.21
C ILE A 286 0.56 -13.97 42.66
N PRO A 287 1.46 -14.86 43.14
CA PRO A 287 1.90 -14.75 44.54
C PRO A 287 2.84 -13.58 44.76
N SER A 288 2.94 -13.12 46.02
CA SER A 288 3.75 -11.95 46.35
C SER A 288 5.22 -12.08 45.96
N GLU A 289 5.79 -13.28 46.12
CA GLU A 289 7.20 -13.51 45.77
C GLU A 289 7.49 -13.29 44.28
N ILE A 290 6.51 -13.62 43.43
CA ILE A 290 6.68 -13.43 42.00
C ILE A 290 6.59 -11.94 41.64
N TYR A 291 5.63 -11.22 42.22
CA TYR A 291 5.59 -9.77 42.07
C TYR A 291 6.89 -9.12 42.56
N ALA A 292 7.43 -9.60 43.68
CA ALA A 292 8.64 -9.01 44.26
C ALA A 292 9.82 -9.07 43.29
N GLN A 293 9.94 -10.19 42.58
CA GLN A 293 11.05 -10.35 41.63
C GLN A 293 10.80 -9.66 40.28
N TRP A 294 9.53 -9.48 39.92
CA TRP A 294 9.19 -8.80 38.66
C TRP A 294 9.13 -7.28 38.79
N ASP A 295 8.77 -6.78 39.96
CA ASP A 295 8.49 -5.35 40.08
C ASP A 295 9.72 -4.49 39.77
N ALA A 296 9.52 -3.43 38.99
CA ALA A 296 10.62 -2.56 38.55
C ALA A 296 10.51 -1.13 39.09
N LYS A 297 9.56 -0.88 39.98
CA LYS A 297 9.34 0.47 40.50
C LYS A 297 10.56 1.07 41.21
N GLU A 298 11.19 0.30 42.08
CA GLU A 298 12.32 0.83 42.85
C GLU A 298 13.54 1.08 41.96
N ALA A 299 13.94 0.09 41.17
CA ALA A 299 15.07 0.25 40.24
C ALA A 299 14.79 1.34 39.21
N GLY A 300 13.55 1.37 38.71
CA GLY A 300 13.15 2.35 37.69
C GLY A 300 13.24 3.78 38.20
N GLN A 301 12.75 4.01 39.41
CA GLN A 301 12.82 5.35 39.98
C GLN A 301 14.27 5.75 40.26
N ALA A 302 15.09 4.80 40.70
CA ALA A 302 16.51 5.07 40.93
C ALA A 302 17.21 5.50 39.64
N LYS A 303 16.93 4.78 38.55
CA LYS A 303 17.56 5.08 37.27
C LYS A 303 17.10 6.43 36.71
N GLU A 304 15.79 6.70 36.79
CA GLU A 304 15.29 7.98 36.30
C GLU A 304 15.78 9.15 37.13
N SER A 305 15.83 8.98 38.45
CA SER A 305 16.35 10.02 39.33
C SER A 305 17.81 10.33 39.01
N ALA A 306 18.62 9.29 38.79
CA ALA A 306 20.01 9.47 38.37
C ALA A 306 20.09 10.27 37.07
N TRP A 307 19.22 9.96 36.12
CA TRP A 307 19.16 10.70 34.85
C TRP A 307 18.75 12.15 35.07
N ASN A 308 17.74 12.39 35.90
CA ASN A 308 17.32 13.76 36.21
C ASN A 308 18.47 14.59 36.75
N GLU A 309 19.31 13.96 37.58
CA GLU A 309 20.45 14.67 38.15
C GLU A 309 21.48 14.99 37.07
N LYS A 310 21.69 14.04 36.16
CA LYS A 310 22.55 14.25 35.00
C LYS A 310 22.01 15.38 34.11
N PHE A 311 20.70 15.41 33.90
CA PHE A 311 20.10 16.46 33.09
C PHE A 311 20.23 17.83 33.75
N ALA A 312 20.07 17.89 35.07
CA ALA A 312 20.22 19.15 35.79
C ALA A 312 21.64 19.70 35.62
N ALA A 313 22.65 18.84 35.69
CA ALA A 313 24.04 19.27 35.51
C ALA A 313 24.27 19.74 34.07
N TYR A 314 23.70 19.04 33.11
CA TYR A 314 23.75 19.45 31.71
C TYR A 314 23.14 20.83 31.53
N ALA A 315 21.99 21.06 32.15
CA ALA A 315 21.26 22.34 32.04
C ALA A 315 22.06 23.51 32.58
N LYS A 316 22.85 23.26 33.62
CA LYS A 316 23.72 24.31 34.17
C LYS A 316 24.84 24.69 33.20
N ALA A 317 25.39 23.68 32.53
CA ALA A 317 26.49 23.89 31.58
C ALA A 317 26.02 24.34 30.20
N TYR A 318 24.81 23.90 29.82
CA TYR A 318 24.23 24.16 28.49
C TYR A 318 22.75 24.55 28.61
N PRO A 319 22.47 25.75 29.18
CA PRO A 319 21.07 26.13 29.44
C PRO A 319 20.16 26.24 28.22
N GLN A 320 20.66 26.84 27.13
CA GLN A 320 19.87 26.99 25.91
C GLN A 320 19.56 25.63 25.28
N GLU A 321 20.57 24.76 25.24
CA GLU A 321 20.42 23.40 24.70
C GLU A 321 19.44 22.57 25.53
N ALA A 322 19.55 22.67 26.86
CA ALA A 322 18.65 21.95 27.75
C ALA A 322 17.19 22.40 27.58
N ALA A 323 16.98 23.71 27.41
CA ALA A 323 15.63 24.23 27.17
C ALA A 323 15.06 23.71 25.84
N GLU A 324 15.92 23.66 24.82
CA GLU A 324 15.54 23.10 23.53
C GLU A 324 15.19 21.61 23.62
N PHE A 325 15.97 20.86 24.40
CA PHE A 325 15.69 19.46 24.62
C PHE A 325 14.30 19.25 25.23
N THR A 326 14.00 19.98 26.30
CA THR A 326 12.72 19.85 26.98
C THR A 326 11.56 20.23 26.06
N ARG A 327 11.71 21.34 25.35
CA ARG A 327 10.70 21.79 24.40
C ARG A 327 10.43 20.71 23.33
N ARG A 328 11.50 20.20 22.73
CA ARG A 328 11.37 19.24 21.64
C ARG A 328 10.83 17.89 22.13
N MET A 329 11.25 17.43 23.30
CA MET A 329 10.73 16.17 23.82
C MET A 329 9.23 16.23 24.13
N LYS A 330 8.76 17.42 24.50
CA LYS A 330 7.34 17.66 24.78
C LYS A 330 6.52 17.89 23.50
N GLY A 331 7.20 18.10 22.37
CA GLY A 331 6.52 18.36 21.10
C GLY A 331 5.94 19.76 21.00
N GLU A 332 6.45 20.66 21.82
CA GLU A 332 5.98 22.04 21.85
C GLU A 332 6.63 22.85 20.73
N MET A 333 5.90 23.83 20.21
CA MET A 333 6.41 24.71 19.17
C MET A 333 7.15 25.90 19.79
N PRO A 334 8.11 26.49 19.05
CA PRO A 334 8.74 27.71 19.53
C PRO A 334 7.67 28.79 19.76
N SER A 335 7.83 29.60 20.80
CA SER A 335 6.80 30.56 21.18
C SER A 335 6.52 31.61 20.09
N ASP A 336 7.55 31.93 19.31
CA ASP A 336 7.41 32.93 18.23
C ASP A 336 7.16 32.32 16.84
N PHE A 337 6.95 31.01 16.78
CA PHE A 337 6.75 30.38 15.47
C PHE A 337 5.51 30.89 14.74
N ASP A 338 4.38 30.96 15.46
CA ASP A 338 3.13 31.44 14.87
C ASP A 338 3.31 32.83 14.22
N ALA A 339 3.89 33.77 14.96
CA ALA A 339 4.12 35.12 14.44
C ALA A 339 5.07 35.12 13.24
N LYS A 340 6.16 34.39 13.33
CA LYS A 340 7.14 34.35 12.25
C LYS A 340 6.59 33.71 10.97
N ALA A 341 5.83 32.62 11.15
CA ALA A 341 5.21 31.96 10.01
C ALA A 341 4.15 32.84 9.34
N LYS A 342 3.35 33.54 10.16
CA LYS A 342 2.37 34.48 9.62
C LYS A 342 3.03 35.63 8.83
N GLU A 343 4.17 36.10 9.31
CA GLU A 343 4.94 37.12 8.62
C GLU A 343 5.39 36.63 7.25
N PHE A 344 5.81 35.37 7.17
CA PHE A 344 6.23 34.75 5.92
C PHE A 344 5.05 34.64 4.94
N ILE A 345 3.92 34.13 5.43
CA ILE A 345 2.70 34.01 4.64
C ILE A 345 2.27 35.37 4.07
N ALA A 346 2.29 36.41 4.92
CA ALA A 346 1.92 37.76 4.49
C ALA A 346 2.86 38.29 3.39
N LYS A 347 4.15 37.99 3.52
CA LYS A 347 5.13 38.40 2.53
C LYS A 347 4.85 37.76 1.18
N LEU A 348 4.50 36.47 1.18
CA LEU A 348 4.17 35.78 -0.06
C LEU A 348 2.94 36.40 -0.73
N GLN A 349 1.91 36.71 0.05
CA GLN A 349 0.71 37.29 -0.55
C GLN A 349 1.02 38.65 -1.19
N ALA A 350 1.91 39.42 -0.55
CA ALA A 350 2.29 40.76 -1.04
C ALA A 350 3.26 40.73 -2.22
N ASN A 351 3.89 39.58 -2.44
CA ASN A 351 4.91 39.43 -3.47
C ASN A 351 4.63 38.22 -4.37
N PRO A 352 3.68 38.37 -5.30
CA PRO A 352 3.20 37.22 -6.06
C PRO A 352 4.25 36.53 -6.92
N ALA A 353 4.13 35.20 -6.99
CA ALA A 353 5.01 34.39 -7.82
C ALA A 353 4.22 33.20 -8.36
N LYS A 354 4.41 32.91 -9.64
CA LYS A 354 3.82 31.74 -10.29
C LYS A 354 4.88 30.63 -10.29
N ILE A 355 4.75 29.73 -9.33
CA ILE A 355 5.69 28.62 -9.15
C ILE A 355 4.89 27.36 -8.85
N ALA A 356 5.53 26.20 -9.00
CA ALA A 356 4.86 24.93 -8.69
C ALA A 356 4.66 24.85 -7.19
N SER A 357 3.58 24.22 -6.73
CA SER A 357 3.45 24.10 -5.27
C SER A 357 4.52 23.19 -4.66
N ARG A 358 5.14 22.30 -5.44
CA ARG A 358 6.33 21.59 -4.93
C ARG A 358 7.47 22.57 -4.58
N LYS A 359 7.63 23.62 -5.39
CA LYS A 359 8.62 24.64 -5.10
C LYS A 359 8.19 25.53 -3.94
N ALA A 360 6.90 25.85 -3.88
CA ALA A 360 6.38 26.61 -2.74
C ALA A 360 6.57 25.84 -1.43
N SER A 361 6.49 24.51 -1.51
CA SER A 361 6.76 23.64 -0.37
C SER A 361 8.23 23.77 0.07
N GLN A 362 9.15 23.63 -0.88
CA GLN A 362 10.58 23.82 -0.58
C GLN A 362 10.82 25.18 0.08
N ASN A 363 10.16 26.22 -0.44
CA ASN A 363 10.33 27.55 0.12
C ASN A 363 9.84 27.66 1.56
N ALA A 364 8.75 26.95 1.88
CA ALA A 364 8.26 26.91 3.26
C ALA A 364 9.23 26.15 4.18
N ILE A 365 9.80 25.05 3.68
CA ILE A 365 10.83 24.32 4.43
C ILE A 365 12.02 25.25 4.71
N GLU A 366 12.45 25.99 3.70
CA GLU A 366 13.53 26.97 3.85
C GLU A 366 13.19 28.03 4.91
N ALA A 367 11.97 28.55 4.87
CA ALA A 367 11.54 29.56 5.85
C ALA A 367 11.45 29.00 7.26
N PHE A 368 10.95 27.77 7.38
CA PHE A 368 10.71 27.19 8.70
C PHE A 368 11.94 26.53 9.29
N GLY A 369 12.86 26.09 8.42
CA GLY A 369 14.08 25.38 8.84
C GLY A 369 14.83 25.99 10.00
N PRO A 370 15.20 27.28 9.90
CA PRO A 370 15.90 27.93 11.01
C PRO A 370 15.08 27.99 12.32
N LEU A 371 13.75 27.88 12.20
CA LEU A 371 12.85 28.01 13.35
C LEU A 371 12.54 26.68 14.02
N LEU A 372 12.68 25.58 13.25
CA LEU A 372 12.30 24.26 13.72
C LEU A 372 13.47 23.29 13.63
N PRO A 373 14.43 23.41 14.57
CA PRO A 373 15.57 22.48 14.57
C PRO A 373 15.14 21.02 14.80
N GLU A 374 13.91 20.81 15.24
CA GLU A 374 13.35 19.46 15.38
C GLU A 374 13.04 18.74 14.05
N PHE A 375 13.08 19.44 12.91
CA PHE A 375 12.83 18.78 11.62
C PHE A 375 13.75 17.59 11.47
N LEU A 376 13.17 16.46 11.10
CA LEU A 376 13.96 15.33 10.60
C LEU A 376 13.23 14.87 9.36
N GLY A 377 13.68 15.38 8.22
CA GLY A 377 12.94 15.22 6.97
C GLY A 377 13.61 14.28 5.99
N GLY A 378 12.91 13.94 4.92
CA GLY A 378 13.52 13.12 3.89
C GLY A 378 12.61 12.86 2.74
N SER A 379 13.15 12.17 1.74
CA SER A 379 12.41 11.76 0.54
C SER A 379 12.84 10.36 0.17
N ALA A 380 11.91 9.62 -0.44
CA ALA A 380 12.18 8.28 -0.94
C ALA A 380 12.86 8.31 -2.32
N ASP A 381 14.13 8.71 -2.33
CA ASP A 381 14.95 8.83 -3.56
C ASP A 381 14.42 9.85 -4.56
N LEU A 382 13.78 10.91 -4.06
CA LEU A 382 13.25 11.95 -4.95
C LEU A 382 13.55 13.36 -4.46
N ALA A 383 14.67 13.52 -3.75
CA ALA A 383 15.02 14.86 -3.25
C ALA A 383 14.97 15.97 -4.33
N PRO A 384 15.57 15.73 -5.53
CA PRO A 384 15.57 16.81 -6.53
C PRO A 384 14.23 17.00 -7.27
N SER A 385 13.26 16.14 -6.99
CA SER A 385 11.96 16.19 -7.64
CA SER A 385 11.95 16.17 -7.64
C SER A 385 10.85 16.62 -6.67
N ASN A 386 10.88 16.07 -5.46
CA ASN A 386 9.95 16.46 -4.40
C ASN A 386 10.34 17.81 -3.81
N LEU A 387 11.63 18.14 -3.90
CA LEU A 387 12.19 19.43 -3.42
C LEU A 387 12.17 19.54 -1.89
N THR A 388 12.75 18.51 -1.26
CA THR A 388 12.75 18.37 0.19
C THR A 388 14.00 18.89 0.90
N LEU A 389 15.03 19.27 0.14
CA LEU A 389 16.25 19.85 0.72
C LEU A 389 16.11 21.36 0.83
N TRP A 390 16.55 21.90 1.96
CA TRP A 390 16.72 23.35 2.12
C TRP A 390 18.19 23.65 2.38
N SER A 391 18.54 24.93 2.48
CA SER A 391 19.97 25.30 2.58
C SER A 391 20.65 24.69 3.82
N GLY A 392 19.88 24.46 4.88
CA GLY A 392 20.40 23.88 6.10
C GLY A 392 20.24 22.37 6.25
N SER A 393 19.80 21.69 5.19
CA SER A 393 19.68 20.22 5.25
C SER A 393 21.06 19.60 5.41
N LYS A 394 21.14 18.63 6.32
CA LYS A 394 22.36 17.86 6.56
C LYS A 394 21.96 16.39 6.68
N ALA A 395 22.42 15.56 5.75
CA ALA A 395 22.02 14.15 5.70
C ALA A 395 22.67 13.35 6.83
N ILE A 396 21.87 12.55 7.53
CA ILE A 396 22.37 11.84 8.72
C ILE A 396 23.36 10.71 8.41
N ASN A 397 23.41 10.25 7.16
CA ASN A 397 24.45 9.30 6.74
C ASN A 397 25.83 9.97 6.64
N GLU A 398 25.84 11.30 6.54
CA GLU A 398 27.08 12.10 6.47
C GLU A 398 27.43 12.73 7.82
N ASP A 399 26.40 13.19 8.54
CA ASP A 399 26.58 13.91 9.80
C ASP A 399 25.49 13.41 10.72
N ALA A 400 25.87 12.66 11.75
CA ALA A 400 24.90 12.05 12.67
C ALA A 400 24.00 13.06 13.38
N ALA A 401 24.48 14.30 13.50
CA ALA A 401 23.70 15.36 14.14
C ALA A 401 22.81 16.12 13.15
N GLY A 402 22.66 15.57 11.95
CA GLY A 402 21.88 16.20 10.89
C GLY A 402 20.36 16.14 11.06
N ASN A 403 19.66 16.46 9.97
CA ASN A 403 18.22 16.73 10.00
C ASN A 403 17.53 16.21 8.74
N TYR A 404 18.24 15.39 7.97
CA TYR A 404 17.73 14.91 6.68
C TYR A 404 18.07 13.43 6.49
N ILE A 405 17.11 12.66 5.96
CA ILE A 405 17.31 11.23 5.68
C ILE A 405 17.08 10.91 4.20
N HIS A 406 18.11 10.36 3.57
CA HIS A 406 17.95 9.74 2.26
C HIS A 406 17.32 8.36 2.46
N TYR A 407 16.02 8.25 2.25
CA TYR A 407 15.32 7.01 2.55
C TYR A 407 15.47 5.92 1.49
N GLY A 408 15.97 6.26 0.30
CA GLY A 408 15.99 5.31 -0.81
C GLY A 408 14.59 5.02 -1.32
N VAL A 409 14.46 4.05 -2.22
CA VAL A 409 13.17 3.77 -2.87
C VAL A 409 12.33 2.84 -1.97
N ARG A 410 11.83 3.42 -0.89
CA ARG A 410 11.27 2.67 0.25
C ARG A 410 10.13 3.47 0.88
N GLU A 411 9.04 3.63 0.14
CA GLU A 411 7.95 4.51 0.61
C GLU A 411 7.27 4.04 1.88
N PHE A 412 6.99 2.74 1.95
CA PHE A 412 6.28 2.16 3.10
C PHE A 412 7.18 2.21 4.33
N GLY A 413 8.41 1.74 4.17
CA GLY A 413 9.39 1.80 5.24
C GLY A 413 9.67 3.21 5.73
N MET A 414 9.83 4.14 4.80
CA MET A 414 10.03 5.55 5.15
C MET A 414 8.92 6.05 6.07
N THR A 415 7.67 5.77 5.70
CA THR A 415 6.53 6.33 6.43
C THR A 415 6.40 5.70 7.82
N ALA A 416 6.60 4.39 7.92
CA ALA A 416 6.54 3.72 9.24
C ALA A 416 7.76 4.04 10.11
N ILE A 417 8.93 4.26 9.49
CA ILE A 417 10.10 4.79 10.22
C ILE A 417 9.75 6.15 10.80
N ALA A 418 9.14 7.01 10.00
CA ALA A 418 8.76 8.35 10.47
C ALA A 418 7.74 8.27 11.60
N ASN A 419 6.86 7.28 11.57
CA ASN A 419 5.97 7.02 12.73
C ASN A 419 6.77 6.74 14.00
N GLY A 420 7.82 5.94 13.87
CA GLY A 420 8.73 5.71 15.01
C GLY A 420 9.44 6.96 15.47
N ILE A 421 9.84 7.80 14.52
CA ILE A 421 10.49 9.08 14.84
C ILE A 421 9.54 9.97 15.63
N SER A 422 8.30 10.10 15.17
CA SER A 422 7.33 10.94 15.89
C SER A 422 6.99 10.37 17.27
N LEU A 423 6.87 9.04 17.38
CA LEU A 423 6.56 8.40 18.65
C LEU A 423 7.68 8.58 19.67
N HIS A 424 8.92 8.67 19.18
CA HIS A 424 10.06 8.76 20.07
C HIS A 424 10.06 10.05 20.90
N GLY A 425 9.70 11.15 20.25
CA GLY A 425 9.83 12.47 20.86
C GLY A 425 11.14 13.11 20.44
N GLY A 426 11.12 14.45 20.34
CA GLY A 426 12.31 15.21 20.02
C GLY A 426 12.36 15.75 18.61
N PHE A 427 11.53 15.20 17.72
CA PHE A 427 11.58 15.52 16.29
C PHE A 427 10.21 15.79 15.70
N LEU A 428 10.21 16.46 14.55
CA LEU A 428 9.05 16.64 13.71
C LEU A 428 9.44 16.08 12.34
N PRO A 429 9.00 14.84 12.04
CA PRO A 429 9.40 14.25 10.77
C PRO A 429 8.55 14.74 9.59
N TYR A 430 9.21 14.91 8.45
CA TYR A 430 8.49 15.04 7.18
C TYR A 430 9.02 14.00 6.23
N THR A 431 8.10 13.45 5.43
CA THR A 431 8.46 12.42 4.46
C THR A 431 7.93 12.85 3.11
N SER A 432 8.39 12.22 2.03
CA SER A 432 8.04 12.68 0.70
C SER A 432 8.22 11.63 -0.38
N THR A 433 7.28 11.61 -1.32
CA THR A 433 7.37 10.85 -2.56
C THR A 433 6.34 11.46 -3.52
N PHE A 434 6.26 10.91 -4.73
CA PHE A 434 5.15 11.27 -5.64
C PHE A 434 3.86 10.76 -5.01
N LEU A 435 2.78 11.54 -5.16
CA LEU A 435 1.50 11.16 -4.57
C LEU A 435 1.08 9.74 -4.95
N MET A 436 1.32 9.31 -6.18
CA MET A 436 0.89 7.96 -6.57
C MET A 436 1.40 6.92 -5.58
N PHE A 437 2.65 7.11 -5.16
CA PHE A 437 3.33 6.10 -4.38
C PHE A 437 3.01 6.17 -2.89
N VAL A 438 2.10 7.08 -2.50
CA VAL A 438 1.40 6.95 -1.22
C VAL A 438 0.74 5.57 -1.15
N GLU A 439 0.36 5.02 -2.31
CA GLU A 439 -0.29 3.71 -2.33
C GLU A 439 0.62 2.59 -1.83
N TYR A 440 1.94 2.73 -2.03
CA TYR A 440 2.92 1.79 -1.48
C TYR A 440 2.98 1.89 0.05
N ALA A 441 2.72 3.08 0.59
CA ALA A 441 2.86 3.35 2.03
C ALA A 441 1.52 3.44 2.75
N ARG A 442 0.44 3.05 2.08
CA ARG A 442 -0.90 3.43 2.52
C ARG A 442 -1.22 3.08 3.96
N ASN A 443 -0.88 1.87 4.40
CA ASN A 443 -1.24 1.50 5.77
C ASN A 443 -0.43 2.22 6.84
N ALA A 444 0.79 2.62 6.51
CA ALA A 444 1.61 3.41 7.45
C ALA A 444 1.05 4.83 7.58
N VAL A 445 0.51 5.36 6.49
CA VAL A 445 -0.19 6.65 6.52
C VAL A 445 -1.40 6.53 7.45
N ARG A 446 -2.16 5.45 7.30
CA ARG A 446 -3.31 5.21 8.16
C ARG A 446 -2.89 5.10 9.61
N MET A 447 -1.79 4.37 9.86
CA MET A 447 -1.30 4.19 11.23
C MET A 447 -0.88 5.51 11.88
N ALA A 448 -0.34 6.45 11.12
CA ALA A 448 -0.02 7.77 11.66
C ALA A 448 -1.29 8.45 12.17
N ALA A 449 -2.37 8.35 11.40
CA ALA A 449 -3.66 8.92 11.78
C ALA A 449 -4.26 8.23 13.00
N LEU A 450 -4.24 6.90 12.99
CA LEU A 450 -4.75 6.11 14.11
C LEU A 450 -4.01 6.42 15.41
N MET A 451 -2.69 6.55 15.33
CA MET A 451 -1.86 6.81 16.50
C MET A 451 -1.77 8.29 16.89
N LYS A 452 -2.49 9.14 16.16
CA LYS A 452 -2.54 10.59 16.45
C LYS A 452 -1.16 11.25 16.41
N GLN A 453 -0.37 10.89 15.39
CA GLN A 453 1.02 11.34 15.27
C GLN A 453 1.19 12.50 14.31
N ARG A 454 2.04 13.45 14.71
CA ARG A 454 2.38 14.59 13.87
C ARG A 454 3.49 14.18 12.89
N GLN A 455 3.16 14.22 11.61
CA GLN A 455 4.09 13.95 10.51
C GLN A 455 3.56 14.73 9.31
N VAL A 456 4.42 15.48 8.64
CA VAL A 456 4.05 16.17 7.41
C VAL A 456 4.47 15.30 6.23
N MET A 457 3.49 14.98 5.38
CA MET A 457 3.67 14.08 4.25
C MET A 457 3.59 14.90 2.97
N VAL A 458 4.73 15.02 2.29
CA VAL A 458 4.90 15.93 1.18
C VAL A 458 4.73 15.14 -0.11
N TYR A 459 3.55 15.22 -0.71
CA TYR A 459 3.23 14.39 -1.89
C TYR A 459 3.12 15.23 -3.14
N THR A 460 4.15 15.16 -3.99
CA THR A 460 4.20 16.00 -5.18
C THR A 460 3.68 15.26 -6.41
N HIS A 461 3.61 15.95 -7.55
CA HIS A 461 3.20 15.34 -8.83
C HIS A 461 1.78 14.80 -8.68
N ASP A 462 0.87 15.71 -8.37
CA ASP A 462 -0.45 15.37 -7.84
C ASP A 462 -1.54 15.00 -8.84
N SER A 463 -1.29 15.14 -10.15
CA SER A 463 -2.36 14.93 -11.13
C SER A 463 -1.81 14.68 -12.51
N ILE A 464 -2.71 14.59 -13.49
CA ILE A 464 -2.35 14.59 -14.91
C ILE A 464 -1.44 15.77 -15.27
N GLY A 465 -1.42 16.81 -14.43
CA GLY A 465 -0.51 17.94 -14.62
C GLY A 465 0.96 17.58 -14.67
N LEU A 466 1.32 16.39 -14.18
CA LEU A 466 2.71 15.93 -14.27
C LEU A 466 3.11 15.56 -15.70
N GLY A 467 2.13 15.26 -16.56
CA GLY A 467 2.40 15.07 -17.98
C GLY A 467 2.87 13.70 -18.40
N GLU A 468 4.03 13.68 -19.08
CA GLU A 468 4.43 12.54 -19.91
C GLU A 468 4.68 11.19 -19.22
N ASP A 469 4.98 11.20 -17.91
CA ASP A 469 5.19 9.91 -17.24
C ASP A 469 3.97 8.98 -17.30
N GLY A 470 2.76 9.53 -17.44
CA GLY A 470 1.61 8.71 -17.80
C GLY A 470 0.83 8.09 -16.65
N PRO A 471 -0.14 7.20 -17.00
CA PRO A 471 -1.17 6.77 -16.04
C PRO A 471 -0.69 5.98 -14.82
N THR A 472 0.49 5.35 -14.89
CA THR A 472 1.04 4.66 -13.71
C THR A 472 1.51 5.65 -12.64
N HIS A 473 1.71 6.89 -13.04
CA HIS A 473 2.27 7.94 -12.17
C HIS A 473 1.22 9.01 -11.82
N GLN A 474 0.23 9.20 -12.69
CA GLN A 474 -0.74 10.30 -12.54
C GLN A 474 -1.85 9.97 -11.54
N PRO A 475 -1.84 10.61 -10.37
CA PRO A 475 -2.91 10.35 -9.41
C PRO A 475 -4.26 10.76 -9.95
N VAL A 476 -5.29 10.00 -9.55
CA VAL A 476 -6.67 10.35 -9.83
C VAL A 476 -7.49 10.21 -8.56
N GLU A 477 -7.44 9.03 -7.95
CA GLU A 477 -8.29 8.69 -6.82
C GLU A 477 -7.60 8.73 -5.45
N GLN A 478 -6.31 9.06 -5.43
CA GLN A 478 -5.53 9.03 -4.18
C GLN A 478 -5.90 10.13 -3.19
N VAL A 479 -6.17 11.34 -3.67
CA VAL A 479 -6.56 12.43 -2.75
C VAL A 479 -7.89 12.09 -2.06
N ALA A 480 -8.86 11.58 -2.81
CA ALA A 480 -10.15 11.19 -2.24
C ALA A 480 -9.98 10.18 -1.11
N SER A 481 -9.05 9.23 -1.28
CA SER A 481 -8.81 8.21 -0.25
C SER A 481 -8.25 8.82 1.02
N LEU A 482 -7.34 9.79 0.88
CA LEU A 482 -6.81 10.50 2.05
C LEU A 482 -7.89 11.32 2.75
N ARG A 483 -8.75 11.96 1.96
CA ARG A 483 -9.78 12.84 2.51
C ARG A 483 -10.78 12.12 3.40
N VAL A 484 -11.03 10.85 3.11
CA VAL A 484 -12.00 10.07 3.91
C VAL A 484 -11.31 9.21 4.99
N THR A 485 -10.03 9.43 5.22
CA THR A 485 -9.31 8.72 6.28
C THR A 485 -9.53 9.44 7.60
N PRO A 486 -10.09 8.76 8.61
CA PRO A 486 -10.26 9.44 9.91
C PRO A 486 -8.97 10.02 10.46
N ASN A 487 -9.08 11.23 11.00
CA ASN A 487 -7.95 11.97 11.60
C ASN A 487 -6.80 12.37 10.64
N MET A 488 -7.02 12.24 9.35
CA MET A 488 -6.07 12.74 8.36
C MET A 488 -6.42 14.17 8.00
N SER A 489 -5.39 15.02 7.87
CA SER A 489 -5.59 16.34 7.29
C SER A 489 -4.94 16.33 5.92
N THR A 490 -5.66 16.85 4.92
CA THR A 490 -5.22 16.84 3.53
C THR A 490 -5.38 18.23 2.94
N TRP A 491 -4.29 18.78 2.40
CA TRP A 491 -4.28 20.12 1.81
C TRP A 491 -3.83 20.05 0.36
N ARG A 492 -4.60 20.66 -0.53
CA ARG A 492 -4.24 20.77 -1.95
C ARG A 492 -4.16 22.28 -2.32
N PRO A 493 -3.02 22.92 -1.99
CA PRO A 493 -2.93 24.38 -2.15
C PRO A 493 -2.93 24.83 -3.61
N CYS A 494 -3.55 25.98 -3.87
CA CYS A 494 -3.66 26.48 -5.25
C CYS A 494 -2.53 27.40 -5.70
N ASP A 495 -1.69 27.82 -4.75
CA ASP A 495 -0.58 28.73 -5.04
C ASP A 495 0.43 28.72 -3.90
N GLN A 496 1.44 29.58 -3.98
CA GLN A 496 2.50 29.56 -2.98
C GLN A 496 2.05 29.98 -1.58
N VAL A 497 0.99 30.78 -1.54
CA VAL A 497 0.45 31.29 -0.29
C VAL A 497 -0.32 30.19 0.44
N GLU A 498 -1.26 29.54 -0.26
CA GLU A 498 -1.97 28.41 0.34
C GLU A 498 -0.97 27.32 0.74
N SER A 499 0.13 27.18 -0.01
CA SER A 499 1.14 26.17 0.30
C SER A 499 1.79 26.41 1.67
N ALA A 500 2.14 27.67 1.93
CA ALA A 500 2.75 28.04 3.21
C ALA A 500 1.77 27.89 4.37
N VAL A 501 0.50 28.24 4.14
CA VAL A 501 -0.54 28.06 5.16
C VAL A 501 -0.70 26.58 5.52
N ALA A 502 -0.69 25.73 4.48
CA ALA A 502 -0.82 24.29 4.65
C ALA A 502 0.36 23.71 5.42
N TRP A 503 1.58 24.13 5.07
CA TRP A 503 2.76 23.73 5.80
C TRP A 503 2.67 24.14 7.28
N LYS A 504 2.25 25.38 7.55
CA LYS A 504 2.08 25.85 8.92
C LYS A 504 1.07 25.01 9.68
N TYR A 505 -0.05 24.70 9.03
CA TYR A 505 -1.09 23.86 9.64
C TYR A 505 -0.51 22.50 10.00
N GLY A 506 0.26 21.93 9.08
CA GLY A 506 0.89 20.62 9.31
C GLY A 506 1.83 20.57 10.50
N VAL A 507 2.72 21.54 10.60
CA VAL A 507 3.68 21.54 11.71
C VAL A 507 3.03 21.88 13.05
N GLU A 508 1.89 22.58 13.01
CA GLU A 508 1.19 22.96 14.24
C GLU A 508 0.17 21.93 14.72
N ARG A 509 -0.11 20.92 13.90
CA ARG A 509 -0.95 19.81 14.36
C ARG A 509 -0.29 19.10 15.55
N GLN A 510 -1.06 18.82 16.58
CA GLN A 510 -0.52 18.16 17.76
C GLN A 510 -1.00 16.72 17.86
N ASP A 511 -1.96 16.34 17.02
CA ASP A 511 -2.66 15.08 17.23
C ASP A 511 -2.96 14.31 15.96
N GLY A 512 -2.22 14.59 14.90
CA GLY A 512 -2.38 13.81 13.68
C GLY A 512 -1.53 14.32 12.53
N PRO A 513 -1.47 13.54 11.44
CA PRO A 513 -0.63 13.84 10.28
C PRO A 513 -1.30 14.78 9.27
N THR A 514 -0.48 15.33 8.39
CA THR A 514 -0.95 16.28 7.39
C THR A 514 -0.30 15.95 6.05
N ALA A 515 -1.14 15.64 5.06
CA ALA A 515 -0.70 15.36 3.70
C ALA A 515 -0.82 16.61 2.85
N LEU A 516 0.26 16.98 2.19
CA LEU A 516 0.31 18.11 1.27
C LEU A 516 0.30 17.60 -0.14
N ILE A 517 -0.67 18.07 -0.92
CA ILE A 517 -0.91 17.60 -2.28
C ILE A 517 -0.40 18.66 -3.23
N LEU A 518 0.74 18.38 -3.85
CA LEU A 518 1.56 19.42 -4.51
C LEU A 518 1.80 19.16 -5.99
N SER A 519 1.86 20.24 -6.77
CA SER A 519 1.95 20.13 -8.23
C SER A 519 3.39 20.04 -8.71
N ARG A 520 3.56 19.37 -9.87
CA ARG A 520 4.82 19.45 -10.62
C ARG A 520 4.93 20.80 -11.32
N GLN A 521 3.80 21.28 -11.86
CA GLN A 521 3.75 22.44 -12.75
C GLN A 521 3.44 23.75 -12.04
N ASN A 522 3.82 24.88 -12.66
CA ASN A 522 3.61 26.20 -12.07
C ASN A 522 2.14 26.56 -11.85
N LEU A 523 1.85 27.18 -10.71
CA LEU A 523 0.49 27.60 -10.35
C LEU A 523 0.45 29.11 -10.16
N ALA A 524 -0.55 29.75 -10.76
CA ALA A 524 -0.72 31.19 -10.63
C ALA A 524 -1.12 31.56 -9.20
N GLN A 525 -0.64 32.72 -8.75
CA GLN A 525 -1.01 33.23 -7.43
C GLN A 525 -2.31 34.02 -7.50
N GLN A 526 -3.21 33.76 -6.55
CA GLN A 526 -4.47 34.48 -6.46
C GLN A 526 -4.35 35.71 -5.57
N GLU A 527 -5.06 36.77 -5.95
CA GLU A 527 -5.18 37.96 -5.11
C GLU A 527 -6.10 37.67 -3.93
N ARG A 528 -5.76 38.22 -2.77
CA ARG A 528 -6.54 38.02 -1.55
C ARG A 528 -6.61 39.27 -0.70
N THR A 529 -7.78 39.53 -0.15
CA THR A 529 -7.94 40.52 0.93
C THR A 529 -7.31 39.98 2.22
N GLU A 530 -7.18 40.84 3.22
CA GLU A 530 -6.71 40.37 4.53
C GLU A 530 -7.61 39.28 5.10
N GLU A 531 -8.93 39.43 4.93
CA GLU A 531 -9.87 38.43 5.45
C GLU A 531 -9.71 37.08 4.73
N GLN A 532 -9.58 37.12 3.40
CA GLN A 532 -9.36 35.89 2.62
C GLN A 532 -8.05 35.21 3.01
N LEU A 533 -6.99 36.00 3.14
CA LEU A 533 -5.69 35.49 3.55
C LEU A 533 -5.79 34.75 4.89
N ALA A 534 -6.46 35.35 5.87
CA ALA A 534 -6.65 34.71 7.18
C ALA A 534 -7.52 33.46 7.09
N ASN A 535 -8.45 33.44 6.13
CA ASN A 535 -9.40 32.32 6.01
C ASN A 535 -8.87 31.10 5.26
N ILE A 536 -7.69 31.21 4.64
CA ILE A 536 -7.07 30.02 4.02
C ILE A 536 -6.97 28.90 5.06
N ALA A 537 -6.56 29.24 6.28
CA ALA A 537 -6.41 28.27 7.36
C ALA A 537 -7.71 27.59 7.77
N ARG A 538 -8.84 28.14 7.34
CA ARG A 538 -10.16 27.54 7.60
C ARG A 538 -10.54 26.49 6.54
N GLY A 539 -9.63 26.23 5.59
CA GLY A 539 -9.76 25.08 4.69
C GLY A 539 -10.60 25.32 3.46
N GLY A 540 -11.62 26.18 3.57
CA GLY A 540 -12.45 26.56 2.43
C GLY A 540 -12.85 28.00 2.65
N TYR A 541 -12.82 28.81 1.58
CA TYR A 541 -13.15 30.24 1.72
C TYR A 541 -13.62 30.79 0.39
N VAL A 542 -14.35 31.92 0.47
CA VAL A 542 -14.80 32.62 -0.72
C VAL A 542 -13.63 33.40 -1.32
N LEU A 543 -13.23 33.00 -2.53
CA LEU A 543 -12.14 33.64 -3.25
C LEU A 543 -12.62 34.74 -4.21
N LYS A 544 -13.69 34.45 -4.96
CA LYS A 544 -14.33 35.42 -5.85
C LYS A 544 -15.82 35.41 -5.55
N ASP A 545 -16.45 36.57 -5.58
CA ASP A 545 -17.86 36.63 -5.14
C ASP A 545 -18.71 37.50 -6.05
N CYS A 546 -20.00 37.56 -5.71
CA CYS A 546 -20.96 38.43 -6.34
C CYS A 546 -21.69 39.21 -5.24
N ALA A 547 -22.42 40.25 -5.64
CA ALA A 547 -23.33 40.93 -4.74
C ALA A 547 -24.59 40.08 -4.56
N GLY A 548 -25.01 39.87 -3.31
CA GLY A 548 -26.20 39.10 -3.02
C GLY A 548 -25.96 37.60 -3.08
N GLN A 549 -27.05 36.84 -2.97
CA GLN A 549 -26.98 35.38 -2.97
C GLN A 549 -26.51 34.87 -4.34
N PRO A 550 -25.46 34.03 -4.34
CA PRO A 550 -25.01 33.49 -5.63
C PRO A 550 -26.05 32.60 -6.33
N GLU A 551 -26.02 32.64 -7.66
CA GLU A 551 -26.82 31.73 -8.47
CA GLU A 551 -26.78 31.77 -8.54
C GLU A 551 -26.00 30.50 -8.81
N LEU A 552 -24.68 30.60 -8.69
CA LEU A 552 -23.77 29.55 -9.12
C LEU A 552 -22.49 29.62 -8.30
N ILE A 553 -22.07 28.47 -7.77
CA ILE A 553 -20.84 28.41 -6.99
C ILE A 553 -19.88 27.37 -7.58
N PHE A 554 -18.68 27.81 -7.94
CA PHE A 554 -17.59 26.90 -8.28
C PHE A 554 -16.84 26.55 -7.01
N ILE A 555 -16.51 25.28 -6.86
CA ILE A 555 -15.68 24.80 -5.74
C ILE A 555 -14.47 24.16 -6.38
N ALA A 556 -13.28 24.71 -6.11
CA ALA A 556 -12.06 24.25 -6.79
C ALA A 556 -10.91 24.12 -5.81
N THR A 557 -9.93 23.31 -6.20
CA THR A 557 -8.76 23.05 -5.38
C THR A 557 -7.50 23.11 -6.24
N GLY A 558 -6.36 23.39 -5.61
CA GLY A 558 -5.06 23.18 -6.24
C GLY A 558 -4.94 23.85 -7.58
N SER A 559 -4.38 23.12 -8.54
CA SER A 559 -4.12 23.65 -9.88
C SER A 559 -5.38 24.07 -10.64
N GLU A 560 -6.55 23.66 -10.18
CA GLU A 560 -7.80 23.96 -10.90
C GLU A 560 -8.49 25.25 -10.45
N VAL A 561 -7.99 25.91 -9.41
CA VAL A 561 -8.56 27.18 -8.99
C VAL A 561 -8.48 28.23 -10.12
N GLU A 562 -7.35 28.28 -10.82
CA GLU A 562 -7.19 29.26 -11.91
C GLU A 562 -8.26 29.06 -12.98
N LEU A 563 -8.50 27.80 -13.35
CA LEU A 563 -9.52 27.45 -14.33
C LEU A 563 -10.91 27.87 -13.86
N ALA A 564 -11.24 27.57 -12.61
CA ALA A 564 -12.52 27.98 -12.03
C ALA A 564 -12.67 29.51 -12.04
N VAL A 565 -11.61 30.23 -11.71
CA VAL A 565 -11.64 31.70 -11.75
C VAL A 565 -11.91 32.20 -13.18
N ALA A 566 -11.29 31.59 -14.18
CA ALA A 566 -11.51 31.98 -15.57
C ALA A 566 -12.97 31.76 -15.98
N ALA A 567 -13.55 30.63 -15.58
CA ALA A 567 -14.98 30.37 -15.83
C ALA A 567 -15.87 31.39 -15.12
N TYR A 568 -15.52 31.69 -13.87
CA TYR A 568 -16.22 32.73 -13.12
C TYR A 568 -16.19 34.08 -13.83
N GLU A 569 -15.05 34.45 -14.41
CA GLU A 569 -14.95 35.76 -15.07
C GLU A 569 -15.86 35.81 -16.30
N LYS A 570 -15.90 34.73 -17.06
CA LYS A 570 -16.75 34.66 -18.25
C LYS A 570 -18.22 34.75 -17.89
N LEU A 571 -18.63 34.00 -16.88
CA LEU A 571 -20.05 34.00 -16.48
C LEU A 571 -20.45 35.30 -15.80
N THR A 572 -19.54 35.87 -15.00
CA THR A 572 -19.79 37.19 -14.38
C THR A 572 -20.04 38.26 -15.45
N ALA A 573 -19.26 38.23 -16.53
CA ALA A 573 -19.43 39.19 -17.64
C ALA A 573 -20.78 39.04 -18.34
N GLU A 574 -21.32 37.83 -18.35
CA GLU A 574 -22.67 37.58 -18.88
C GLU A 574 -23.76 38.05 -17.93
N GLY A 575 -23.39 38.33 -16.68
CA GLY A 575 -24.37 38.76 -15.68
C GLY A 575 -24.85 37.68 -14.73
N VAL A 576 -24.14 36.55 -14.67
CA VAL A 576 -24.45 35.51 -13.69
C VAL A 576 -23.87 35.95 -12.34
N LYS A 577 -24.65 35.76 -11.27
CA LYS A 577 -24.17 35.96 -9.91
C LYS A 577 -23.37 34.73 -9.50
N ALA A 578 -22.09 34.76 -9.82
CA ALA A 578 -21.21 33.61 -9.61
C ALA A 578 -20.25 33.82 -8.45
N ARG A 579 -19.81 32.71 -7.88
CA ARG A 579 -18.85 32.68 -6.79
C ARG A 579 -17.80 31.60 -7.04
N VAL A 580 -16.58 31.84 -6.60
CA VAL A 580 -15.55 30.80 -6.55
C VAL A 580 -15.13 30.59 -5.11
N VAL A 581 -15.25 29.34 -4.67
CA VAL A 581 -14.74 28.88 -3.38
C VAL A 581 -13.43 28.10 -3.62
N SER A 582 -12.35 28.51 -2.96
CA SER A 582 -11.14 27.70 -2.94
C SER A 582 -11.23 26.79 -1.71
N MET A 583 -11.05 25.49 -1.93
CA MET A 583 -11.18 24.48 -0.87
CA MET A 583 -11.15 24.52 -0.83
C MET A 583 -9.85 23.70 -0.68
N PRO A 584 -8.79 24.38 -0.19
CA PRO A 584 -7.52 23.66 -0.01
C PRO A 584 -7.60 22.49 0.97
N SER A 585 -8.46 22.56 1.99
CA SER A 585 -8.60 21.44 2.91
C SER A 585 -10.05 21.21 3.33
N THR A 586 -10.61 20.11 2.84
CA THR A 586 -11.96 19.71 3.20
C THR A 586 -12.10 19.42 4.71
N ASP A 587 -11.07 18.82 5.32
CA ASP A 587 -11.16 18.50 6.74
C ASP A 587 -11.14 19.75 7.62
N ALA A 588 -10.29 20.72 7.28
CA ALA A 588 -10.27 21.98 8.03
C ALA A 588 -11.58 22.76 7.84
N PHE A 589 -12.15 22.71 6.63
CA PHE A 589 -13.44 23.34 6.35
C PHE A 589 -14.54 22.69 7.17
N ASP A 590 -14.58 21.36 7.17
CA ASP A 590 -15.66 20.64 7.85
C ASP A 590 -15.68 20.93 9.35
N LYS A 591 -14.52 21.22 9.94
CA LYS A 591 -14.39 21.49 11.37
C LYS A 591 -14.81 22.92 11.75
N GLN A 592 -15.05 23.75 10.75
CA GLN A 592 -15.48 25.13 11.02
C GLN A 592 -16.91 25.16 11.57
N ASP A 593 -17.23 26.25 12.26
CA ASP A 593 -18.60 26.42 12.73
CA ASP A 593 -18.60 26.54 12.72
C ASP A 593 -19.59 26.52 11.57
N ALA A 594 -20.84 26.17 11.84
CA ALA A 594 -21.85 26.13 10.80
C ALA A 594 -22.14 27.47 10.15
N ALA A 595 -22.00 28.57 10.91
CA ALA A 595 -22.21 29.89 10.32
C ALA A 595 -21.15 30.19 9.26
N TYR A 596 -19.89 29.82 9.56
CA TYR A 596 -18.83 29.99 8.57
C TYR A 596 -19.09 29.13 7.33
N ARG A 597 -19.42 27.85 7.54
CA ARG A 597 -19.66 26.96 6.40
C ARG A 597 -20.81 27.46 5.52
N GLU A 598 -21.87 27.95 6.17
CA GLU A 598 -22.99 28.57 5.47
C GLU A 598 -22.62 29.83 4.68
N SER A 599 -21.69 30.64 5.22
CA SER A 599 -21.20 31.84 4.51
C SER A 599 -20.47 31.48 3.22
N VAL A 600 -19.87 30.29 3.16
CA VAL A 600 -19.06 29.86 2.02
C VAL A 600 -19.90 29.05 1.03
N LEU A 601 -20.61 28.05 1.55
CA LEU A 601 -21.52 27.21 0.76
C LEU A 601 -22.95 27.30 1.29
N PRO A 602 -23.66 28.38 0.95
CA PRO A 602 -25.02 28.53 1.47
C PRO A 602 -25.92 27.38 1.06
N LYS A 603 -26.66 26.84 2.04
CA LYS A 603 -27.52 25.67 1.83
C LYS A 603 -28.58 25.85 0.75
N ALA A 604 -29.05 27.08 0.55
CA ALA A 604 -30.07 27.35 -0.46
C ALA A 604 -29.55 27.32 -1.89
N VAL A 605 -28.22 27.41 -2.06
CA VAL A 605 -27.62 27.45 -3.40
C VAL A 605 -27.17 26.05 -3.78
N THR A 606 -27.95 25.41 -4.65
CA THR A 606 -27.72 24.02 -5.05
C THR A 606 -26.92 23.90 -6.34
N ALA A 607 -26.82 25.00 -7.09
CA ALA A 607 -26.09 25.01 -8.35
C ALA A 607 -24.59 25.16 -8.08
N ARG A 608 -23.96 24.03 -7.80
CA ARG A 608 -22.56 23.96 -7.40
C ARG A 608 -21.79 23.14 -8.39
N VAL A 609 -20.64 23.66 -8.82
CA VAL A 609 -19.78 22.96 -9.77
C VAL A 609 -18.41 22.76 -9.14
N ALA A 610 -18.04 21.50 -8.90
CA ALA A 610 -16.72 21.18 -8.41
C ALA A 610 -15.75 21.03 -9.57
N VAL A 611 -14.54 21.53 -9.39
CA VAL A 611 -13.49 21.45 -10.42
C VAL A 611 -12.18 20.99 -9.77
N GLU A 612 -11.75 19.79 -10.14
CA GLU A 612 -10.52 19.19 -9.60
C GLU A 612 -10.06 18.07 -10.52
N ALA A 613 -8.76 18.03 -10.80
CA ALA A 613 -8.19 16.96 -11.62
C ALA A 613 -7.96 15.71 -10.77
N GLY A 614 -9.06 15.17 -10.26
CA GLY A 614 -9.06 13.95 -9.45
C GLY A 614 -10.42 13.30 -9.57
N ILE A 615 -10.61 12.17 -8.91
CA ILE A 615 -11.80 11.37 -9.13
C ILE A 615 -13.08 12.16 -8.80
N ALA A 616 -14.04 12.12 -9.71
CA ALA A 616 -15.24 12.93 -9.56
C ALA A 616 -16.11 12.53 -8.37
N ASP A 617 -16.18 11.23 -8.07
CA ASP A 617 -17.13 10.71 -7.08
C ASP A 617 -17.00 11.35 -5.69
N TYR A 618 -15.80 11.82 -5.36
CA TYR A 618 -15.61 12.43 -4.05
C TYR A 618 -16.55 13.62 -3.85
N TRP A 619 -16.76 14.38 -4.92
CA TRP A 619 -17.31 15.73 -4.80
C TRP A 619 -18.81 15.83 -4.55
N TYR A 620 -19.50 14.70 -4.63
CA TYR A 620 -20.92 14.65 -4.28
C TYR A 620 -21.15 15.12 -2.85
N LYS A 621 -20.13 14.96 -1.99
CA LYS A 621 -20.19 15.45 -0.62
C LYS A 621 -20.54 16.95 -0.57
N TYR A 622 -20.01 17.73 -1.50
CA TYR A 622 -20.27 19.17 -1.52
C TYR A 622 -21.24 19.66 -2.60
N VAL A 623 -21.44 18.88 -3.67
CA VAL A 623 -22.34 19.32 -4.76
C VAL A 623 -23.70 18.62 -4.74
N GLY A 624 -23.80 17.54 -3.99
CA GLY A 624 -25.05 16.78 -3.89
C GLY A 624 -25.52 16.22 -5.23
N LEU A 625 -26.83 16.07 -5.36
CA LEU A 625 -27.41 15.44 -6.55
C LEU A 625 -27.82 16.44 -7.63
N ASN A 626 -27.71 17.73 -7.35
CA ASN A 626 -28.21 18.75 -8.28
C ASN A 626 -27.13 19.72 -8.73
N GLY A 627 -25.89 19.25 -8.68
CA GLY A 627 -24.75 20.04 -9.14
C GLY A 627 -24.05 19.41 -10.32
N ALA A 628 -22.77 19.74 -10.46
CA ALA A 628 -21.96 19.22 -11.54
C ALA A 628 -20.54 19.05 -11.05
N ILE A 629 -19.82 18.13 -11.68
CA ILE A 629 -18.43 17.88 -11.32
C ILE A 629 -17.60 17.80 -12.57
N VAL A 630 -16.59 18.65 -12.64
CA VAL A 630 -15.57 18.61 -13.69
C VAL A 630 -14.34 17.95 -13.07
N GLY A 631 -14.25 16.64 -13.29
CA GLY A 631 -13.24 15.82 -12.62
C GLY A 631 -12.73 14.75 -13.56
N MET A 632 -11.99 13.80 -12.99
CA MET A 632 -11.54 12.62 -13.71
C MET A 632 -12.46 11.44 -13.41
N THR A 633 -12.69 10.59 -14.41
CA THR A 633 -13.47 9.37 -14.20
C THR A 633 -12.72 8.14 -14.75
N THR A 634 -11.48 8.38 -15.16
CA THR A 634 -10.65 7.38 -15.82
C THR A 634 -9.22 7.51 -15.35
N PHE A 635 -8.38 6.54 -15.72
CA PHE A 635 -6.94 6.69 -15.61
C PHE A 635 -6.45 7.77 -16.57
N GLY A 636 -5.24 8.26 -16.34
CA GLY A 636 -4.63 9.27 -17.22
C GLY A 636 -4.08 8.70 -18.52
N GLU A 637 -3.21 9.47 -19.17
CA GLU A 637 -2.57 9.08 -20.44
C GLU A 637 -1.19 9.74 -20.48
N SER A 638 -0.26 9.13 -21.24
CA SER A 638 1.08 9.70 -21.42
C SER A 638 1.09 10.77 -22.52
N ALA A 639 1.24 12.02 -22.12
CA ALA A 639 1.27 13.18 -23.04
C ALA A 639 1.67 14.43 -22.26
N PRO A 640 2.09 15.51 -22.97
CA PRO A 640 2.31 16.77 -22.27
C PRO A 640 1.08 17.24 -21.49
N ALA A 641 1.33 17.82 -20.32
CA ALA A 641 0.27 18.26 -19.39
C ALA A 641 -0.82 19.12 -20.04
N GLU A 642 -0.42 20.11 -20.84
CA GLU A 642 -1.39 21.03 -21.46
C GLU A 642 -2.39 20.25 -22.31
N LEU A 643 -1.90 19.25 -23.05
CA LEU A 643 -2.77 18.46 -23.91
C LEU A 643 -3.67 17.53 -23.11
N LEU A 644 -3.16 17.01 -21.98
CA LEU A 644 -3.99 16.20 -21.10
C LEU A 644 -5.13 16.98 -20.46
N PHE A 645 -4.85 18.20 -19.98
CA PHE A 645 -5.90 19.01 -19.38
C PHE A 645 -7.01 19.26 -20.41
N GLU A 646 -6.60 19.53 -21.65
CA GLU A 646 -7.57 19.72 -22.72
C GLU A 646 -8.37 18.44 -22.99
N GLU A 647 -7.67 17.33 -23.17
CA GLU A 647 -8.29 16.03 -23.47
C GLU A 647 -9.33 15.63 -22.42
N PHE A 648 -9.04 15.91 -21.14
CA PHE A 648 -9.90 15.47 -20.05
C PHE A 648 -10.95 16.48 -19.59
N GLY A 649 -11.04 17.60 -20.32
CA GLY A 649 -12.14 18.55 -20.09
C GLY A 649 -11.85 19.68 -19.14
N PHE A 650 -10.57 19.87 -18.79
CA PHE A 650 -10.18 20.98 -17.92
C PHE A 650 -9.91 22.22 -18.77
N THR A 651 -11.00 22.71 -19.36
CA THR A 651 -10.96 23.87 -20.24
C THR A 651 -12.01 24.85 -19.78
N VAL A 652 -11.81 26.14 -20.08
CA VAL A 652 -12.79 27.15 -19.73
C VAL A 652 -14.14 26.83 -20.40
N ASP A 653 -14.11 26.47 -21.69
CA ASP A 653 -15.34 26.15 -22.42
C ASP A 653 -16.13 25.03 -21.76
N ASN A 654 -15.46 23.97 -21.34
CA ASN A 654 -16.17 22.85 -20.73
C ASN A 654 -16.71 23.19 -19.34
N VAL A 655 -15.91 23.89 -18.54
CA VAL A 655 -16.36 24.31 -17.22
C VAL A 655 -17.58 25.25 -17.32
N VAL A 656 -17.50 26.22 -18.24
CA VAL A 656 -18.62 27.12 -18.50
C VAL A 656 -19.87 26.36 -18.99
N ALA A 657 -19.67 25.44 -19.93
CA ALA A 657 -20.79 24.63 -20.45
C ALA A 657 -21.49 23.80 -19.36
N LYS A 658 -20.70 23.16 -18.49
CA LYS A 658 -21.29 22.38 -17.40
C LYS A 658 -22.04 23.26 -16.40
N ALA A 659 -21.52 24.46 -16.14
CA ALA A 659 -22.21 25.45 -15.31
C ALA A 659 -23.52 25.91 -15.94
N LYS A 660 -23.50 26.19 -17.24
CA LYS A 660 -24.71 26.64 -17.94
C LYS A 660 -25.81 25.56 -17.95
N GLU A 661 -25.41 24.28 -17.97
CA GLU A 661 -26.37 23.17 -17.83
C GLU A 661 -27.17 23.22 -16.53
N LEU A 662 -26.54 23.61 -15.41
CA LEU A 662 -27.22 23.71 -14.11
C LEU A 662 -28.19 24.86 -14.02
N LEU A 663 -27.86 25.96 -14.69
CA LEU A 663 -28.68 27.15 -14.64
C LEU A 663 -29.79 27.06 -15.68
N SER B 2 28.08 -6.17 -38.75
CA SER B 2 28.31 -5.20 -37.63
C SER B 2 28.80 -5.93 -36.40
N SER B 3 29.56 -5.23 -35.56
CA SER B 3 29.95 -5.80 -34.27
C SER B 3 28.73 -5.81 -33.33
N ARG B 4 28.81 -6.61 -32.28
CA ARG B 4 27.76 -6.64 -31.27
C ARG B 4 27.59 -5.26 -30.63
N LYS B 5 28.69 -4.56 -30.40
CA LYS B 5 28.62 -3.20 -29.85
C LYS B 5 27.87 -2.24 -30.77
N GLU B 6 28.13 -2.32 -32.07
CA GLU B 6 27.40 -1.50 -33.04
C GLU B 6 25.90 -1.77 -33.01
N LEU B 7 25.54 -3.05 -32.92
CA LEU B 7 24.13 -3.43 -32.88
C LEU B 7 23.47 -2.92 -31.60
N ALA B 8 24.18 -3.02 -30.49
CA ALA B 8 23.70 -2.47 -29.21
C ALA B 8 23.60 -0.95 -29.28
N ASN B 9 24.52 -0.29 -29.99
CA ASN B 9 24.48 1.15 -30.14
C ASN B 9 23.23 1.68 -30.87
N ALA B 10 22.60 0.84 -31.70
CA ALA B 10 21.34 1.19 -32.33
C ALA B 10 20.27 1.51 -31.28
N ILE B 11 20.24 0.72 -30.21
CA ILE B 11 19.35 0.98 -29.07
C ILE B 11 19.71 2.32 -28.42
N ARG B 12 21.00 2.55 -28.23
CA ARG B 12 21.45 3.79 -27.59
C ARG B 12 21.03 5.03 -28.39
N ALA B 13 21.20 4.95 -29.71
CA ALA B 13 20.85 6.05 -30.59
C ALA B 13 19.34 6.32 -30.61
N LEU B 14 18.55 5.27 -30.85
CA LEU B 14 17.10 5.44 -30.88
C LEU B 14 16.56 5.98 -29.54
N SER B 15 17.15 5.51 -28.45
CA SER B 15 16.71 5.92 -27.11
C SER B 15 17.04 7.36 -26.81
N MET B 16 18.30 7.76 -26.99
CA MET B 16 18.64 9.16 -26.71
C MET B 16 17.93 10.15 -27.66
N ASP B 17 17.79 9.76 -28.93
CA ASP B 17 17.13 10.61 -29.92
C ASP B 17 15.63 10.74 -29.68
N ALA B 18 14.97 9.63 -29.31
CA ALA B 18 13.53 9.68 -29.03
C ALA B 18 13.22 10.51 -27.80
N VAL B 19 14.04 10.36 -26.76
CA VAL B 19 13.93 11.17 -25.55
C VAL B 19 14.14 12.65 -25.89
N GLN B 20 15.12 12.93 -26.74
CA GLN B 20 15.41 14.31 -27.11
C GLN B 20 14.24 14.97 -27.85
N LYS B 21 13.67 14.25 -28.82
CA LYS B 21 12.54 14.77 -29.58
C LYS B 21 11.32 15.04 -28.67
N ALA B 22 11.09 14.15 -27.71
CA ALA B 22 9.98 14.30 -26.77
C ALA B 22 10.26 15.39 -25.72
N LYS B 23 11.53 15.76 -25.59
CA LYS B 23 11.98 16.68 -24.53
C LYS B 23 11.58 16.15 -23.14
N SER B 24 11.57 14.82 -23.02
CA SER B 24 11.06 14.15 -21.83
C SER B 24 11.47 12.69 -21.90
N GLY B 25 11.81 12.12 -20.75
CA GLY B 25 12.15 10.71 -20.70
C GLY B 25 13.51 10.39 -20.13
N HIS B 26 13.85 9.10 -20.18
CA HIS B 26 14.93 8.52 -19.41
C HIS B 26 15.93 7.80 -20.31
N PRO B 27 17.03 8.47 -20.69
CA PRO B 27 18.03 7.83 -21.57
C PRO B 27 19.05 6.94 -20.84
N GLY B 28 19.21 7.15 -19.54
CA GLY B 28 20.27 6.49 -18.78
C GLY B 28 20.25 4.98 -18.80
N ALA B 29 19.13 4.39 -18.37
CA ALA B 29 19.03 2.93 -18.28
C ALA B 29 19.08 2.24 -19.66
N PRO B 30 18.33 2.76 -20.66
CA PRO B 30 18.48 2.16 -22.01
C PRO B 30 19.93 2.16 -22.50
N MET B 31 20.66 3.25 -22.27
CA MET B 31 22.06 3.31 -22.69
C MET B 31 22.94 2.38 -21.85
N GLY B 32 22.66 2.29 -20.55
CA GLY B 32 23.38 1.37 -19.69
C GLY B 32 23.13 -0.12 -19.96
N MET B 33 21.92 -0.47 -20.38
CA MET B 33 21.56 -1.88 -20.56
C MET B 33 21.57 -2.40 -21.99
N ALA B 34 21.95 -1.54 -22.95
CA ALA B 34 21.87 -1.92 -24.36
C ALA B 34 22.67 -3.18 -24.74
N ASP B 35 23.85 -3.35 -24.15
CA ASP B 35 24.67 -4.52 -24.46
C ASP B 35 24.07 -5.82 -23.92
N ILE B 36 23.50 -5.75 -22.71
CA ILE B 36 22.80 -6.88 -22.12
C ILE B 36 21.58 -7.25 -22.98
N ALA B 37 20.82 -6.23 -23.39
CA ALA B 37 19.63 -6.46 -24.22
C ALA B 37 19.99 -7.10 -25.57
N GLU B 38 21.08 -6.64 -26.18
CA GLU B 38 21.49 -7.19 -27.46
C GLU B 38 21.79 -8.69 -27.36
N VAL B 39 22.52 -9.09 -26.32
CA VAL B 39 22.82 -10.51 -26.12
C VAL B 39 21.55 -11.32 -25.84
N LEU B 40 20.72 -10.84 -24.89
CA LEU B 40 19.53 -11.59 -24.52
C LEU B 40 18.61 -11.76 -25.73
N TRP B 41 18.32 -10.66 -26.40
CA TRP B 41 17.33 -10.69 -27.48
C TRP B 41 17.84 -11.38 -28.74
N ARG B 42 19.09 -11.13 -29.11
CA ARG B 42 19.61 -11.73 -30.36
C ARG B 42 20.06 -13.18 -30.22
N ASP B 43 20.56 -13.55 -29.04
CA ASP B 43 21.09 -14.92 -28.86
C ASP B 43 20.19 -15.92 -28.13
N PHE B 44 19.26 -15.43 -27.31
CA PHE B 44 18.50 -16.33 -26.44
C PHE B 44 16.97 -16.27 -26.55
N LEU B 45 16.42 -15.07 -26.64
CA LEU B 45 14.98 -14.91 -26.52
C LEU B 45 14.21 -15.69 -27.59
N LYS B 46 13.27 -16.51 -27.14
CA LYS B 46 12.42 -17.28 -28.04
C LYS B 46 11.11 -16.54 -28.26
N HIS B 47 10.96 -15.92 -29.43
CA HIS B 47 9.82 -15.06 -29.69
C HIS B 47 9.54 -14.93 -31.18
N ASN B 48 8.31 -14.57 -31.50
CA ASN B 48 7.91 -14.31 -32.88
C ASN B 48 7.29 -12.92 -33.01
N PRO B 49 8.02 -11.95 -33.60
CA PRO B 49 7.49 -10.61 -33.78
C PRO B 49 6.16 -10.56 -34.52
N GLN B 50 5.91 -11.53 -35.38
CA GLN B 50 4.66 -11.56 -36.15
C GLN B 50 3.48 -12.17 -35.38
N ASN B 51 3.77 -12.81 -34.24
CA ASN B 51 2.71 -13.23 -33.33
C ASN B 51 3.08 -13.04 -31.86
N PRO B 52 2.90 -11.81 -31.34
CA PRO B 52 3.20 -11.54 -29.94
C PRO B 52 2.37 -12.35 -28.93
N SER B 53 1.34 -13.04 -29.40
CA SER B 53 0.47 -13.82 -28.52
C SER B 53 0.79 -15.33 -28.54
N TRP B 54 1.86 -15.71 -29.22
CA TRP B 54 2.27 -17.11 -29.28
C TRP B 54 2.34 -17.69 -27.88
N ALA B 55 1.58 -18.77 -27.65
CA ALA B 55 1.39 -19.29 -26.30
C ALA B 55 2.68 -19.69 -25.58
N ASP B 56 3.66 -20.20 -26.34
CA ASP B 56 4.88 -20.75 -25.75
C ASP B 56 6.11 -19.85 -25.88
N ARG B 57 5.89 -18.58 -26.20
CA ARG B 57 6.99 -17.60 -26.27
C ARG B 57 7.64 -17.41 -24.90
N ASP B 58 8.93 -17.11 -24.88
CA ASP B 58 9.54 -16.58 -23.66
C ASP B 58 8.85 -15.25 -23.31
N ARG B 59 8.83 -14.92 -22.02
CA ARG B 59 8.29 -13.63 -21.57
C ARG B 59 9.44 -12.75 -21.09
N PHE B 60 9.48 -11.50 -21.55
CA PHE B 60 10.44 -10.51 -21.08
C PHE B 60 9.72 -9.40 -20.32
N VAL B 61 10.31 -8.99 -19.20
CA VAL B 61 9.74 -7.91 -18.38
C VAL B 61 10.79 -6.84 -18.05
N LEU B 62 10.46 -5.59 -18.35
CA LEU B 62 11.29 -4.45 -18.00
C LEU B 62 10.79 -3.86 -16.67
N SER B 63 11.37 -4.32 -15.56
CA SER B 63 10.92 -3.86 -14.23
C SER B 63 11.35 -2.43 -13.96
N ASN B 64 12.54 -2.05 -14.45
CA ASN B 64 12.95 -0.65 -14.44
C ASN B 64 12.32 0.09 -15.64
N GLY B 65 11.01 0.26 -15.57
CA GLY B 65 10.18 0.64 -16.71
C GLY B 65 10.37 2.05 -17.24
N HIS B 66 10.98 2.92 -16.42
CA HIS B 66 11.36 4.24 -16.88
C HIS B 66 12.27 4.18 -18.11
N GLY B 67 13.03 3.10 -18.23
CA GLY B 67 13.84 2.88 -19.44
C GLY B 67 13.05 2.36 -20.62
N SER B 68 11.85 2.93 -20.81
CA SER B 68 10.89 2.46 -21.82
C SER B 68 11.45 2.45 -23.25
N MET B 69 12.33 3.40 -23.59
CA MET B 69 12.90 3.39 -24.93
C MET B 69 13.75 2.15 -25.23
N LEU B 70 14.23 1.48 -24.19
CA LEU B 70 14.93 0.20 -24.37
C LEU B 70 14.00 -0.82 -25.01
N ILE B 71 12.82 -1.00 -24.44
CA ILE B 71 11.90 -1.99 -25.01
C ILE B 71 11.32 -1.54 -26.37
N TYR B 72 11.05 -0.25 -26.53
CA TYR B 72 10.56 0.21 -27.83
C TYR B 72 11.61 0.00 -28.93
N SER B 73 12.88 0.27 -28.61
CA SER B 73 13.98 0.00 -29.54
C SER B 73 14.04 -1.47 -29.93
N LEU B 74 13.97 -2.34 -28.92
CA LEU B 74 14.03 -3.78 -29.17
C LEU B 74 12.88 -4.28 -30.02
N LEU B 75 11.66 -3.85 -29.70
CA LEU B 75 10.48 -4.27 -30.47
C LEU B 75 10.54 -3.76 -31.91
N HIS B 76 10.93 -2.50 -32.08
CA HIS B 76 11.09 -1.94 -33.42
C HIS B 76 12.15 -2.66 -34.23
N LEU B 77 13.35 -2.80 -33.65
CA LEU B 77 14.47 -3.40 -34.36
C LEU B 77 14.26 -4.87 -34.74
N THR B 78 13.59 -5.62 -33.87
CA THR B 78 13.40 -7.06 -34.13
C THR B 78 12.20 -7.35 -35.05
N GLY B 79 11.42 -6.34 -35.39
CA GLY B 79 10.37 -6.50 -36.42
C GLY B 79 8.93 -6.60 -35.95
N TYR B 80 8.66 -6.19 -34.71
CA TYR B 80 7.28 -6.10 -34.23
C TYR B 80 6.57 -4.96 -34.96
N ASP B 81 5.24 -4.96 -34.88
CA ASP B 81 4.41 -3.90 -35.47
C ASP B 81 4.52 -2.62 -34.61
N LEU B 82 5.69 -1.98 -34.69
CA LEU B 82 5.96 -0.74 -33.98
C LEU B 82 6.83 0.13 -34.87
N PRO B 83 6.20 0.86 -35.82
CA PRO B 83 6.96 1.64 -36.79
C PRO B 83 7.80 2.78 -36.19
N MET B 84 8.78 3.24 -36.95
CA MET B 84 9.63 4.33 -36.53
C MET B 84 8.83 5.59 -36.17
N GLU B 85 7.73 5.82 -36.89
CA GLU B 85 6.85 6.95 -36.62
C GLU B 85 6.37 6.93 -35.17
N GLU B 86 6.10 5.75 -34.63
CA GLU B 86 5.70 5.65 -33.23
C GLU B 86 6.81 6.05 -32.27
N LEU B 87 8.04 5.68 -32.60
CA LEU B 87 9.20 6.11 -31.80
C LEU B 87 9.38 7.63 -31.86
N LYS B 88 9.09 8.23 -33.00
CA LYS B 88 9.07 9.69 -33.14
C LYS B 88 7.94 10.35 -32.36
N ASN B 89 6.99 9.53 -31.89
CA ASN B 89 5.85 10.03 -31.10
C ASN B 89 5.90 9.54 -29.64
N PHE B 90 7.10 9.17 -29.20
CA PHE B 90 7.36 8.84 -27.79
C PHE B 90 6.77 9.89 -26.87
N ARG B 91 6.00 9.44 -25.89
CA ARG B 91 5.41 10.32 -24.85
C ARG B 91 4.36 11.31 -25.37
N GLN B 92 3.83 11.04 -26.57
CA GLN B 92 2.78 11.89 -27.15
C GLN B 92 1.42 11.22 -27.10
N LEU B 93 0.35 12.03 -27.03
CA LEU B 93 -1.00 11.51 -26.83
C LEU B 93 -1.39 10.45 -27.84
N HIS B 94 -1.87 9.33 -27.32
CA HIS B 94 -2.38 8.19 -28.09
C HIS B 94 -1.34 7.45 -28.93
N SER B 95 -0.06 7.71 -28.68
CA SER B 95 0.99 6.96 -29.36
C SER B 95 1.09 5.54 -28.80
N LYS B 96 1.77 4.67 -29.53
CA LYS B 96 2.03 3.31 -29.07
C LYS B 96 3.31 3.27 -28.24
N THR B 97 3.82 4.45 -27.89
CA THR B 97 5.08 4.59 -27.13
C THR B 97 4.91 5.51 -25.90
N PRO B 98 4.03 5.13 -24.95
CA PRO B 98 3.86 5.93 -23.74
C PRO B 98 5.13 5.94 -22.87
N GLY B 99 5.22 6.92 -21.98
CA GLY B 99 6.42 7.15 -21.18
C GLY B 99 6.92 5.97 -20.36
N HIS B 100 5.98 5.15 -19.88
CA HIS B 100 6.29 3.86 -19.28
C HIS B 100 5.52 2.83 -20.09
N PRO B 101 6.08 1.61 -20.27
CA PRO B 101 5.44 0.66 -21.19
C PRO B 101 4.10 0.17 -20.64
N GLU B 102 3.14 -0.01 -21.54
CA GLU B 102 1.77 -0.44 -21.19
C GLU B 102 1.35 -1.64 -22.01
N VAL B 103 0.90 -2.68 -21.34
CA VAL B 103 0.36 -3.86 -22.02
C VAL B 103 -0.93 -3.45 -22.75
N GLY B 104 -1.11 -3.97 -23.96
CA GLY B 104 -2.25 -3.61 -24.81
C GLY B 104 -1.99 -2.43 -25.74
N TYR B 105 -1.08 -1.54 -25.36
CA TYR B 105 -0.82 -0.33 -26.14
C TYR B 105 0.11 -0.59 -27.33
N THR B 106 0.79 -1.72 -27.27
CA THR B 106 2.03 -1.88 -28.00
C THR B 106 2.31 -3.36 -28.17
N ALA B 107 2.47 -3.78 -29.41
CA ALA B 107 2.79 -5.18 -29.74
C ALA B 107 4.05 -5.62 -29.02
N GLY B 108 3.96 -6.69 -28.25
CA GLY B 108 5.11 -7.28 -27.57
C GLY B 108 5.40 -6.83 -26.15
N VAL B 109 4.70 -5.82 -25.67
CA VAL B 109 4.86 -5.40 -24.27
C VAL B 109 4.03 -6.34 -23.38
N GLU B 110 4.68 -6.98 -22.42
CA GLU B 110 4.03 -8.05 -21.64
C GLU B 110 3.24 -7.57 -20.42
N THR B 111 3.63 -6.41 -19.90
CA THR B 111 3.05 -5.90 -18.67
C THR B 111 3.25 -4.39 -18.64
N THR B 112 2.51 -3.71 -17.77
CA THR B 112 2.69 -2.27 -17.57
C THR B 112 3.58 -2.03 -16.36
N THR B 113 4.70 -1.32 -16.58
CA THR B 113 5.59 -0.99 -15.47
C THR B 113 5.72 0.53 -15.31
N GLY B 114 6.66 0.97 -14.48
CA GLY B 114 6.68 2.36 -14.00
C GLY B 114 6.69 2.42 -12.47
N PRO B 115 5.76 1.73 -11.82
CA PRO B 115 5.85 1.57 -10.37
C PRO B 115 6.93 0.54 -10.03
N LEU B 116 8.03 1.02 -9.44
CA LEU B 116 9.19 0.17 -9.21
C LEU B 116 8.87 -1.07 -8.37
N GLY B 117 9.52 -2.17 -8.73
CA GLY B 117 9.35 -3.42 -8.02
C GLY B 117 8.26 -4.33 -8.55
N GLN B 118 7.24 -3.76 -9.18
CA GLN B 118 6.12 -4.60 -9.60
C GLN B 118 6.43 -5.46 -10.83
N GLY B 119 7.36 -5.01 -11.67
CA GLY B 119 7.76 -5.81 -12.84
C GLY B 119 8.36 -7.14 -12.44
N ILE B 120 9.32 -7.12 -11.50
CA ILE B 120 9.91 -8.37 -11.06
C ILE B 120 8.85 -9.29 -10.44
N ALA B 121 7.90 -8.70 -9.71
CA ALA B 121 6.76 -9.47 -9.20
C ALA B 121 5.93 -10.10 -10.32
N ASN B 122 5.61 -9.32 -11.35
CA ASN B 122 4.88 -9.86 -12.49
C ASN B 122 5.65 -11.02 -13.13
N ALA B 123 6.98 -10.85 -13.24
CA ALA B 123 7.83 -11.88 -13.83
C ALA B 123 7.79 -13.17 -12.99
N VAL B 124 7.84 -13.03 -11.67
CA VAL B 124 7.69 -14.20 -10.80
C VAL B 124 6.35 -14.91 -11.08
N GLY B 125 5.27 -14.14 -11.25
CA GLY B 125 3.97 -14.73 -11.61
C GLY B 125 3.97 -15.44 -12.95
N MET B 126 4.63 -14.84 -13.95
CA MET B 126 4.74 -15.48 -15.26
C MET B 126 5.53 -16.79 -15.20
N ALA B 127 6.57 -16.82 -14.38
CA ALA B 127 7.36 -18.03 -14.18
C ALA B 127 6.58 -19.10 -13.43
N ILE B 128 5.81 -18.69 -12.41
CA ILE B 128 4.91 -19.65 -11.73
C ILE B 128 3.88 -20.21 -12.70
N ALA B 129 3.33 -19.34 -13.54
CA ALA B 129 2.35 -19.78 -14.54
C ALA B 129 2.95 -20.81 -15.51
N GLU B 130 4.15 -20.54 -16.04
CA GLU B 130 4.79 -21.51 -16.93
C GLU B 130 5.05 -22.86 -16.24
N LYS B 131 5.57 -22.82 -15.02
CA LYS B 131 5.88 -24.05 -14.29
C LYS B 131 4.62 -24.88 -14.06
N THR B 132 3.55 -24.20 -13.66
CA THR B 132 2.30 -24.86 -13.29
C THR B 132 1.62 -25.38 -14.57
N LEU B 133 1.63 -24.58 -15.62
CA LEU B 133 0.99 -25.00 -16.88
C LEU B 133 1.72 -26.18 -17.51
N ALA B 134 3.05 -26.17 -17.44
CA ALA B 134 3.85 -27.30 -17.92
C ALA B 134 3.52 -28.57 -17.15
N ALA B 135 3.45 -28.47 -15.83
CA ALA B 135 3.11 -29.63 -15.01
C ALA B 135 1.71 -30.17 -15.31
N GLN B 136 0.75 -29.27 -15.54
CA GLN B 136 -0.63 -29.70 -15.84
C GLN B 136 -0.77 -30.33 -17.24
N PHE B 137 -0.10 -29.75 -18.24
CA PHE B 137 -0.36 -30.11 -19.64
C PHE B 137 0.69 -30.99 -20.32
N ASN B 138 1.95 -30.89 -19.92
CA ASN B 138 2.97 -31.70 -20.59
C ASN B 138 2.71 -33.19 -20.39
N ARG B 139 3.06 -33.97 -21.42
CA ARG B 139 2.86 -35.42 -21.39
C ARG B 139 4.11 -36.06 -21.99
N PRO B 140 4.35 -37.36 -21.70
CA PRO B 140 5.57 -37.99 -22.22
C PRO B 140 5.65 -37.86 -23.75
N GLY B 141 6.75 -37.29 -24.21
CA GLY B 141 6.96 -37.01 -25.63
C GLY B 141 6.28 -35.77 -26.18
N HIS B 142 5.62 -35.01 -25.30
CA HIS B 142 4.85 -33.83 -25.71
C HIS B 142 5.02 -32.71 -24.68
N ASP B 143 6.17 -32.03 -24.72
CA ASP B 143 6.41 -30.91 -23.82
C ASP B 143 5.98 -29.61 -24.47
N ILE B 144 4.67 -29.39 -24.52
CA ILE B 144 4.10 -28.24 -25.23
C ILE B 144 4.28 -26.90 -24.48
N VAL B 145 4.56 -26.97 -23.18
CA VAL B 145 4.90 -25.77 -22.42
C VAL B 145 6.37 -25.84 -22.01
N ASP B 146 7.17 -24.90 -22.52
CA ASP B 146 8.58 -24.86 -22.22
C ASP B 146 9.14 -23.50 -22.60
N HIS B 147 9.08 -22.55 -21.68
CA HIS B 147 9.63 -21.22 -21.96
C HIS B 147 10.18 -20.53 -20.72
N TYR B 148 11.08 -19.58 -20.96
CA TYR B 148 11.75 -18.80 -19.93
C TYR B 148 11.04 -17.49 -19.64
N THR B 149 11.33 -16.96 -18.45
CA THR B 149 10.89 -15.63 -18.06
C THR B 149 12.13 -14.83 -17.71
N TYR B 150 12.36 -13.76 -18.47
CA TYR B 150 13.52 -12.90 -18.29
C TYR B 150 13.07 -11.53 -17.79
N ALA B 151 13.77 -11.03 -16.77
CA ALA B 151 13.45 -9.71 -16.22
C ALA B 151 14.70 -8.84 -16.11
N PHE B 152 14.53 -7.56 -16.43
CA PHE B 152 15.53 -6.53 -16.15
C PHE B 152 15.05 -5.73 -14.93
N MET B 153 15.96 -5.40 -14.03
CA MET B 153 15.58 -4.61 -12.84
C MET B 153 16.78 -3.80 -12.36
N GLY B 154 16.51 -2.70 -11.65
CA GLY B 154 17.57 -1.82 -11.16
C GLY B 154 17.58 -1.67 -9.66
N ASP B 155 18.31 -0.66 -9.19
CA ASP B 155 18.44 -0.39 -7.75
C ASP B 155 17.11 -0.09 -7.09
N GLY B 156 16.23 0.63 -7.80
CA GLY B 156 14.91 0.98 -7.25
C GLY B 156 14.08 -0.24 -6.94
N CYS B 157 14.03 -1.17 -7.89
CA CYS B 157 13.32 -2.42 -7.68
C CYS B 157 13.91 -3.22 -6.54
N MET B 158 15.25 -3.24 -6.43
CA MET B 158 15.93 -3.93 -5.34
C MET B 158 15.63 -3.36 -3.95
N MET B 159 15.53 -2.04 -3.86
CA MET B 159 15.25 -1.39 -2.58
C MET B 159 13.81 -1.63 -2.13
N GLU B 160 12.89 -1.68 -3.08
CA GLU B 160 11.47 -1.83 -2.75
C GLU B 160 11.20 -3.14 -2.02
N GLY B 161 10.36 -3.08 -0.99
CA GLY B 161 10.00 -4.27 -0.21
C GLY B 161 9.38 -5.39 -1.04
N ILE B 162 8.65 -5.03 -2.09
CA ILE B 162 8.00 -6.05 -2.91
C ILE B 162 9.04 -7.01 -3.53
N SER B 163 10.25 -6.53 -3.79
CA SER B 163 11.28 -7.43 -4.32
C SER B 163 11.62 -8.54 -3.34
N HIS B 164 11.64 -8.20 -2.05
CA HIS B 164 11.86 -9.20 -1.00
C HIS B 164 10.74 -10.24 -0.98
N GLU B 165 9.50 -9.79 -1.09
CA GLU B 165 8.37 -10.70 -1.05
C GLU B 165 8.42 -11.70 -2.20
N VAL B 166 8.56 -11.19 -3.42
CA VAL B 166 8.43 -12.07 -4.59
C VAL B 166 9.68 -12.90 -4.84
N CYS B 167 10.86 -12.36 -4.53
CA CYS B 167 12.09 -13.12 -4.78
C CYS B 167 12.30 -14.19 -3.69
N SER B 168 11.85 -13.91 -2.47
CA SER B 168 11.82 -14.94 -1.44
C SER B 168 10.95 -16.13 -1.87
N LEU B 169 9.73 -15.85 -2.29
CA LEU B 169 8.82 -16.89 -2.74
C LEU B 169 9.33 -17.64 -3.98
N ALA B 170 9.93 -16.90 -4.93
CA ALA B 170 10.53 -17.52 -6.13
C ALA B 170 11.62 -18.54 -5.76
N GLY B 171 12.36 -18.25 -4.69
CA GLY B 171 13.36 -19.21 -4.20
C GLY B 171 12.70 -20.47 -3.68
N THR B 172 11.65 -20.31 -2.86
CA THR B 172 10.94 -21.46 -2.31
C THR B 172 10.40 -22.36 -3.41
N LEU B 173 9.90 -21.73 -4.48
CA LEU B 173 9.28 -22.48 -5.57
C LEU B 173 10.26 -22.96 -6.63
N LYS B 174 11.54 -22.67 -6.42
CA LYS B 174 12.62 -23.24 -7.25
C LYS B 174 12.35 -22.98 -8.73
N LEU B 175 12.12 -21.71 -9.05
CA LEU B 175 11.75 -21.30 -10.41
C LEU B 175 12.96 -21.22 -11.33
N GLY B 176 13.39 -22.39 -11.80
CA GLY B 176 14.61 -22.51 -12.61
C GLY B 176 14.56 -21.87 -13.98
N LYS B 177 13.37 -21.48 -14.45
CA LYS B 177 13.28 -20.79 -15.74
C LYS B 177 13.13 -19.27 -15.61
N LEU B 178 13.24 -18.76 -14.39
CA LEU B 178 13.31 -17.33 -14.15
C LEU B 178 14.75 -16.88 -14.10
N ILE B 179 15.09 -15.90 -14.95
CA ILE B 179 16.43 -15.34 -15.03
C ILE B 179 16.29 -13.81 -15.00
N ALA B 180 16.83 -13.19 -13.95
CA ALA B 180 16.76 -11.73 -13.78
C ALA B 180 18.14 -11.12 -13.95
N PHE B 181 18.17 -9.95 -14.59
CA PHE B 181 19.39 -9.18 -14.80
C PHE B 181 19.29 -7.91 -13.96
N TYR B 182 20.23 -7.73 -13.04
CA TYR B 182 20.30 -6.55 -12.19
C TYR B 182 21.23 -5.52 -12.82
N ASP B 183 20.67 -4.35 -13.14
CA ASP B 183 21.41 -3.23 -13.68
C ASP B 183 22.17 -2.55 -12.53
N ASP B 184 23.36 -3.06 -12.24
CA ASP B 184 24.13 -2.64 -11.07
C ASP B 184 25.00 -1.45 -11.43
N ASN B 185 24.42 -0.25 -11.39
CA ASN B 185 25.10 0.94 -11.92
C ASN B 185 25.49 1.99 -10.86
N GLY B 186 25.14 1.74 -9.60
CA GLY B 186 25.61 2.58 -8.50
C GLY B 186 24.93 3.93 -8.33
N ILE B 187 23.91 4.20 -9.16
CA ILE B 187 23.26 5.51 -9.22
C ILE B 187 21.74 5.38 -9.05
N SER B 188 21.16 6.26 -8.24
CA SER B 188 19.69 6.46 -8.24
C SER B 188 19.42 7.98 -8.30
N ILE B 189 18.17 8.38 -8.13
CA ILE B 189 17.83 9.79 -8.33
C ILE B 189 18.56 10.74 -7.38
N ASP B 190 18.72 10.33 -6.11
CA ASP B 190 19.41 11.17 -5.13
C ASP B 190 20.93 11.23 -5.34
N GLY B 191 21.49 10.36 -6.19
CA GLY B 191 22.92 10.35 -6.48
C GLY B 191 23.56 8.97 -6.32
N HIS B 192 24.79 8.94 -5.81
CA HIS B 192 25.51 7.68 -5.59
C HIS B 192 24.83 6.89 -4.48
N VAL B 193 24.44 5.65 -4.78
CA VAL B 193 23.53 4.92 -3.88
C VAL B 193 24.09 4.55 -2.51
N GLU B 194 25.41 4.60 -2.34
CA GLU B 194 26.06 4.22 -1.09
CA GLU B 194 26.05 4.20 -1.09
C GLU B 194 25.52 4.96 0.14
N GLY B 195 24.98 6.15 -0.06
CA GLY B 195 24.41 6.92 1.05
C GLY B 195 23.12 6.36 1.61
N TRP B 196 22.48 5.46 0.87
CA TRP B 196 21.16 4.91 1.28
C TRP B 196 20.93 3.45 0.93
N PHE B 197 21.86 2.82 0.22
CA PHE B 197 21.67 1.45 -0.26
C PHE B 197 23.02 0.75 -0.28
N THR B 198 23.23 -0.13 0.69
CA THR B 198 24.53 -0.76 0.90
C THR B 198 24.44 -2.29 1.02
N ASP B 199 23.29 -2.88 0.69
CA ASP B 199 23.14 -4.34 0.75
C ASP B 199 24.24 -5.05 -0.02
N ASP B 200 24.69 -6.18 0.52
CA ASP B 200 25.37 -7.19 -0.30
C ASP B 200 24.24 -7.95 -1.02
N THR B 201 23.87 -7.43 -2.19
CA THR B 201 22.71 -7.96 -2.91
C THR B 201 22.88 -9.42 -3.34
N ALA B 202 24.10 -9.79 -3.70
CA ALA B 202 24.38 -11.20 -4.03
C ALA B 202 24.08 -12.10 -2.82
N MET B 203 24.58 -11.72 -1.65
CA MET B 203 24.36 -12.51 -0.44
C MET B 203 22.87 -12.58 -0.08
N ARG B 204 22.16 -11.45 -0.26
CA ARG B 204 20.71 -11.41 -0.02
C ARG B 204 19.99 -12.44 -0.90
N PHE B 205 20.30 -12.46 -2.20
CA PHE B 205 19.63 -13.38 -3.11
C PHE B 205 20.03 -14.83 -2.89
N GLU B 206 21.26 -15.05 -2.45
CA GLU B 206 21.67 -16.38 -2.02
C GLU B 206 20.85 -16.84 -0.81
N ALA B 207 20.53 -15.91 0.07
CA ALA B 207 19.66 -16.19 1.23
C ALA B 207 18.26 -16.65 0.79
N TYR B 208 17.82 -16.20 -0.39
CA TYR B 208 16.54 -16.61 -0.95
C TYR B 208 16.59 -17.93 -1.72
N GLY B 209 17.77 -18.49 -1.90
CA GLY B 209 17.90 -19.72 -2.68
C GLY B 209 18.04 -19.47 -4.17
N TRP B 210 18.52 -18.29 -4.56
CA TRP B 210 18.78 -18.00 -5.96
C TRP B 210 20.20 -18.37 -6.34
N HIS B 211 20.39 -18.69 -7.61
CA HIS B 211 21.74 -18.82 -8.17
C HIS B 211 22.20 -17.44 -8.59
N VAL B 212 23.27 -16.94 -7.97
CA VAL B 212 23.72 -15.58 -8.26
C VAL B 212 25.05 -15.60 -9.03
N ILE B 213 25.11 -14.81 -10.09
CA ILE B 213 26.35 -14.68 -10.87
C ILE B 213 26.89 -13.27 -10.66
N ARG B 214 28.03 -13.17 -10.00
CA ARG B 214 28.60 -11.89 -9.61
C ARG B 214 29.49 -11.26 -10.67
N ASP B 215 29.61 -9.93 -10.58
CA ASP B 215 30.68 -9.19 -11.27
C ASP B 215 30.73 -9.39 -12.78
N ILE B 216 29.56 -9.42 -13.40
CA ILE B 216 29.47 -9.51 -14.85
C ILE B 216 29.77 -8.13 -15.44
N ASP B 217 30.64 -8.09 -16.44
CA ASP B 217 30.87 -6.86 -17.19
C ASP B 217 29.68 -6.67 -18.12
N GLY B 218 28.78 -5.77 -17.72
CA GLY B 218 27.56 -5.51 -18.48
C GLY B 218 27.76 -4.82 -19.82
N HIS B 219 29.01 -4.48 -20.14
CA HIS B 219 29.34 -3.89 -21.44
C HIS B 219 30.20 -4.81 -22.30
N ASP B 220 30.25 -6.08 -21.90
CA ASP B 220 31.00 -7.09 -22.67
C ASP B 220 30.09 -8.25 -23.06
N ALA B 221 29.75 -8.30 -24.34
CA ALA B 221 28.82 -9.32 -24.84
C ALA B 221 29.22 -10.75 -24.47
N ALA B 222 30.51 -11.09 -24.59
CA ALA B 222 30.98 -12.42 -24.25
C ALA B 222 30.72 -12.78 -22.78
N SER B 223 30.98 -11.85 -21.88
CA SER B 223 30.73 -12.03 -20.46
C SER B 223 29.24 -12.22 -20.16
N ILE B 224 28.41 -11.39 -20.77
CA ILE B 224 26.96 -11.50 -20.60
C ILE B 224 26.48 -12.86 -21.09
N LYS B 225 26.95 -13.27 -22.27
CA LYS B 225 26.52 -14.53 -22.86
C LYS B 225 26.89 -15.74 -22.00
N ARG B 226 28.12 -15.75 -21.48
CA ARG B 226 28.55 -16.83 -20.60
C ARG B 226 27.65 -16.92 -19.35
N ALA B 227 27.30 -15.75 -18.80
CA ALA B 227 26.44 -15.68 -17.63
C ALA B 227 25.05 -16.25 -17.91
N VAL B 228 24.46 -15.86 -19.05
CA VAL B 228 23.13 -16.37 -19.41
C VAL B 228 23.16 -17.89 -19.61
N GLU B 229 24.20 -18.40 -20.25
CA GLU B 229 24.37 -19.84 -20.40
C GLU B 229 24.45 -20.58 -19.06
N GLU B 230 25.20 -20.00 -18.11
CA GLU B 230 25.30 -20.55 -16.76
C GLU B 230 23.93 -20.59 -16.07
N ALA B 231 23.18 -19.50 -16.17
CA ALA B 231 21.83 -19.41 -15.58
C ALA B 231 20.87 -20.43 -16.20
N ARG B 232 21.01 -20.65 -17.50
CA ARG B 232 20.18 -21.64 -18.18
C ARG B 232 20.54 -23.07 -17.79
N ALA B 233 21.79 -23.29 -17.40
CA ALA B 233 22.23 -24.61 -16.96
C ALA B 233 21.73 -24.99 -15.56
N VAL B 234 21.34 -23.99 -14.75
CA VAL B 234 20.85 -24.23 -13.41
C VAL B 234 19.33 -24.35 -13.47
N THR B 235 18.81 -25.56 -13.32
CA THR B 235 17.39 -25.81 -13.58
C THR B 235 16.52 -25.77 -12.33
N ASP B 236 17.14 -25.65 -11.16
CA ASP B 236 16.44 -25.82 -9.89
C ASP B 236 16.42 -24.57 -9.00
N LYS B 237 16.87 -23.44 -9.53
CA LYS B 237 16.87 -22.16 -8.81
C LYS B 237 16.65 -21.04 -9.81
N PRO B 238 15.96 -19.97 -9.39
CA PRO B 238 15.94 -18.75 -10.20
C PRO B 238 17.33 -18.12 -10.15
N SER B 239 17.68 -17.38 -11.19
CA SER B 239 19.05 -16.82 -11.30
C SER B 239 19.04 -15.32 -11.31
N LEU B 240 20.02 -14.73 -10.61
CA LEU B 240 20.26 -13.29 -10.65
C LEU B 240 21.64 -13.01 -11.25
N LEU B 241 21.65 -12.23 -12.32
CA LEU B 241 22.87 -11.83 -12.99
C LEU B 241 23.21 -10.40 -12.58
N MET B 242 24.29 -10.26 -11.81
CA MET B 242 24.75 -8.95 -11.31
CA MET B 242 24.68 -8.93 -11.36
C MET B 242 25.55 -8.26 -12.41
N CYS B 243 24.92 -7.39 -13.17
CA CYS B 243 25.53 -6.79 -14.34
C CYS B 243 26.04 -5.40 -14.00
N LYS B 244 27.37 -5.27 -13.95
CA LYS B 244 27.97 -3.97 -13.69
C LYS B 244 27.89 -3.14 -14.96
N THR B 245 27.14 -2.04 -14.89
CA THR B 245 26.95 -1.15 -16.04
C THR B 245 27.23 0.29 -15.67
N ILE B 246 27.42 1.11 -16.69
CA ILE B 246 27.56 2.55 -16.54
C ILE B 246 26.29 3.20 -17.08
N ILE B 247 25.53 3.84 -16.20
CA ILE B 247 24.32 4.54 -16.62
C ILE B 247 24.70 5.58 -17.69
N GLY B 248 23.92 5.68 -18.76
CA GLY B 248 24.23 6.63 -19.82
C GLY B 248 25.49 6.30 -20.61
N PHE B 249 25.90 5.04 -20.62
CA PHE B 249 27.07 4.57 -21.37
C PHE B 249 27.11 5.19 -22.76
N GLY B 250 28.23 5.83 -23.09
CA GLY B 250 28.41 6.50 -24.38
C GLY B 250 28.56 8.00 -24.27
N SER B 251 27.93 8.59 -23.25
CA SER B 251 27.98 10.04 -23.02
C SER B 251 29.26 10.42 -22.29
N PRO B 252 30.16 11.18 -22.95
CA PRO B 252 31.39 11.52 -22.23
C PRO B 252 31.16 12.31 -20.93
N ASN B 253 30.15 13.18 -20.91
CA ASN B 253 29.96 14.07 -19.78
C ASN B 253 28.87 13.67 -18.79
N LYS B 254 27.99 12.76 -19.19
CA LYS B 254 26.88 12.36 -18.32
C LYS B 254 26.87 10.87 -17.93
N ALA B 255 27.66 10.05 -18.60
CA ALA B 255 27.76 8.64 -18.21
C ALA B 255 28.23 8.53 -16.76
N GLY B 256 27.59 7.63 -16.01
CA GLY B 256 27.97 7.42 -14.61
C GLY B 256 27.46 8.48 -13.66
N THR B 257 26.56 9.35 -14.12
CA THR B 257 26.00 10.42 -13.29
C THR B 257 24.49 10.33 -13.21
N HIS B 258 23.92 10.85 -12.13
CA HIS B 258 22.47 10.92 -11.94
C HIS B 258 21.79 11.80 -12.99
N ASP B 259 22.56 12.68 -13.61
CA ASP B 259 22.05 13.56 -14.67
C ASP B 259 21.48 12.79 -15.85
N SER B 260 22.08 11.63 -16.14
CA SER B 260 21.68 10.81 -17.28
C SER B 260 20.42 9.97 -17.00
N HIS B 261 20.00 9.90 -15.74
CA HIS B 261 18.86 9.05 -15.36
C HIS B 261 17.55 9.42 -16.05
N GLY B 262 17.19 10.70 -16.01
CA GLY B 262 15.79 11.05 -16.21
C GLY B 262 15.44 12.31 -16.97
N ALA B 263 16.38 12.79 -17.77
CA ALA B 263 16.13 13.97 -18.58
C ALA B 263 16.86 13.82 -19.90
N PRO B 264 16.38 14.54 -20.94
CA PRO B 264 17.11 14.56 -22.20
C PRO B 264 18.58 14.90 -22.01
N LEU B 265 19.44 14.25 -22.78
CA LEU B 265 20.88 14.52 -22.70
C LEU B 265 21.23 15.92 -23.21
N GLY B 266 20.44 16.43 -24.14
CA GLY B 266 20.73 17.70 -24.80
C GLY B 266 21.43 17.46 -26.13
N ASP B 267 21.20 18.35 -27.08
CA ASP B 267 21.75 18.17 -28.43
C ASP B 267 23.28 18.15 -28.50
N ALA B 268 23.93 19.03 -27.74
CA ALA B 268 25.39 19.06 -27.70
C ALA B 268 25.94 17.73 -27.19
N GLU B 269 25.36 17.23 -26.10
CA GLU B 269 25.83 15.97 -25.52
C GLU B 269 25.53 14.76 -26.42
N ILE B 270 24.38 14.78 -27.10
CA ILE B 270 24.08 13.73 -28.06
C ILE B 270 25.12 13.66 -29.20
N ALA B 271 25.53 14.82 -29.71
CA ALA B 271 26.56 14.87 -30.74
C ALA B 271 27.86 14.26 -30.24
N LEU B 272 28.25 14.58 -29.01
CA LEU B 272 29.44 14.02 -28.41
C LEU B 272 29.33 12.52 -28.17
N THR B 273 28.12 12.06 -27.84
CA THR B 273 27.84 10.64 -27.63
C THR B 273 27.97 9.85 -28.93
N ARG B 274 27.40 10.38 -30.02
CA ARG B 274 27.60 9.78 -31.35
C ARG B 274 29.08 9.59 -31.65
N GLU B 275 29.87 10.62 -31.34
CA GLU B 275 31.31 10.56 -31.61
C GLU B 275 32.02 9.49 -30.78
N GLN B 276 31.68 9.41 -29.49
CA GLN B 276 32.27 8.41 -28.61
C GLN B 276 31.89 6.98 -29.04
N LEU B 277 30.63 6.80 -29.43
CA LEU B 277 30.12 5.48 -29.81
C LEU B 277 30.46 5.08 -31.24
N GLY B 278 30.90 6.04 -32.04
CA GLY B 278 31.14 5.81 -33.46
C GLY B 278 29.86 5.55 -34.23
N TRP B 279 28.76 6.15 -33.77
CA TRP B 279 27.45 5.97 -34.40
C TRP B 279 27.18 7.12 -35.37
N LYS B 280 27.21 6.83 -36.66
CA LYS B 280 27.18 7.88 -37.69
C LYS B 280 25.77 8.30 -38.14
N TYR B 281 24.77 7.45 -37.86
CA TYR B 281 23.45 7.65 -38.44
C TYR B 281 22.67 8.78 -37.75
N ALA B 282 21.89 9.50 -38.54
CA ALA B 282 21.06 10.60 -38.08
C ALA B 282 19.93 10.08 -37.19
N PRO B 283 19.30 10.96 -36.40
CA PRO B 283 18.18 10.51 -35.57
C PRO B 283 17.11 9.76 -36.36
N PHE B 284 16.71 8.60 -35.82
CA PHE B 284 15.65 7.75 -36.40
C PHE B 284 16.05 7.09 -37.74
N GLU B 285 17.34 7.15 -38.07
CA GLU B 285 17.89 6.46 -39.23
C GLU B 285 18.58 5.15 -38.81
N ILE B 286 18.15 4.05 -39.42
CA ILE B 286 18.75 2.74 -39.23
C ILE B 286 18.98 2.13 -40.62
N PRO B 287 20.23 1.74 -40.94
CA PRO B 287 20.49 1.17 -42.27
C PRO B 287 19.95 -0.25 -42.42
N SER B 288 19.70 -0.65 -43.67
CA SER B 288 19.16 -1.98 -43.97
C SER B 288 20.02 -3.13 -43.39
N GLU B 289 21.34 -2.97 -43.40
CA GLU B 289 22.27 -3.97 -42.87
CA GLU B 289 22.24 -4.00 -42.88
C GLU B 289 22.07 -4.24 -41.38
N ILE B 290 21.77 -3.18 -40.64
CA ILE B 290 21.54 -3.30 -39.20
C ILE B 290 20.16 -3.93 -38.92
N TYR B 291 19.14 -3.53 -39.67
CA TYR B 291 17.85 -4.24 -39.59
C TYR B 291 18.01 -5.73 -39.90
N ALA B 292 18.83 -6.05 -40.90
CA ALA B 292 19.03 -7.46 -41.28
C ALA B 292 19.55 -8.30 -40.12
N GLN B 293 20.43 -7.72 -39.31
CA GLN B 293 21.02 -8.43 -38.18
C GLN B 293 20.11 -8.46 -36.94
N TRP B 294 19.27 -7.43 -36.81
CA TRP B 294 18.34 -7.32 -35.68
C TRP B 294 17.03 -8.06 -35.88
N ASP B 295 16.59 -8.19 -37.14
CA ASP B 295 15.25 -8.70 -37.40
C ASP B 295 15.08 -10.15 -36.94
N ALA B 296 13.93 -10.44 -36.35
CA ALA B 296 13.66 -11.76 -35.78
C ALA B 296 12.47 -12.46 -36.45
N LYS B 297 11.98 -11.91 -37.56
CA LYS B 297 10.79 -12.47 -38.23
C LYS B 297 11.02 -13.89 -38.75
N GLU B 298 12.14 -14.12 -39.41
CA GLU B 298 12.38 -15.44 -40.00
C GLU B 298 12.65 -16.51 -38.94
N ALA B 299 13.51 -16.22 -37.97
CA ALA B 299 13.75 -17.12 -36.85
C ALA B 299 12.47 -17.35 -36.03
N GLY B 300 11.73 -16.27 -35.79
CA GLY B 300 10.49 -16.33 -35.04
C GLY B 300 9.44 -17.22 -35.68
N GLN B 301 9.25 -17.06 -37.00
CA GLN B 301 8.34 -17.88 -37.80
C GLN B 301 8.70 -19.35 -37.66
N ALA B 302 9.98 -19.64 -37.83
CA ALA B 302 10.46 -21.01 -37.79
C ALA B 302 10.20 -21.66 -36.43
N LYS B 303 10.47 -20.92 -35.35
CA LYS B 303 10.28 -21.45 -34.01
C LYS B 303 8.80 -21.68 -33.70
N GLU B 304 7.94 -20.73 -34.07
CA GLU B 304 6.50 -20.91 -33.84
C GLU B 304 5.92 -22.03 -34.70
N SER B 305 6.38 -22.15 -35.94
CA SER B 305 5.92 -23.22 -36.83
CA SER B 305 5.91 -23.22 -36.83
C SER B 305 6.27 -24.58 -36.26
N ALA B 306 7.48 -24.72 -35.74
CA ALA B 306 7.90 -25.94 -35.08
C ALA B 306 6.98 -26.23 -33.88
N TRP B 307 6.68 -25.20 -33.10
CA TRP B 307 5.79 -25.38 -31.96
C TRP B 307 4.37 -25.77 -32.38
N ASN B 308 3.86 -25.12 -33.44
CA ASN B 308 2.54 -25.48 -33.97
C ASN B 308 2.45 -26.94 -34.39
N GLU B 309 3.52 -27.45 -34.99
CA GLU B 309 3.60 -28.88 -35.34
C GLU B 309 3.59 -29.77 -34.09
N LYS B 310 4.33 -29.35 -33.07
CA LYS B 310 4.36 -30.04 -31.79
C LYS B 310 2.96 -30.04 -31.16
N PHE B 311 2.28 -28.90 -31.19
CA PHE B 311 0.93 -28.81 -30.63
C PHE B 311 -0.08 -29.69 -31.41
N ALA B 312 0.05 -29.72 -32.73
CA ALA B 312 -0.82 -30.58 -33.55
C ALA B 312 -0.65 -32.06 -33.20
N ALA B 313 0.59 -32.49 -32.96
CA ALA B 313 0.83 -33.87 -32.53
C ALA B 313 0.25 -34.13 -31.13
N TYR B 314 0.35 -33.14 -30.25
CA TYR B 314 -0.22 -33.22 -28.92
C TYR B 314 -1.73 -33.37 -29.01
N ALA B 315 -2.36 -32.55 -29.86
CA ALA B 315 -3.81 -32.59 -30.06
C ALA B 315 -4.30 -33.93 -30.59
N LYS B 316 -3.48 -34.59 -31.40
CA LYS B 316 -3.80 -35.92 -31.91
C LYS B 316 -3.83 -36.96 -30.80
N ALA B 317 -2.83 -36.93 -29.94
CA ALA B 317 -2.67 -37.89 -28.85
C ALA B 317 -3.50 -37.55 -27.60
N TYR B 318 -3.77 -36.26 -27.42
CA TYR B 318 -4.49 -35.75 -26.23
C TYR B 318 -5.52 -34.69 -26.67
N PRO B 319 -6.57 -35.10 -27.41
CA PRO B 319 -7.52 -34.11 -27.93
C PRO B 319 -8.25 -33.26 -26.88
N GLN B 320 -8.72 -33.87 -25.80
CA GLN B 320 -9.42 -33.10 -24.76
C GLN B 320 -8.50 -32.11 -24.05
N GLU B 321 -7.29 -32.55 -23.75
CA GLU B 321 -6.27 -31.71 -23.11
C GLU B 321 -5.91 -30.53 -24.00
N ALA B 322 -5.74 -30.79 -25.30
CA ALA B 322 -5.43 -29.72 -26.24
C ALA B 322 -6.54 -28.69 -26.35
N ALA B 323 -7.79 -29.14 -26.37
CA ALA B 323 -8.94 -28.23 -26.40
C ALA B 323 -8.95 -27.36 -25.14
N GLU B 324 -8.67 -27.98 -23.99
CA GLU B 324 -8.58 -27.24 -22.73
C GLU B 324 -7.45 -26.21 -22.74
N PHE B 325 -6.31 -26.58 -23.31
CA PHE B 325 -5.17 -25.68 -23.38
C PHE B 325 -5.54 -24.43 -24.20
N THR B 326 -6.13 -24.65 -25.37
CA THR B 326 -6.52 -23.55 -26.23
C THR B 326 -7.57 -22.65 -25.55
N ARG B 327 -8.59 -23.26 -24.94
CA ARG B 327 -9.62 -22.50 -24.23
C ARG B 327 -9.00 -21.63 -23.13
N ARG B 328 -8.15 -22.25 -22.31
CA ARG B 328 -7.57 -21.55 -21.18
C ARG B 328 -6.57 -20.46 -21.57
N MET B 329 -5.77 -20.72 -22.61
CA MET B 329 -4.85 -19.69 -23.10
C MET B 329 -5.58 -18.46 -23.64
N LYS B 330 -6.77 -18.68 -24.21
CA LYS B 330 -7.61 -17.59 -24.73
C LYS B 330 -8.40 -16.88 -23.62
N GLY B 331 -8.47 -17.47 -22.43
CA GLY B 331 -9.26 -16.89 -21.34
C GLY B 331 -10.76 -17.08 -21.52
N GLU B 332 -11.14 -18.02 -22.39
CA GLU B 332 -12.54 -18.35 -22.62
C GLU B 332 -13.10 -19.20 -21.49
N MET B 333 -14.39 -19.06 -21.23
CA MET B 333 -15.04 -19.84 -20.18
C MET B 333 -15.61 -21.14 -20.72
N PRO B 334 -15.78 -22.16 -19.86
CA PRO B 334 -16.41 -23.39 -20.32
C PRO B 334 -17.82 -23.10 -20.83
N SER B 335 -18.24 -23.78 -21.90
CA SER B 335 -19.53 -23.47 -22.52
C SER B 335 -20.72 -23.65 -21.58
N ASP B 336 -20.62 -24.60 -20.65
CA ASP B 336 -21.73 -24.85 -19.72
C ASP B 336 -21.62 -24.12 -18.38
N PHE B 337 -20.60 -23.26 -18.24
CA PHE B 337 -20.40 -22.58 -16.96
C PHE B 337 -21.56 -21.67 -16.56
N ASP B 338 -22.02 -20.85 -17.50
CA ASP B 338 -23.12 -19.92 -17.22
C ASP B 338 -24.34 -20.66 -16.65
N ALA B 339 -24.74 -21.74 -17.32
CA ALA B 339 -25.93 -22.50 -16.90
C ALA B 339 -25.72 -23.15 -15.54
N LYS B 340 -24.54 -23.73 -15.33
CA LYS B 340 -24.25 -24.40 -14.07
C LYS B 340 -24.16 -23.42 -12.90
N ALA B 341 -23.55 -22.25 -13.15
CA ALA B 341 -23.47 -21.23 -12.10
C ALA B 341 -24.84 -20.67 -11.75
N LYS B 342 -25.70 -20.48 -12.75
CA LYS B 342 -27.07 -20.02 -12.52
C LYS B 342 -27.88 -21.04 -11.71
N GLU B 343 -27.66 -22.32 -12.00
CA GLU B 343 -28.30 -23.40 -11.25
C GLU B 343 -27.90 -23.35 -9.77
N PHE B 344 -26.62 -23.13 -9.51
CA PHE B 344 -26.10 -22.99 -8.14
C PHE B 344 -26.74 -21.79 -7.42
N ILE B 345 -26.77 -20.64 -8.09
CA ILE B 345 -27.37 -19.43 -7.54
C ILE B 345 -28.85 -19.64 -7.20
N ALA B 346 -29.59 -20.27 -8.10
CA ALA B 346 -31.02 -20.54 -7.90
C ALA B 346 -31.22 -21.48 -6.72
N LYS B 347 -30.36 -22.49 -6.61
CA LYS B 347 -30.42 -23.42 -5.49
C LYS B 347 -30.24 -22.70 -4.15
N LEU B 348 -29.28 -21.78 -4.09
CA LEU B 348 -29.08 -21.02 -2.88
C LEU B 348 -30.29 -20.18 -2.51
N GLN B 349 -30.89 -19.50 -3.50
CA GLN B 349 -32.07 -18.68 -3.20
C GLN B 349 -33.21 -19.52 -2.66
N ALA B 350 -33.34 -20.75 -3.16
CA ALA B 350 -34.41 -21.67 -2.75
C ALA B 350 -34.14 -22.37 -1.42
N ASN B 351 -32.89 -22.35 -0.97
CA ASN B 351 -32.47 -23.07 0.24
C ASN B 351 -31.67 -22.15 1.15
N PRO B 352 -32.35 -21.28 1.90
CA PRO B 352 -31.66 -20.28 2.71
C PRO B 352 -30.66 -20.85 3.72
N ALA B 353 -29.56 -20.14 3.91
CA ALA B 353 -28.58 -20.45 4.94
C ALA B 353 -28.00 -19.15 5.46
N LYS B 354 -28.04 -18.96 6.78
CA LYS B 354 -27.48 -17.78 7.42
C LYS B 354 -26.05 -18.10 7.82
N ILE B 355 -25.13 -17.70 6.96
CA ILE B 355 -23.71 -18.01 7.08
C ILE B 355 -22.93 -16.75 6.74
N ALA B 356 -21.66 -16.71 7.13
CA ALA B 356 -20.81 -15.55 6.84
C ALA B 356 -20.57 -15.50 5.33
N SER B 357 -20.46 -14.31 4.76
CA SER B 357 -20.16 -14.29 3.33
C SER B 357 -18.75 -14.83 3.02
N ARG B 358 -17.84 -14.87 4.00
CA ARG B 358 -16.58 -15.59 3.75
C ARG B 358 -16.85 -17.08 3.49
N LYS B 359 -17.83 -17.65 4.21
CA LYS B 359 -18.21 -19.05 4.00
C LYS B 359 -18.96 -19.23 2.68
N ALA B 360 -19.83 -18.28 2.36
CA ALA B 360 -20.53 -18.30 1.08
C ALA B 360 -19.55 -18.23 -0.08
N SER B 361 -18.46 -17.49 0.11
CA SER B 361 -17.38 -17.44 -0.86
C SER B 361 -16.71 -18.82 -1.03
N GLN B 362 -16.33 -19.44 0.09
CA GLN B 362 -15.78 -20.79 0.03
C GLN B 362 -16.72 -21.75 -0.70
N ASN B 363 -18.02 -21.64 -0.43
CA ASN B 363 -19.01 -22.49 -1.08
C ASN B 363 -19.05 -22.27 -2.58
N ALA B 364 -18.89 -21.02 -3.01
CA ALA B 364 -18.82 -20.71 -4.43
C ALA B 364 -17.54 -21.27 -5.08
N ILE B 365 -16.42 -21.19 -4.37
CA ILE B 365 -15.18 -21.80 -4.85
C ILE B 365 -15.35 -23.32 -5.00
N GLU B 366 -15.98 -23.95 -4.00
CA GLU B 366 -16.26 -25.38 -4.05
C GLU B 366 -17.16 -25.74 -5.25
N ALA B 367 -18.17 -24.91 -5.51
CA ALA B 367 -19.09 -25.15 -6.64
C ALA B 367 -18.42 -24.92 -8.00
N PHE B 368 -17.59 -23.89 -8.08
CA PHE B 368 -16.95 -23.53 -9.36
C PHE B 368 -15.69 -24.34 -9.64
N GLY B 369 -15.03 -24.80 -8.59
CA GLY B 369 -13.74 -25.50 -8.72
C GLY B 369 -13.70 -26.61 -9.77
N PRO B 370 -14.67 -27.54 -9.73
CA PRO B 370 -14.68 -28.59 -10.76
C PRO B 370 -14.92 -28.08 -12.18
N LEU B 371 -15.48 -26.88 -12.31
CA LEU B 371 -15.81 -26.31 -13.62
C LEU B 371 -14.69 -25.45 -14.18
N LEU B 372 -13.83 -24.95 -13.29
CA LEU B 372 -12.79 -24.01 -13.67
C LEU B 372 -11.39 -24.53 -13.32
N PRO B 373 -10.89 -25.50 -14.09
CA PRO B 373 -9.55 -26.04 -13.80
C PRO B 373 -8.46 -24.98 -13.95
N GLU B 374 -8.78 -23.86 -14.59
CA GLU B 374 -7.88 -22.71 -14.70
C GLU B 374 -7.64 -21.93 -13.40
N PHE B 375 -8.45 -22.16 -12.37
CA PHE B 375 -8.21 -21.47 -11.09
C PHE B 375 -6.75 -21.66 -10.64
N LEU B 376 -6.11 -20.57 -10.27
CA LEU B 376 -4.84 -20.64 -9.55
C LEU B 376 -4.99 -19.67 -8.39
N GLY B 377 -5.41 -20.21 -7.26
CA GLY B 377 -5.85 -19.37 -6.15
C GLY B 377 -4.90 -19.38 -4.97
N GLY B 378 -5.09 -18.47 -4.05
CA GLY B 378 -4.25 -18.45 -2.86
C GLY B 378 -4.65 -17.42 -1.84
N SER B 379 -3.97 -17.47 -0.69
CA SER B 379 -4.16 -16.52 0.40
C SER B 379 -2.80 -16.17 0.99
N ALA B 380 -2.69 -14.95 1.50
CA ALA B 380 -1.46 -14.48 2.16
C ALA B 380 -1.46 -14.96 3.63
N ASP B 381 -1.17 -16.25 3.81
CA ASP B 381 -1.12 -16.90 5.13
C ASP B 381 -2.43 -16.83 5.93
N LEU B 382 -3.56 -16.82 5.23
CA LEU B 382 -4.85 -16.79 5.91
C LEU B 382 -5.84 -17.80 5.35
N ALA B 383 -5.34 -18.92 4.81
CA ALA B 383 -6.25 -19.91 4.24
C ALA B 383 -7.41 -20.32 5.18
N PRO B 384 -7.14 -20.62 6.48
CA PRO B 384 -8.26 -21.04 7.35
C PRO B 384 -9.17 -19.91 7.81
N SER B 385 -8.81 -18.67 7.49
CA SER B 385 -9.58 -17.48 7.89
CA SER B 385 -9.59 -17.51 7.89
C SER B 385 -10.33 -16.88 6.71
N ASN B 386 -9.64 -16.75 5.57
CA ASN B 386 -10.21 -16.25 4.33
C ASN B 386 -11.12 -17.31 3.68
N LEU B 387 -10.86 -18.58 4.00
CA LEU B 387 -11.63 -19.72 3.48
C LEU B 387 -11.45 -19.91 1.97
N THR B 388 -10.18 -19.93 1.55
CA THR B 388 -9.78 -20.03 0.14
C THR B 388 -9.54 -21.44 -0.38
N LEU B 389 -9.49 -22.43 0.53
CA LEU B 389 -9.31 -23.83 0.11
C LEU B 389 -10.65 -24.48 -0.15
N TRP B 390 -10.73 -25.23 -1.25
CA TRP B 390 -11.88 -26.13 -1.48
C TRP B 390 -11.38 -27.56 -1.52
N SER B 391 -12.28 -28.54 -1.65
CA SER B 391 -11.88 -29.94 -1.54
C SER B 391 -10.85 -30.36 -2.59
N GLY B 392 -10.88 -29.69 -3.75
CA GLY B 392 -9.94 -29.97 -4.83
C GLY B 392 -8.69 -29.10 -4.88
N SER B 393 -8.47 -28.27 -3.86
CA SER B 393 -7.24 -27.47 -3.80
C SER B 393 -6.03 -28.36 -3.64
N LYS B 394 -4.96 -28.03 -4.37
CA LYS B 394 -3.68 -28.70 -4.22
C LYS B 394 -2.57 -27.65 -4.34
N ALA B 395 -1.82 -27.49 -3.27
CA ALA B 395 -0.76 -26.47 -3.22
C ALA B 395 0.40 -26.81 -4.16
N ILE B 396 0.83 -25.80 -4.93
CA ILE B 396 1.88 -26.01 -5.94
C ILE B 396 3.26 -26.28 -5.35
N ASN B 397 3.47 -25.97 -4.07
CA ASN B 397 4.73 -26.35 -3.41
C ASN B 397 4.77 -27.84 -3.12
N GLU B 398 3.59 -28.48 -3.10
CA GLU B 398 3.46 -29.93 -2.89
C GLU B 398 3.40 -30.71 -4.20
N ASP B 399 2.63 -30.19 -5.16
CA ASP B 399 2.48 -30.80 -6.48
C ASP B 399 2.49 -29.67 -7.49
N ALA B 400 3.46 -29.65 -8.38
CA ALA B 400 3.61 -28.56 -9.36
C ALA B 400 2.42 -28.41 -10.31
N ALA B 401 1.63 -29.47 -10.47
CA ALA B 401 0.44 -29.44 -11.30
C ALA B 401 -0.80 -28.95 -10.55
N GLY B 402 -0.59 -28.47 -9.32
CA GLY B 402 -1.67 -27.99 -8.47
C GLY B 402 -2.31 -26.68 -8.90
N ASN B 403 -3.12 -26.13 -8.00
CA ASN B 403 -4.00 -25.02 -8.33
C ASN B 403 -4.11 -24.00 -7.20
N TYR B 404 -3.22 -24.10 -6.22
CA TYR B 404 -3.28 -23.29 -5.04
C TYR B 404 -1.88 -22.83 -4.65
N ILE B 405 -1.78 -21.58 -4.19
CA ILE B 405 -0.50 -21.01 -3.75
C ILE B 405 -0.58 -20.50 -2.31
N HIS B 406 0.27 -21.05 -1.45
CA HIS B 406 0.50 -20.48 -0.12
C HIS B 406 1.45 -19.29 -0.32
N TYR B 407 0.89 -18.08 -0.30
CA TYR B 407 1.69 -16.90 -0.61
C TYR B 407 2.55 -16.39 0.56
N GLY B 408 2.27 -16.89 1.77
CA GLY B 408 2.91 -16.32 2.96
C GLY B 408 2.39 -14.92 3.26
N VAL B 409 3.06 -14.23 4.19
CA VAL B 409 2.58 -12.92 4.65
C VAL B 409 3.12 -11.84 3.72
N ARG B 410 2.54 -11.80 2.52
CA ARG B 410 3.10 -11.06 1.38
C ARG B 410 1.97 -10.52 0.51
N GLU B 411 1.19 -9.58 1.03
CA GLU B 411 0.00 -9.14 0.30
C GLU B 411 0.30 -8.45 -1.03
N PHE B 412 1.27 -7.55 -1.02
CA PHE B 412 1.65 -6.78 -2.20
C PHE B 412 2.25 -7.72 -3.25
N GLY B 413 3.23 -8.52 -2.83
CA GLY B 413 3.84 -9.52 -3.70
C GLY B 413 2.81 -10.49 -4.29
N MET B 414 1.92 -10.99 -3.45
CA MET B 414 0.84 -11.88 -3.91
C MET B 414 0.03 -11.27 -5.04
N THR B 415 -0.38 -10.01 -4.86
CA THR B 415 -1.29 -9.37 -5.82
C THR B 415 -0.57 -9.09 -7.14
N ALA B 416 0.68 -8.62 -7.08
CA ALA B 416 1.44 -8.38 -8.30
C ALA B 416 1.89 -9.68 -9.00
N ILE B 417 2.16 -10.72 -8.21
CA ILE B 417 2.38 -12.06 -8.79
C ILE B 417 1.13 -12.49 -9.55
N ALA B 418 -0.04 -12.33 -8.93
CA ALA B 418 -1.28 -12.69 -9.61
C ALA B 418 -1.51 -11.89 -10.88
N ASN B 419 -1.09 -10.62 -10.91
CA ASN B 419 -1.11 -9.85 -12.17
C ASN B 419 -0.26 -10.55 -13.23
N GLY B 420 0.91 -11.05 -12.87
CA GLY B 420 1.73 -11.81 -13.81
C GLY B 420 1.06 -13.10 -14.26
N ILE B 421 0.38 -13.78 -13.33
CA ILE B 421 -0.37 -14.99 -13.67
C ILE B 421 -1.48 -14.69 -14.68
N SER B 422 -2.26 -13.63 -14.45
CA SER B 422 -3.33 -13.31 -15.39
C SER B 422 -2.77 -12.88 -16.76
N LEU B 423 -1.65 -12.16 -16.76
CA LEU B 423 -1.04 -11.69 -18.00
C LEU B 423 -0.47 -12.84 -18.81
N HIS B 424 -0.02 -13.89 -18.13
CA HIS B 424 0.58 -15.03 -18.82
C HIS B 424 -0.40 -15.75 -19.75
N GLY B 425 -1.64 -15.90 -19.28
CA GLY B 425 -2.61 -16.74 -19.98
C GLY B 425 -2.62 -18.15 -19.42
N GLY B 426 -3.78 -18.80 -19.48
CA GLY B 426 -3.91 -20.18 -19.02
C GLY B 426 -4.58 -20.36 -17.68
N PHE B 427 -4.64 -19.27 -16.90
CA PHE B 427 -5.17 -19.32 -15.54
C PHE B 427 -6.13 -18.20 -15.23
N LEU B 428 -6.93 -18.44 -14.19
CA LEU B 428 -7.78 -17.44 -13.58
C LEU B 428 -7.35 -17.34 -12.10
N PRO B 429 -6.55 -16.30 -11.76
CA PRO B 429 -6.06 -16.20 -10.40
C PRO B 429 -7.09 -15.61 -9.44
N TYR B 430 -7.11 -16.13 -8.23
CA TYR B 430 -7.76 -15.45 -7.12
C TYR B 430 -6.77 -15.30 -5.98
N THR B 431 -6.85 -14.16 -5.30
CA THR B 431 -5.96 -13.85 -4.18
C THR B 431 -6.81 -13.48 -2.99
N SER B 432 -6.22 -13.44 -1.79
CA SER B 432 -7.03 -13.22 -0.60
C SER B 432 -6.20 -12.76 0.58
N THR B 433 -6.79 -11.84 1.34
CA THR B 433 -6.30 -11.43 2.65
C THR B 433 -7.47 -10.75 3.37
N PHE B 434 -7.28 -10.32 4.62
CA PHE B 434 -8.26 -9.47 5.27
C PHE B 434 -8.35 -8.16 4.48
N LEU B 435 -9.55 -7.60 4.36
CA LEU B 435 -9.71 -6.34 3.64
C LEU B 435 -8.73 -5.24 4.08
N MET B 436 -8.47 -5.11 5.38
CA MET B 436 -7.57 -4.04 5.82
C MET B 436 -6.25 -4.10 5.06
N PHE B 437 -5.75 -5.32 4.85
CA PHE B 437 -4.41 -5.48 4.32
C PHE B 437 -4.35 -5.37 2.78
N VAL B 438 -5.49 -5.10 2.14
CA VAL B 438 -5.49 -4.54 0.79
C VAL B 438 -4.62 -3.28 0.76
N GLU B 439 -4.53 -2.57 1.89
CA GLU B 439 -3.71 -1.35 1.90
C GLU B 439 -2.22 -1.66 1.68
N TYR B 440 -1.75 -2.84 2.09
CA TYR B 440 -0.38 -3.27 1.80
C TYR B 440 -0.18 -3.51 0.30
N ALA B 441 -1.25 -3.95 -0.38
CA ALA B 441 -1.19 -4.34 -1.80
C ALA B 441 -1.79 -3.30 -2.74
N ARG B 442 -2.05 -2.11 -2.23
CA ARG B 442 -2.95 -1.17 -2.89
C ARG B 442 -2.58 -0.86 -4.34
N ASN B 443 -1.31 -0.59 -4.60
CA ASN B 443 -0.94 -0.22 -5.97
C ASN B 443 -1.00 -1.39 -6.95
N ALA B 444 -0.80 -2.62 -6.46
CA ALA B 444 -0.96 -3.79 -7.32
C ALA B 444 -2.42 -4.01 -7.71
N VAL B 445 -3.34 -3.70 -6.79
CA VAL B 445 -4.76 -3.74 -7.08
C VAL B 445 -5.08 -2.73 -8.19
N ARG B 446 -4.57 -1.50 -8.03
CA ARG B 446 -4.74 -0.47 -9.05
C ARG B 446 -4.18 -0.93 -10.40
N MET B 447 -3.00 -1.55 -10.38
CA MET B 447 -2.37 -2.04 -11.61
C MET B 447 -3.20 -3.11 -12.34
N ALA B 448 -3.88 -3.98 -11.59
CA ALA B 448 -4.78 -4.96 -12.21
C ALA B 448 -5.90 -4.25 -12.95
N ALA B 449 -6.46 -3.21 -12.33
CA ALA B 449 -7.51 -2.41 -12.97
C ALA B 449 -6.98 -1.67 -14.21
N LEU B 450 -5.82 -1.02 -14.08
CA LEU B 450 -5.23 -0.30 -15.20
C LEU B 450 -4.94 -1.23 -16.40
N MET B 451 -4.44 -2.43 -16.11
CA MET B 451 -4.07 -3.40 -17.15
C MET B 451 -5.25 -4.23 -17.65
N LYS B 452 -6.45 -3.94 -17.15
CA LYS B 452 -7.69 -4.63 -17.56
C LYS B 452 -7.63 -6.14 -17.35
N GLN B 453 -7.07 -6.55 -16.21
CA GLN B 453 -6.85 -7.97 -15.91
C GLN B 453 -7.95 -8.61 -15.09
N ARG B 454 -8.29 -9.86 -15.43
CA ARG B 454 -9.23 -10.66 -14.67
C ARG B 454 -8.52 -11.31 -13.48
N GLN B 455 -8.93 -10.91 -12.29
CA GLN B 455 -8.43 -11.48 -11.02
C GLN B 455 -9.55 -11.28 -10.00
N VAL B 456 -9.88 -12.32 -9.26
CA VAL B 456 -10.84 -12.20 -8.17
C VAL B 456 -10.07 -12.02 -6.86
N MET B 457 -10.40 -10.92 -6.18
CA MET B 457 -9.72 -10.54 -4.95
CA MET B 457 -9.73 -10.55 -4.94
C MET B 457 -10.69 -10.77 -3.79
N VAL B 458 -10.36 -11.74 -2.95
CA VAL B 458 -11.26 -12.21 -1.90
C VAL B 458 -10.87 -11.54 -0.58
N TYR B 459 -11.61 -10.50 -0.19
CA TYR B 459 -11.22 -9.69 0.97
C TYR B 459 -12.23 -9.87 2.10
N THR B 460 -11.82 -10.64 3.09
CA THR B 460 -12.72 -10.99 4.19
C THR B 460 -12.53 -10.07 5.40
N HIS B 461 -13.37 -10.24 6.42
CA HIS B 461 -13.24 -9.49 7.67
C HIS B 461 -13.42 -7.99 7.37
N ASP B 462 -14.59 -7.69 6.82
CA ASP B 462 -14.83 -6.43 6.12
C ASP B 462 -15.20 -5.21 6.97
N SER B 463 -15.44 -5.39 8.26
CA SER B 463 -15.90 -4.26 9.07
C SER B 463 -15.65 -4.47 10.54
N ILE B 464 -16.19 -3.58 11.36
CA ILE B 464 -16.24 -3.75 12.83
C ILE B 464 -16.89 -5.08 13.23
N GLY B 465 -17.64 -5.69 12.31
CA GLY B 465 -18.19 -7.04 12.51
C GLY B 465 -17.18 -8.12 12.83
N LEU B 466 -15.90 -7.87 12.53
CA LEU B 466 -14.85 -8.82 12.88
C LEU B 466 -14.58 -8.85 14.40
N GLY B 467 -14.95 -7.79 15.11
CA GLY B 467 -14.87 -7.79 16.57
C GLY B 467 -13.51 -7.51 17.19
N GLU B 468 -13.07 -8.44 18.04
CA GLU B 468 -12.04 -8.17 19.05
C GLU B 468 -10.66 -7.75 18.54
N ASP B 469 -10.29 -8.12 17.31
CA ASP B 469 -8.96 -7.75 16.82
C ASP B 469 -8.75 -6.23 16.77
N GLY B 470 -9.84 -5.46 16.66
CA GLY B 470 -9.74 -4.01 16.90
C GLY B 470 -9.38 -3.13 15.71
N PRO B 471 -9.13 -1.83 15.98
CA PRO B 471 -9.07 -0.82 14.92
C PRO B 471 -7.95 -0.96 13.88
N THR B 472 -6.87 -1.66 14.20
CA THR B 472 -5.81 -1.88 13.21
C THR B 472 -6.26 -2.88 12.13
N HIS B 473 -7.29 -3.65 12.45
CA HIS B 473 -7.81 -4.70 11.56
C HIS B 473 -9.17 -4.35 10.93
N GLN B 474 -9.96 -3.51 11.61
CA GLN B 474 -11.34 -3.22 11.20
C GLN B 474 -11.42 -2.18 10.07
N PRO B 475 -11.79 -2.62 8.86
CA PRO B 475 -11.91 -1.65 7.77
C PRO B 475 -12.98 -0.61 8.05
N VAL B 476 -12.71 0.61 7.60
CA VAL B 476 -13.71 1.68 7.63
C VAL B 476 -13.77 2.33 6.25
N GLU B 477 -12.62 2.81 5.77
CA GLU B 477 -12.56 3.61 4.56
C GLU B 477 -12.05 2.84 3.33
N GLN B 478 -11.73 1.55 3.51
CA GLN B 478 -11.13 0.75 2.43
C GLN B 478 -12.06 0.45 1.26
N VAL B 479 -13.32 0.13 1.55
CA VAL B 479 -14.26 -0.15 0.47
C VAL B 479 -14.45 1.08 -0.42
N ALA B 480 -14.59 2.26 0.20
CA ALA B 480 -14.75 3.50 -0.56
C ALA B 480 -13.57 3.73 -1.48
N SER B 481 -12.37 3.38 -1.02
CA SER B 481 -11.15 3.52 -1.81
C SER B 481 -11.22 2.67 -3.08
N LEU B 482 -11.70 1.44 -2.95
CA LEU B 482 -11.88 0.55 -4.09
C LEU B 482 -12.96 1.05 -5.03
N ARG B 483 -14.06 1.55 -4.46
CA ARG B 483 -15.20 2.00 -5.27
C ARG B 483 -14.88 3.15 -6.21
N VAL B 484 -13.93 3.99 -5.81
CA VAL B 484 -13.58 5.16 -6.64
C VAL B 484 -12.36 4.89 -7.54
N THR B 485 -11.93 3.63 -7.60
CA THR B 485 -10.80 3.26 -8.47
C THR B 485 -11.30 2.97 -9.88
N PRO B 486 -10.80 3.71 -10.90
CA PRO B 486 -11.24 3.41 -12.27
C PRO B 486 -11.06 1.94 -12.65
N ASN B 487 -12.08 1.40 -13.32
CA ASN B 487 -12.10 0.01 -13.78
C ASN B 487 -12.05 -1.09 -12.71
N MET B 488 -12.22 -0.72 -11.45
CA MET B 488 -12.35 -1.71 -10.38
C MET B 488 -13.81 -2.13 -10.25
N SER B 489 -14.06 -3.41 -9.98
CA SER B 489 -15.39 -3.83 -9.59
C SER B 489 -15.32 -4.29 -8.15
N THR B 490 -16.28 -3.82 -7.34
CA THR B 490 -16.28 -4.06 -5.90
C THR B 490 -17.69 -4.52 -5.50
N TRP B 491 -17.76 -5.69 -4.89
CA TRP B 491 -19.04 -6.30 -4.47
C TRP B 491 -19.05 -6.54 -2.97
N ARG B 492 -20.09 -6.06 -2.29
CA ARG B 492 -20.26 -6.29 -0.85
C ARG B 492 -21.59 -7.03 -0.64
N PRO B 493 -21.58 -8.36 -0.88
CA PRO B 493 -22.84 -9.13 -0.88
C PRO B 493 -23.50 -9.21 0.49
N CYS B 494 -24.82 -9.20 0.51
CA CYS B 494 -25.55 -9.17 1.78
C CYS B 494 -25.91 -10.55 2.31
N ASP B 495 -25.72 -11.59 1.48
CA ASP B 495 -26.05 -12.97 1.88
C ASP B 495 -25.37 -13.93 0.93
N GLN B 496 -25.64 -15.23 1.10
CA GLN B 496 -24.93 -16.26 0.32
C GLN B 496 -25.30 -16.20 -1.16
N VAL B 497 -26.48 -15.68 -1.47
CA VAL B 497 -26.95 -15.57 -2.85
C VAL B 497 -26.22 -14.45 -3.57
N GLU B 498 -26.22 -13.25 -3.00
CA GLU B 498 -25.44 -12.15 -3.58
C GLU B 498 -23.96 -12.52 -3.68
N SER B 499 -23.47 -13.34 -2.74
CA SER B 499 -22.07 -13.79 -2.76
C SER B 499 -21.77 -14.64 -4.00
N ALA B 500 -22.68 -15.57 -4.32
CA ALA B 500 -22.51 -16.41 -5.50
C ALA B 500 -22.65 -15.62 -6.80
N VAL B 501 -23.58 -14.66 -6.83
CA VAL B 501 -23.70 -13.78 -7.99
C VAL B 501 -22.42 -12.97 -8.22
N ALA B 502 -21.84 -12.46 -7.14
CA ALA B 502 -20.61 -11.65 -7.22
C ALA B 502 -19.44 -12.50 -7.71
N TRP B 503 -19.34 -13.73 -7.20
CA TRP B 503 -18.31 -14.65 -7.66
C TRP B 503 -18.45 -14.97 -9.15
N LYS B 504 -19.69 -15.20 -9.59
CA LYS B 504 -19.94 -15.45 -11.01
C LYS B 504 -19.55 -14.23 -11.86
N TYR B 505 -19.96 -13.05 -11.40
CA TYR B 505 -19.60 -11.81 -12.08
C TYR B 505 -18.06 -11.68 -12.21
N GLY B 506 -17.36 -11.97 -11.11
CA GLY B 506 -15.90 -11.88 -11.08
C GLY B 506 -15.19 -12.79 -12.06
N VAL B 507 -15.58 -14.07 -12.07
CA VAL B 507 -14.89 -15.01 -12.98
C VAL B 507 -15.24 -14.76 -14.44
N GLU B 508 -16.41 -14.17 -14.69
CA GLU B 508 -16.83 -13.88 -16.07
C GLU B 508 -16.37 -12.50 -16.55
N ARG B 509 -15.78 -11.70 -15.67
CA ARG B 509 -15.33 -10.35 -16.02
C ARG B 509 -13.96 -10.42 -16.69
N GLN B 510 -13.93 -10.19 -17.99
CA GLN B 510 -12.72 -10.42 -18.79
C GLN B 510 -11.76 -9.23 -18.83
N ASP B 511 -12.27 -8.05 -18.49
CA ASP B 511 -11.54 -6.81 -18.75
C ASP B 511 -11.24 -5.98 -17.52
N GLY B 512 -11.21 -6.64 -16.36
CA GLY B 512 -10.84 -5.96 -15.13
C GLY B 512 -11.06 -6.87 -13.94
N PRO B 513 -10.51 -6.47 -12.78
CA PRO B 513 -10.57 -7.27 -11.57
C PRO B 513 -11.87 -7.06 -10.79
N THR B 514 -12.11 -7.97 -9.86
CA THR B 514 -13.32 -7.94 -9.05
C THR B 514 -12.96 -8.25 -7.60
N ALA B 515 -13.22 -7.27 -6.73
CA ALA B 515 -12.99 -7.42 -5.29
C ALA B 515 -14.28 -7.81 -4.60
N LEU B 516 -14.19 -8.86 -3.79
CA LEU B 516 -15.32 -9.34 -2.98
C LEU B 516 -15.08 -8.93 -1.55
N ILE B 517 -16.07 -8.22 -0.99
CA ILE B 517 -15.98 -7.65 0.36
C ILE B 517 -16.85 -8.51 1.26
N LEU B 518 -16.20 -9.32 2.10
CA LEU B 518 -16.85 -10.45 2.75
C LEU B 518 -16.76 -10.39 4.27
N SER B 519 -17.81 -10.88 4.92
CA SER B 519 -17.96 -10.76 6.38
C SER B 519 -17.31 -11.91 7.13
N ARG B 520 -16.88 -11.63 8.36
CA ARG B 520 -16.49 -12.69 9.30
C ARG B 520 -17.73 -13.36 9.88
N GLN B 521 -18.77 -12.56 10.12
CA GLN B 521 -19.99 -12.97 10.86
C GLN B 521 -21.15 -13.39 9.94
N ASN B 522 -22.09 -14.14 10.49
CA ASN B 522 -23.21 -14.70 9.71
C ASN B 522 -24.17 -13.63 9.19
N LEU B 523 -24.62 -13.79 7.95
CA LEU B 523 -25.51 -12.84 7.27
C LEU B 523 -26.85 -13.48 6.92
N ALA B 524 -27.93 -12.79 7.24
CA ALA B 524 -29.28 -13.27 6.94
C ALA B 524 -29.54 -13.32 5.44
N GLN B 525 -30.18 -14.40 4.97
CA GLN B 525 -30.63 -14.47 3.60
C GLN B 525 -31.93 -13.67 3.41
N GLN B 526 -31.99 -12.92 2.32
CA GLN B 526 -33.18 -12.15 1.97
C GLN B 526 -34.05 -12.89 0.98
N GLU B 527 -35.35 -12.64 1.04
CA GLU B 527 -36.31 -13.19 0.08
CA GLU B 527 -36.32 -13.17 0.08
C GLU B 527 -36.21 -12.44 -1.25
N ARG B 528 -36.31 -13.18 -2.35
CA ARG B 528 -36.24 -12.60 -3.69
C ARG B 528 -37.17 -13.30 -4.66
N THR B 529 -37.89 -12.51 -5.45
CA THR B 529 -38.59 -13.02 -6.63
C THR B 529 -37.56 -13.39 -7.70
N GLU B 530 -38.02 -14.05 -8.77
CA GLU B 530 -37.14 -14.36 -9.90
C GLU B 530 -36.50 -13.09 -10.48
N GLU B 531 -37.29 -12.03 -10.60
CA GLU B 531 -36.83 -10.75 -11.11
C GLU B 531 -35.75 -10.14 -10.20
N GLN B 532 -36.00 -10.15 -8.89
CA GLN B 532 -35.02 -9.61 -7.94
C GLN B 532 -33.73 -10.43 -7.96
N LEU B 533 -33.88 -11.75 -8.05
CA LEU B 533 -32.71 -12.63 -8.15
C LEU B 533 -31.84 -12.26 -9.35
N ALA B 534 -32.47 -12.06 -10.51
CA ALA B 534 -31.77 -11.64 -11.72
C ALA B 534 -31.17 -10.24 -11.60
N ASN B 535 -31.81 -9.39 -10.80
CA ASN B 535 -31.38 -8.00 -10.65
C ASN B 535 -30.17 -7.79 -9.76
N ILE B 536 -29.78 -8.81 -8.98
CA ILE B 536 -28.55 -8.68 -8.17
C ILE B 536 -27.36 -8.29 -9.06
N ALA B 537 -27.26 -8.90 -10.22
CA ALA B 537 -26.13 -8.66 -11.11
C ALA B 537 -26.11 -7.24 -11.68
N ARG B 538 -27.21 -6.51 -11.53
CA ARG B 538 -27.26 -5.10 -11.95
C ARG B 538 -26.69 -4.15 -10.89
N GLY B 539 -26.17 -4.71 -9.80
CA GLY B 539 -25.39 -3.94 -8.84
C GLY B 539 -26.18 -3.25 -7.74
N GLY B 540 -27.35 -2.74 -8.10
CA GLY B 540 -28.26 -2.10 -7.15
C GLY B 540 -29.66 -2.44 -7.61
N TYR B 541 -30.54 -2.79 -6.67
CA TYR B 541 -31.89 -3.21 -7.04
C TYR B 541 -32.85 -3.03 -5.88
N VAL B 542 -34.13 -2.95 -6.21
CA VAL B 542 -35.19 -2.79 -5.21
C VAL B 542 -35.45 -4.16 -4.54
N LEU B 543 -35.21 -4.20 -3.24
CA LEU B 543 -35.38 -5.42 -2.44
C LEU B 543 -36.71 -5.44 -1.68
N LYS B 544 -37.10 -4.27 -1.16
CA LYS B 544 -38.40 -4.11 -0.49
C LYS B 544 -39.01 -2.83 -1.05
N ASP B 545 -40.33 -2.78 -1.17
CA ASP B 545 -40.98 -1.62 -1.79
C ASP B 545 -42.32 -1.31 -1.15
N CYS B 546 -42.93 -0.24 -1.65
CA CYS B 546 -44.28 0.18 -1.23
C CYS B 546 -45.09 0.47 -2.48
N ALA B 547 -46.41 0.60 -2.31
CA ALA B 547 -47.27 1.07 -3.39
C ALA B 547 -47.18 2.60 -3.48
N GLY B 548 -47.01 3.11 -4.70
CA GLY B 548 -46.84 4.54 -4.93
C GLY B 548 -45.42 5.00 -4.65
N GLN B 549 -45.21 6.32 -4.72
CA GLN B 549 -43.88 6.89 -4.52
C GLN B 549 -43.44 6.73 -3.07
N PRO B 550 -42.25 6.13 -2.83
CA PRO B 550 -41.76 6.07 -1.46
C PRO B 550 -41.50 7.45 -0.84
N GLU B 551 -41.78 7.59 0.45
CA GLU B 551 -41.40 8.77 1.23
C GLU B 551 -39.94 8.68 1.63
N LEU B 552 -39.43 7.45 1.66
CA LEU B 552 -38.13 7.17 2.25
C LEU B 552 -37.52 5.98 1.55
N ILE B 553 -36.25 6.11 1.14
CA ILE B 553 -35.52 4.97 0.57
C ILE B 553 -34.28 4.68 1.40
N PHE B 554 -34.17 3.46 1.90
CA PHE B 554 -32.93 2.96 2.49
C PHE B 554 -32.04 2.38 1.41
N ILE B 555 -30.76 2.71 1.46
CA ILE B 555 -29.75 2.14 0.57
C ILE B 555 -28.76 1.43 1.48
N ALA B 556 -28.62 0.13 1.32
CA ALA B 556 -27.76 -0.66 2.22
C ALA B 556 -26.94 -1.69 1.46
N THR B 557 -25.85 -2.12 2.09
CA THR B 557 -24.94 -3.08 1.49
C THR B 557 -24.53 -4.14 2.52
N GLY B 558 -24.11 -5.30 2.04
CA GLY B 558 -23.48 -6.30 2.90
C GLY B 558 -24.26 -6.62 4.15
N SER B 559 -23.52 -6.71 5.26
CA SER B 559 -24.12 -7.04 6.56
C SER B 559 -25.20 -6.07 7.05
N GLU B 560 -25.28 -4.88 6.45
CA GLU B 560 -26.26 -3.89 6.90
C GLU B 560 -27.62 -3.95 6.21
N VAL B 561 -27.75 -4.79 5.17
CA VAL B 561 -29.06 -4.96 4.54
C VAL B 561 -30.09 -5.50 5.53
N GLU B 562 -29.69 -6.46 6.35
CA GLU B 562 -30.58 -7.03 7.38
C GLU B 562 -31.14 -5.94 8.28
N LEU B 563 -30.27 -5.03 8.72
CA LEU B 563 -30.64 -3.90 9.56
C LEU B 563 -31.60 -2.96 8.83
N ALA B 564 -31.30 -2.64 7.57
CA ALA B 564 -32.17 -1.75 6.81
C ALA B 564 -33.57 -2.34 6.59
N VAL B 565 -33.62 -3.65 6.33
CA VAL B 565 -34.91 -4.33 6.17
C VAL B 565 -35.73 -4.28 7.47
N ALA B 566 -35.08 -4.52 8.61
CA ALA B 566 -35.76 -4.43 9.90
C ALA B 566 -36.34 -3.04 10.14
N ALA B 567 -35.59 -2.00 9.78
CA ALA B 567 -36.07 -0.62 9.92
C ALA B 567 -37.23 -0.36 8.97
N TYR B 568 -37.10 -0.83 7.74
CA TYR B 568 -38.17 -0.77 6.76
C TYR B 568 -39.46 -1.41 7.30
N GLU B 569 -39.33 -2.57 7.96
CA GLU B 569 -40.52 -3.25 8.49
C GLU B 569 -41.19 -2.44 9.60
N LYS B 570 -40.39 -1.87 10.50
CA LYS B 570 -40.90 -1.05 11.59
C LYS B 570 -41.66 0.16 11.05
N LEU B 571 -41.02 0.88 10.13
CA LEU B 571 -41.62 2.09 9.56
C LEU B 571 -42.87 1.76 8.75
N THR B 572 -42.84 0.67 7.99
CA THR B 572 -43.98 0.22 7.20
C THR B 572 -45.19 -0.06 8.10
N ALA B 573 -44.96 -0.73 9.22
CA ALA B 573 -46.03 -1.05 10.18
C ALA B 573 -46.66 0.22 10.77
N GLU B 574 -45.91 1.31 10.76
CA GLU B 574 -46.38 2.60 11.26
C GLU B 574 -46.99 3.48 10.16
N GLY B 575 -47.10 2.92 8.96
CA GLY B 575 -47.76 3.60 7.84
C GLY B 575 -46.87 4.43 6.94
N VAL B 576 -45.55 4.37 7.19
CA VAL B 576 -44.57 5.06 6.34
C VAL B 576 -44.39 4.29 5.03
N LYS B 577 -44.37 5.02 3.92
CA LYS B 577 -44.15 4.47 2.59
C LYS B 577 -42.66 4.39 2.34
N ALA B 578 -42.10 3.19 2.51
CA ALA B 578 -40.65 3.02 2.44
C ALA B 578 -40.21 1.99 1.40
N ARG B 579 -38.93 2.09 1.01
CA ARG B 579 -38.30 1.18 0.06
C ARG B 579 -36.91 0.83 0.58
N VAL B 580 -36.47 -0.42 0.32
CA VAL B 580 -35.07 -0.80 0.55
C VAL B 580 -34.41 -1.18 -0.77
N VAL B 581 -33.28 -0.52 -1.04
CA VAL B 581 -32.40 -0.84 -2.17
C VAL B 581 -31.17 -1.55 -1.62
N SER B 582 -30.92 -2.77 -2.11
CA SER B 582 -29.65 -3.43 -1.84
C SER B 582 -28.68 -3.02 -2.94
N MET B 583 -27.49 -2.56 -2.54
CA MET B 583 -26.48 -2.04 -3.48
C MET B 583 -25.17 -2.84 -3.35
N PRO B 584 -25.19 -4.13 -3.74
CA PRO B 584 -23.96 -4.91 -3.60
C PRO B 584 -22.79 -4.37 -4.42
N SER B 585 -23.04 -3.74 -5.58
CA SER B 585 -21.95 -3.15 -6.35
C SER B 585 -22.33 -1.82 -6.94
N THR B 586 -21.71 -0.76 -6.40
CA THR B 586 -21.89 0.60 -6.90
C THR B 586 -21.39 0.75 -8.34
N ASP B 587 -20.26 0.11 -8.68
CA ASP B 587 -19.74 0.24 -10.04
C ASP B 587 -20.66 -0.43 -11.07
N ALA B 588 -21.21 -1.60 -10.74
CA ALA B 588 -22.15 -2.25 -11.67
C ALA B 588 -23.44 -1.42 -11.78
N PHE B 589 -23.93 -0.92 -10.64
CA PHE B 589 -25.13 -0.06 -10.67
C PHE B 589 -24.91 1.16 -11.56
N ASP B 590 -23.77 1.83 -11.40
CA ASP B 590 -23.48 3.03 -12.18
C ASP B 590 -23.44 2.77 -13.68
N LYS B 591 -23.07 1.54 -14.06
CA LYS B 591 -22.98 1.13 -15.46
C LYS B 591 -24.33 0.80 -16.09
N GLN B 592 -25.38 0.68 -15.27
CA GLN B 592 -26.72 0.47 -15.82
C GLN B 592 -27.25 1.73 -16.47
N ASP B 593 -28.18 1.58 -17.39
CA ASP B 593 -28.65 2.77 -18.09
C ASP B 593 -29.51 3.68 -17.21
N ALA B 594 -29.74 4.91 -17.68
CA ALA B 594 -30.41 5.93 -16.88
C ALA B 594 -31.79 5.50 -16.44
N ALA B 595 -32.53 4.82 -17.31
CA ALA B 595 -33.88 4.39 -16.99
C ALA B 595 -33.89 3.38 -15.84
N TYR B 596 -32.94 2.46 -15.83
CA TYR B 596 -32.89 1.49 -14.73
C TYR B 596 -32.52 2.17 -13.42
N ARG B 597 -31.51 3.05 -13.46
CA ARG B 597 -31.10 3.75 -12.24
C ARG B 597 -32.22 4.60 -11.66
N GLU B 598 -32.98 5.28 -12.53
CA GLU B 598 -34.17 6.03 -12.10
C GLU B 598 -35.22 5.14 -11.46
N SER B 599 -35.39 3.93 -11.99
CA SER B 599 -36.38 2.99 -11.42
C SER B 599 -36.03 2.58 -9.98
N VAL B 600 -34.74 2.54 -9.68
CA VAL B 600 -34.24 2.11 -8.37
C VAL B 600 -34.13 3.28 -7.39
N LEU B 601 -33.53 4.37 -7.85
CA LEU B 601 -33.36 5.59 -7.05
C LEU B 601 -34.04 6.77 -7.77
N PRO B 602 -35.38 6.84 -7.71
CA PRO B 602 -36.09 7.90 -8.43
C PRO B 602 -35.68 9.28 -7.98
N LYS B 603 -35.43 10.16 -8.94
CA LYS B 603 -34.95 11.51 -8.66
C LYS B 603 -35.93 12.33 -7.80
N ALA B 604 -37.22 11.99 -7.86
CA ALA B 604 -38.24 12.65 -7.05
C ALA B 604 -38.08 12.41 -5.55
N VAL B 605 -37.44 11.30 -5.19
CA VAL B 605 -37.32 10.91 -3.79
C VAL B 605 -35.97 11.32 -3.23
N THR B 606 -35.98 12.33 -2.38
CA THR B 606 -34.75 12.91 -1.82
C THR B 606 -34.44 12.43 -0.41
N ALA B 607 -35.44 11.88 0.29
CA ALA B 607 -35.25 11.37 1.64
C ALA B 607 -34.66 9.97 1.57
N ARG B 608 -33.33 9.95 1.49
CA ARG B 608 -32.57 8.72 1.29
C ARG B 608 -31.66 8.50 2.48
N VAL B 609 -31.65 7.28 2.99
CA VAL B 609 -30.84 6.89 4.16
C VAL B 609 -29.90 5.75 3.77
N ALA B 610 -28.60 6.03 3.77
CA ALA B 610 -27.61 4.98 3.53
C ALA B 610 -27.25 4.30 4.83
N VAL B 611 -27.09 2.99 4.78
CA VAL B 611 -26.71 2.20 5.96
C VAL B 611 -25.55 1.25 5.58
N GLU B 612 -24.38 1.49 6.17
CA GLU B 612 -23.18 0.70 5.88
C GLU B 612 -22.15 0.93 6.97
N ALA B 613 -21.56 -0.16 7.47
CA ALA B 613 -20.48 -0.07 8.46
C ALA B 613 -19.16 0.27 7.79
N GLY B 614 -19.14 1.44 7.16
CA GLY B 614 -17.97 1.97 6.47
C GLY B 614 -18.05 3.48 6.45
N ILE B 615 -17.01 4.13 5.92
CA ILE B 615 -16.91 5.59 6.01
C ILE B 615 -18.14 6.27 5.40
N ALA B 616 -18.71 7.19 6.15
CA ALA B 616 -19.97 7.82 5.76
C ALA B 616 -19.84 8.71 4.52
N ASP B 617 -18.72 9.43 4.40
CA ASP B 617 -18.55 10.45 3.36
C ASP B 617 -18.78 9.92 1.94
N TYR B 618 -18.51 8.63 1.73
CA TYR B 618 -18.74 8.02 0.43
C TYR B 618 -20.19 8.21 -0.06
N TRP B 619 -21.13 8.10 0.87
CA TRP B 619 -22.53 7.90 0.51
C TRP B 619 -23.29 9.12 0.03
N TYR B 620 -22.67 10.30 0.14
CA TYR B 620 -23.25 11.51 -0.46
C TYR B 620 -23.51 11.32 -1.95
N LYS B 621 -22.74 10.45 -2.60
CA LYS B 621 -22.97 10.14 -4.00
C LYS B 621 -24.40 9.69 -4.31
N TYR B 622 -24.99 8.91 -3.39
CA TYR B 622 -26.34 8.38 -3.61
C TYR B 622 -27.41 9.05 -2.75
N VAL B 623 -27.01 9.67 -1.63
CA VAL B 623 -28.01 10.31 -0.77
C VAL B 623 -28.14 11.83 -0.93
N GLY B 624 -27.16 12.44 -1.57
CA GLY B 624 -27.17 13.88 -1.78
C GLY B 624 -27.07 14.66 -0.48
N LEU B 625 -27.51 15.92 -0.51
CA LEU B 625 -27.37 16.83 0.63
C LEU B 625 -28.61 16.87 1.52
N ASN B 626 -29.65 16.13 1.15
CA ASN B 626 -30.91 16.15 1.91
C ASN B 626 -31.31 14.78 2.42
N GLY B 627 -30.32 13.93 2.66
CA GLY B 627 -30.56 12.60 3.19
C GLY B 627 -29.90 12.39 4.54
N ALA B 628 -29.62 11.14 4.84
CA ALA B 628 -28.94 10.77 6.08
C ALA B 628 -28.05 9.57 5.81
N ILE B 629 -27.01 9.42 6.63
CA ILE B 629 -26.09 8.32 6.51
C ILE B 629 -25.86 7.72 7.89
N VAL B 630 -26.15 6.42 7.99
CA VAL B 630 -25.80 5.65 9.18
C VAL B 630 -24.55 4.88 8.79
N GLY B 631 -23.40 5.46 9.15
CA GLY B 631 -22.10 4.94 8.76
C GLY B 631 -21.09 5.11 9.86
N MET B 632 -19.83 4.87 9.54
CA MET B 632 -18.70 5.10 10.44
C MET B 632 -18.06 6.45 10.11
N THR B 633 -17.60 7.16 11.13
CA THR B 633 -16.87 8.43 10.95
C THR B 633 -15.53 8.42 11.70
N THR B 634 -15.24 7.28 12.32
CA THR B 634 -14.07 7.11 13.18
C THR B 634 -13.43 5.77 12.88
N PHE B 635 -12.25 5.54 13.45
CA PHE B 635 -11.69 4.20 13.55
C PHE B 635 -12.54 3.32 14.48
N GLY B 636 -12.32 2.01 14.41
CA GLY B 636 -13.06 1.07 15.25
C GLY B 636 -12.53 0.99 16.67
N GLU B 637 -12.88 -0.10 17.35
CA GLU B 637 -12.48 -0.35 18.75
C GLU B 637 -12.40 -1.86 18.95
N SER B 638 -11.56 -2.28 19.90
CA SER B 638 -11.47 -3.69 20.24
C SER B 638 -12.56 -4.11 21.22
N ALA B 639 -13.52 -4.89 20.73
CA ALA B 639 -14.59 -5.44 21.56
C ALA B 639 -15.35 -6.47 20.74
N PRO B 640 -16.19 -7.30 21.40
CA PRO B 640 -17.10 -8.17 20.66
C PRO B 640 -17.92 -7.39 19.63
N ALA B 641 -18.09 -7.99 18.45
CA ALA B 641 -18.75 -7.33 17.32
C ALA B 641 -20.13 -6.79 17.67
N GLU B 642 -20.92 -7.57 18.41
CA GLU B 642 -22.29 -7.14 18.72
C GLU B 642 -22.30 -5.87 19.55
N LEU B 643 -21.32 -5.71 20.44
CA LEU B 643 -21.21 -4.49 21.22
C LEU B 643 -20.72 -3.31 20.38
N LEU B 644 -19.86 -3.59 19.39
CA LEU B 644 -19.42 -2.53 18.47
C LEU B 644 -20.54 -2.01 17.60
N PHE B 645 -21.36 -2.91 17.05
CA PHE B 645 -22.49 -2.47 16.25
C PHE B 645 -23.41 -1.57 17.08
N GLU B 646 -23.66 -1.96 18.33
CA GLU B 646 -24.45 -1.11 19.24
C GLU B 646 -23.80 0.26 19.46
N GLU B 647 -22.53 0.24 19.81
CA GLU B 647 -21.74 1.44 20.10
C GLU B 647 -21.77 2.45 18.95
N PHE B 648 -21.66 1.94 17.73
CA PHE B 648 -21.52 2.81 16.56
C PHE B 648 -22.83 3.11 15.83
N GLY B 649 -23.94 2.68 16.43
CA GLY B 649 -25.28 3.08 15.96
C GLY B 649 -25.93 2.16 14.94
N PHE B 650 -25.39 0.96 14.77
CA PHE B 650 -25.97 -0.02 13.87
C PHE B 650 -27.01 -0.86 14.57
N THR B 651 -28.09 -0.19 14.94
CA THR B 651 -29.21 -0.82 15.63
C THR B 651 -30.51 -0.39 14.94
N VAL B 652 -31.54 -1.22 15.07
CA VAL B 652 -32.84 -0.89 14.48
C VAL B 652 -33.37 0.43 15.04
N ASP B 653 -33.27 0.60 16.37
CA ASP B 653 -33.77 1.81 17.01
C ASP B 653 -33.10 3.06 16.45
N ASN B 654 -31.77 3.02 16.26
CA ASN B 654 -31.07 4.17 15.74
C ASN B 654 -31.35 4.46 14.27
N VAL B 655 -31.43 3.42 13.45
CA VAL B 655 -31.74 3.60 12.03
C VAL B 655 -33.15 4.16 11.88
N VAL B 656 -34.10 3.62 12.64
CA VAL B 656 -35.47 4.14 12.63
C VAL B 656 -35.51 5.61 13.08
N ALA B 657 -34.80 5.91 14.17
CA ALA B 657 -34.75 7.27 14.70
C ALA B 657 -34.16 8.25 13.70
N LYS B 658 -33.06 7.86 13.04
CA LYS B 658 -32.42 8.73 12.05
C LYS B 658 -33.32 8.94 10.84
N ALA B 659 -34.03 7.89 10.42
CA ALA B 659 -34.99 8.02 9.32
C ALA B 659 -36.15 8.96 9.67
N LYS B 660 -36.72 8.79 10.86
CA LYS B 660 -37.82 9.66 11.29
C LYS B 660 -37.37 11.10 11.46
N GLU B 661 -36.15 11.28 11.97
CA GLU B 661 -35.55 12.60 12.13
C GLU B 661 -35.40 13.27 10.77
N LEU B 662 -34.96 12.49 9.79
CA LEU B 662 -34.85 12.98 8.42
C LEU B 662 -36.21 13.40 7.87
N LEU B 663 -37.21 12.55 8.05
CA LEU B 663 -38.56 12.85 7.58
C LEU B 663 -39.15 14.10 8.25
N HIS B 664 -38.89 14.25 9.55
CA HIS B 664 -39.33 15.43 10.29
C HIS B 664 -38.74 16.70 9.71
N HIS B 665 -37.45 16.67 9.38
CA HIS B 665 -36.77 17.79 8.74
C HIS B 665 -37.37 18.13 7.39
N HIS B 666 -37.61 17.11 6.56
CA HIS B 666 -38.25 17.27 5.26
C HIS B 666 -39.65 17.89 5.37
N HIS B 667 -40.40 17.47 6.39
CA HIS B 667 -41.78 17.96 6.59
C HIS B 667 -41.86 19.40 7.08
N HIS B 668 -40.77 19.90 7.68
CA HIS B 668 -40.74 21.24 8.24
C HIS B 668 -39.65 22.10 7.61
CA CA C . 5.83 -17.92 13.54
O2A T5X D . 4.30 -13.70 12.68
PA T5X D . 3.88 -15.15 12.86
O1A T5X D . 4.88 -16.22 12.52
O3A T5X D . 3.32 -15.30 14.35
PB T5X D . 3.21 -16.56 15.36
O3B T5X D . 3.11 -15.85 16.67
O2B T5X D . 4.43 -17.43 15.26
O1B T5X D . 1.99 -17.31 14.86
O7 T5X D . 2.61 -15.42 11.95
C7 T5X D . 1.67 -14.35 11.93
C6 T5X D . 0.48 -14.78 11.11
C5 T5X D . -0.52 -13.66 11.17
S1 T5X D . -1.16 -13.07 12.74
C2 T5X D . -2.51 -12.20 11.91
CX2 T5X D . -3.75 -11.87 12.70
CX3 T5X D . -4.66 -13.10 12.73
CX4 T5X D . -6.15 -12.82 13.03
CX5 T5X D . -7.01 -14.04 12.72
OX5 T5X D . -8.39 -13.65 12.71
PX T5X D . -9.56 -14.75 12.85
OX7 T5X D . -9.27 -15.82 11.83
OX6 T5X D . -10.82 -13.96 12.58
OX8 T5X D . -9.46 -15.26 14.28
OX4 T5X D . -6.35 -12.50 14.41
OX3 T5X D . -4.16 -14.10 13.64
CX1 T5X D . -3.37 -11.35 14.09
OX1 T5X D . -2.75 -10.05 14.05
OX2 T5X D . -4.42 -10.80 12.02
N3 T5X D . -2.22 -12.35 10.59
C4 T5X D . -1.27 -13.17 10.12
CM4 T5X D . -1.06 -13.70 8.72
C7, T5X D . -2.90 -11.51 9.59
C5, T5X D . -2.08 -10.33 9.07
C4, T5X D . -1.67 -9.24 9.86
N4, T5X D . -1.94 -9.13 11.18
N3, T5X D . -0.97 -8.23 9.31
C2, T5X D . -0.67 -8.26 7.99
CM2 T5X D . 0.09 -7.13 7.38
N1, T5X D . -1.07 -9.29 7.22
C6, T5X D . -1.76 -10.33 7.73
C1 EDO E . -15.42 5.49 -10.00
O1 EDO E . -16.83 5.75 -10.16
C2 EDO E . -14.71 5.64 -11.32
O2 EDO E . -15.03 6.93 -11.88
CA CA F . 20.50 2.55 -10.61
O2A T5X G . 15.97 1.89 -10.39
PA T5X G . 17.06 2.92 -10.51
O1A T5X G . 18.39 2.58 -9.91
O3A T5X G . 17.17 3.32 -12.06
PB T5X G . 18.36 3.95 -12.95
O3B T5X G . 17.95 3.53 -14.33
O2B T5X G . 19.70 3.39 -12.54
O1B T5X G . 18.25 5.42 -12.65
O7 T5X G . 16.58 4.25 -9.80
C7 T5X G . 15.21 4.55 -10.01
C6 T5X G . 14.90 5.91 -9.44
C5 T5X G . 13.45 6.19 -9.73
S1 T5X G . 12.85 6.29 -11.44
C2 T5X G . 11.30 7.06 -10.93
CX2 T5X G . 10.56 7.91 -11.95
CX3 T5X G . 11.20 9.31 -12.02
CX4 T5X G . 10.31 10.41 -12.60
CX5 T5X G . 10.89 11.79 -12.29
OX5 T5X G . 9.93 12.79 -12.60
PX T5X G . 10.38 14.34 -12.78
OX7 T5X G . 11.27 14.65 -11.60
OX6 T5X G . 9.07 15.09 -12.79
OX8 T5X G . 11.08 14.37 -14.12
OX4 T5X G . 10.17 10.28 -14.02
OX3 T5X G . 12.43 9.28 -12.78
CX1 T5X G . 10.50 7.20 -13.30
OX1 T5X G . 9.72 5.99 -13.25
OX2 T5X G . 9.21 8.07 -11.49
N3 T5X G . 11.35 7.03 -9.57
C4 T5X G . 12.45 6.65 -8.89
CM4 T5X G . 12.74 6.83 -7.42
C7, T5X G . 10.12 7.28 -8.80
C5, T5X G . 9.42 6.04 -8.26
C4, T5X G . 8.81 5.06 -9.05
N4, T5X G . 8.83 5.12 -10.40
N3, T5X G . 8.20 4.00 -8.47
C2, T5X G . 8.16 3.91 -7.13
CM2 T5X G . 7.45 2.75 -6.49
N1, T5X G . 8.74 4.85 -6.34
C6, T5X G . 9.35 5.92 -6.88
C1 EDO H . 28.06 2.86 -37.97
O1 EDO H . 28.36 4.12 -37.37
C2 EDO H . 27.36 1.96 -36.95
O2 EDO H . 28.27 1.71 -35.88
C1 EDO I . -20.27 -8.79 -16.23
O1 EDO I . -20.38 -9.12 -17.61
C2 EDO I . -18.93 -9.25 -15.69
O2 EDO I . -18.91 -10.68 -15.61
C1 EDO J . -27.11 -5.86 -18.44
O1 EDO J . -27.04 -6.17 -17.05
C2 EDO J . -27.90 -4.57 -18.63
O2 EDO J . -27.17 -3.49 -18.05
C1 EDO K . -17.63 -5.90 -17.08
O1 EDO K . -16.39 -5.18 -17.10
C2 EDO K . -18.68 -5.19 -17.93
O2 EDO K . -18.95 -3.89 -17.38
C1 EDO L . -8.02 -23.35 -7.05
O1 EDO L . -8.55 -24.63 -7.40
C2 EDO L . -7.28 -23.51 -5.73
O2 EDO L . -8.17 -23.68 -4.67
C1 EDO M . 1.93 -8.73 -26.44
O1 EDO M . 1.26 -7.94 -27.43
C2 EDO M . 0.95 -9.63 -25.71
O2 EDO M . 0.65 -9.05 -24.44
C1 EDO N . -25.78 -4.80 12.82
O1 EDO N . -27.06 -5.37 12.53
C2 EDO N . -25.18 -4.26 11.54
O2 EDO N . -24.74 -5.31 10.68
C1 EDO O . 8.51 -26.21 -4.20
O1 EDO O . 7.80 -25.96 -5.40
C2 EDO O . 9.95 -26.58 -4.53
O2 EDO O . 10.01 -27.84 -5.23
C1 EDO P . -17.10 -2.75 4.22
O1 EDO P . -15.67 -2.86 4.36
C2 EDO P . -17.51 -1.57 5.07
O2 EDO P . -16.39 -1.30 5.92
C1 EDO Q . -2.86 -23.38 -28.87
O1 EDO Q . -4.13 -23.27 -29.49
C2 EDO Q . -2.64 -22.16 -27.97
O2 EDO Q . -2.33 -21.03 -28.80
#